data_7R8W
# 
_entry.id   7R8W 
# 
_audit_conform.dict_name       mmcif_pdbx.dic 
_audit_conform.dict_version    5.397 
_audit_conform.dict_location   http://mmcif.pdb.org/dictionaries/ascii/mmcif_pdbx.dic 
# 
loop_
_database_2.database_id 
_database_2.database_code 
_database_2.pdbx_database_accession 
_database_2.pdbx_DOI 
PDB   7R8W         pdb_00007r8w 10.2210/pdb7r8w/pdb 
WWPDB D_1000257799 ?            ?                   
# 
loop_
_pdbx_audit_revision_history.ordinal 
_pdbx_audit_revision_history.data_content_type 
_pdbx_audit_revision_history.major_revision 
_pdbx_audit_revision_history.minor_revision 
_pdbx_audit_revision_history.revision_date 
1 'Structure model' 1 0 2021-10-06 
2 'Structure model' 1 1 2021-11-03 
3 'Structure model' 1 2 2023-10-18 
4 'Structure model' 1 3 2023-11-15 
5 'Structure model' 1 4 2024-10-23 
# 
_pdbx_audit_revision_details.ordinal             1 
_pdbx_audit_revision_details.revision_ordinal    1 
_pdbx_audit_revision_details.data_content_type   'Structure model' 
_pdbx_audit_revision_details.provider            repository 
_pdbx_audit_revision_details.type                'Initial release' 
_pdbx_audit_revision_details.description         ? 
_pdbx_audit_revision_details.details             ? 
# 
loop_
_pdbx_audit_revision_group.ordinal 
_pdbx_audit_revision_group.revision_ordinal 
_pdbx_audit_revision_group.data_content_type 
_pdbx_audit_revision_group.group 
1 2 'Structure model' 'Database references'    
2 3 'Structure model' 'Data collection'        
3 3 'Structure model' 'Refinement description' 
4 4 'Structure model' 'Data collection'        
5 5 'Structure model' 'Structure summary'      
# 
loop_
_pdbx_audit_revision_category.ordinal 
_pdbx_audit_revision_category.revision_ordinal 
_pdbx_audit_revision_category.data_content_type 
_pdbx_audit_revision_category.category 
1 2 'Structure model' citation                      
2 2 'Structure model' citation_author               
3 3 'Structure model' chem_comp_atom                
4 3 'Structure model' chem_comp_bond                
5 3 'Structure model' pdbx_initial_refinement_model 
6 4 'Structure model' chem_comp_atom                
7 4 'Structure model' chem_comp_bond                
8 5 'Structure model' pdbx_entry_details            
9 5 'Structure model' pdbx_modification_feature     
# 
loop_
_pdbx_audit_revision_item.ordinal 
_pdbx_audit_revision_item.revision_ordinal 
_pdbx_audit_revision_item.data_content_type 
_pdbx_audit_revision_item.item 
1  2 'Structure model' '_citation.country'                            
2  2 'Structure model' '_citation.journal_abbrev'                     
3  2 'Structure model' '_citation.journal_id_CSD'                     
4  2 'Structure model' '_citation.journal_id_ISSN'                    
5  2 'Structure model' '_citation.journal_volume'                     
6  2 'Structure model' '_citation.page_first'                         
7  2 'Structure model' '_citation.page_last'                          
8  2 'Structure model' '_citation.pdbx_database_id_DOI'               
9  2 'Structure model' '_citation.pdbx_database_id_PubMed'            
10 2 'Structure model' '_citation.title'                              
11 2 'Structure model' '_citation.year'                               
12 2 'Structure model' '_citation_author.identifier_ORCID'            
13 2 'Structure model' '_citation_author.name'                        
14 4 'Structure model' '_chem_comp_atom.atom_id'                      
15 4 'Structure model' '_chem_comp_bond.atom_id_2'                    
16 5 'Structure model' '_pdbx_entry_details.has_protein_modification' 
# 
_pdbx_database_status.status_code                     REL 
_pdbx_database_status.status_code_sf                  REL 
_pdbx_database_status.status_code_mr                  ? 
_pdbx_database_status.entry_id                        7R8W 
_pdbx_database_status.recvd_initial_deposition_date   2021-06-27 
_pdbx_database_status.SG_entry                        N 
_pdbx_database_status.deposit_site                    RCSB 
_pdbx_database_status.process_site                    RCSB 
_pdbx_database_status.status_code_cs                  ? 
_pdbx_database_status.status_code_nmr_data            ? 
_pdbx_database_status.methods_development_category    ? 
_pdbx_database_status.pdb_format_compatible           Y 
# 
_pdbx_database_related.content_type   unspecified 
_pdbx_database_related.db_id          7R8X 
_pdbx_database_related.db_name        PDB 
_pdbx_database_related.details        . 
# 
loop_
_audit_author.name 
_audit_author.pdbx_ordinal 
_audit_author.identifier_ORCID 
'Morris, R.'    1 ? 
'Kershaw, N.J.' 2 ? 
'Babon, J.J.'   3 ? 
# 
_citation.abstract                  ? 
_citation.abstract_id_CAS           ? 
_citation.book_id_ISBN              ? 
_citation.book_publisher            ? 
_citation.book_publisher_city       ? 
_citation.book_title                ? 
_citation.coordinate_linkage        ? 
_citation.country                   UK 
_citation.database_id_Medline       ? 
_citation.details                   ? 
_citation.id                        primary 
_citation.journal_abbrev            'Nat Commun' 
_citation.journal_id_ASTM           ? 
_citation.journal_id_CSD            ? 
_citation.journal_id_ISSN           2041-1723 
_citation.journal_full              ? 
_citation.journal_issue             ? 
_citation.journal_volume            12 
_citation.language                  ? 
_citation.page_first                6110 
_citation.page_last                 6110 
_citation.title                     
'Structural and functional analysis of target recognition by the lymphocyte adaptor protein LNK.' 
_citation.year                      2021 
_citation.database_id_CSD           ? 
_citation.pdbx_database_id_DOI      10.1038/s41467-021-26394-6 
_citation.pdbx_database_id_PubMed   34671038 
_citation.pdbx_database_id_patent   ? 
_citation.unpublished_flag          ? 
# 
loop_
_citation_author.citation_id 
_citation_author.name 
_citation_author.ordinal 
_citation_author.identifier_ORCID 
primary 'Morris, R.'     1 0000-0001-6817-6609 
primary 'Zhang, Y.'      2 ?                   
primary 'Ellyard, J.I.'  3 0000-0001-6301-2533 
primary 'Vinuesa, C.G.'  4 0000-0001-9799-0298 
primary 'Murphy, J.M.'   5 0000-0003-0195-3949 
primary 'Laktyushin, A.' 6 ?                   
primary 'Kershaw, N.J.'  7 0000-0002-3554-2622 
primary 'Babon, J.J.'    8 0000-0002-5408-6239 
# 
loop_
_entity.id 
_entity.type 
_entity.src_method 
_entity.pdbx_description 
_entity.formula_weight 
_entity.pdbx_number_of_molecules 
_entity.pdbx_ec 
_entity.pdbx_mutation 
_entity.pdbx_fragment 
_entity.details 
1 polymer man 'SH2B adapter protein 3'    12953.989 1  ? ? 'UNP residues 325-437' ? 
2 polymer syn 'JAK2 pY813 phosphopeptide' 717.701   1  ? ? ?                      ? 
3 water   nat water                       18.015    25 ? ? ?                      ? 
# 
_entity_name_com.entity_id   1 
_entity_name_com.name        'Lymphocyte adapter protein,Lymphocyte-specific adapter protein Lnk,Signal transduction protein Lnk' 
# 
loop_
_entity_poly.entity_id 
_entity_poly.type 
_entity_poly.nstd_linkage 
_entity_poly.nstd_monomer 
_entity_poly.pdbx_seq_one_letter_code 
_entity_poly.pdbx_seq_one_letter_code_can 
_entity_poly.pdbx_strand_id 
_entity_poly.pdbx_target_identifier 
1 'polypeptide(L)' no no  
;QKTDHFLSCYPWFHGPISRVRAAQLVQLQGPDAHGVFLVRQSESRRGEYVLTFNLQGRAKHLRLVLTERGQCRVQHLHFP
SVVDMLRHFQRSPIPLECGAACDVRLSGYVVVL
;
;QKTDHFLSCYPWFHGPISRVRAAQLVQLQGPDAHGVFLVRQSESRRGEYVLTFNLQGRAKHLRLVLTERGQCRVQHLHFP
SVVDMLRHFQRSPIPLECGAACDVRLSGYVVVL
;
A ? 
2 'polypeptide(L)' no yes '(PTR)ELLT' YELLT B ? 
# 
_pdbx_entity_nonpoly.entity_id   3 
_pdbx_entity_nonpoly.name        water 
_pdbx_entity_nonpoly.comp_id     HOH 
# 
loop_
_entity_poly_seq.entity_id 
_entity_poly_seq.num 
_entity_poly_seq.mon_id 
_entity_poly_seq.hetero 
1 1   GLN n 
1 2   LYS n 
1 3   THR n 
1 4   ASP n 
1 5   HIS n 
1 6   PHE n 
1 7   LEU n 
1 8   SER n 
1 9   CYS n 
1 10  TYR n 
1 11  PRO n 
1 12  TRP n 
1 13  PHE n 
1 14  HIS n 
1 15  GLY n 
1 16  PRO n 
1 17  ILE n 
1 18  SER n 
1 19  ARG n 
1 20  VAL n 
1 21  ARG n 
1 22  ALA n 
1 23  ALA n 
1 24  GLN n 
1 25  LEU n 
1 26  VAL n 
1 27  GLN n 
1 28  LEU n 
1 29  GLN n 
1 30  GLY n 
1 31  PRO n 
1 32  ASP n 
1 33  ALA n 
1 34  HIS n 
1 35  GLY n 
1 36  VAL n 
1 37  PHE n 
1 38  LEU n 
1 39  VAL n 
1 40  ARG n 
1 41  GLN n 
1 42  SER n 
1 43  GLU n 
1 44  SER n 
1 45  ARG n 
1 46  ARG n 
1 47  GLY n 
1 48  GLU n 
1 49  TYR n 
1 50  VAL n 
1 51  LEU n 
1 52  THR n 
1 53  PHE n 
1 54  ASN n 
1 55  LEU n 
1 56  GLN n 
1 57  GLY n 
1 58  ARG n 
1 59  ALA n 
1 60  LYS n 
1 61  HIS n 
1 62  LEU n 
1 63  ARG n 
1 64  LEU n 
1 65  VAL n 
1 66  LEU n 
1 67  THR n 
1 68  GLU n 
1 69  ARG n 
1 70  GLY n 
1 71  GLN n 
1 72  CYS n 
1 73  ARG n 
1 74  VAL n 
1 75  GLN n 
1 76  HIS n 
1 77  LEU n 
1 78  HIS n 
1 79  PHE n 
1 80  PRO n 
1 81  SER n 
1 82  VAL n 
1 83  VAL n 
1 84  ASP n 
1 85  MET n 
1 86  LEU n 
1 87  ARG n 
1 88  HIS n 
1 89  PHE n 
1 90  GLN n 
1 91  ARG n 
1 92  SER n 
1 93  PRO n 
1 94  ILE n 
1 95  PRO n 
1 96  LEU n 
1 97  GLU n 
1 98  CYS n 
1 99  GLY n 
1 100 ALA n 
1 101 ALA n 
1 102 CYS n 
1 103 ASP n 
1 104 VAL n 
1 105 ARG n 
1 106 LEU n 
1 107 SER n 
1 108 GLY n 
1 109 TYR n 
1 110 VAL n 
1 111 VAL n 
1 112 VAL n 
1 113 LEU n 
2 1   PTR n 
2 2   GLU n 
2 3   LEU n 
2 4   LEU n 
2 5   THR n 
# 
_entity_src_gen.entity_id                          1 
_entity_src_gen.pdbx_src_id                        1 
_entity_src_gen.pdbx_alt_source_flag               sample 
_entity_src_gen.pdbx_seq_type                      'Biological sequence' 
_entity_src_gen.pdbx_beg_seq_num                   1 
_entity_src_gen.pdbx_end_seq_num                   113 
_entity_src_gen.gene_src_common_name               Mouse 
_entity_src_gen.gene_src_genus                     ? 
_entity_src_gen.pdbx_gene_src_gene                 'Sh2b3, Lnk' 
_entity_src_gen.gene_src_species                   ? 
_entity_src_gen.gene_src_strain                    ? 
_entity_src_gen.gene_src_tissue                    ? 
_entity_src_gen.gene_src_tissue_fraction           ? 
_entity_src_gen.gene_src_details                   ? 
_entity_src_gen.pdbx_gene_src_fragment             ? 
_entity_src_gen.pdbx_gene_src_scientific_name      'Mus musculus' 
_entity_src_gen.pdbx_gene_src_ncbi_taxonomy_id     10090 
_entity_src_gen.pdbx_gene_src_variant              ? 
_entity_src_gen.pdbx_gene_src_cell_line            ? 
_entity_src_gen.pdbx_gene_src_atcc                 ? 
_entity_src_gen.pdbx_gene_src_organ                ? 
_entity_src_gen.pdbx_gene_src_organelle            ? 
_entity_src_gen.pdbx_gene_src_cell                 ? 
_entity_src_gen.pdbx_gene_src_cellular_location    ? 
_entity_src_gen.host_org_common_name               ? 
_entity_src_gen.pdbx_host_org_scientific_name      'Escherichia coli' 
_entity_src_gen.pdbx_host_org_ncbi_taxonomy_id     562 
_entity_src_gen.host_org_genus                     ? 
_entity_src_gen.pdbx_host_org_gene                 ? 
_entity_src_gen.pdbx_host_org_organ                ? 
_entity_src_gen.host_org_species                   ? 
_entity_src_gen.pdbx_host_org_tissue               ? 
_entity_src_gen.pdbx_host_org_tissue_fraction      ? 
_entity_src_gen.pdbx_host_org_strain               ? 
_entity_src_gen.pdbx_host_org_variant              ? 
_entity_src_gen.pdbx_host_org_cell_line            ? 
_entity_src_gen.pdbx_host_org_atcc                 ? 
_entity_src_gen.pdbx_host_org_culture_collection   ? 
_entity_src_gen.pdbx_host_org_cell                 ? 
_entity_src_gen.pdbx_host_org_organelle            ? 
_entity_src_gen.pdbx_host_org_cellular_location    ? 
_entity_src_gen.pdbx_host_org_vector_type          ? 
_entity_src_gen.pdbx_host_org_vector               ? 
_entity_src_gen.host_org_details                   ? 
_entity_src_gen.expression_system_id               ? 
_entity_src_gen.plasmid_name                       ? 
_entity_src_gen.plasmid_details                    ? 
_entity_src_gen.pdbx_description                   ? 
# 
_pdbx_entity_src_syn.entity_id              2 
_pdbx_entity_src_syn.pdbx_src_id            1 
_pdbx_entity_src_syn.pdbx_alt_source_flag   sample 
_pdbx_entity_src_syn.pdbx_beg_seq_num       1 
_pdbx_entity_src_syn.pdbx_end_seq_num       5 
_pdbx_entity_src_syn.organism_scientific    'Homo sapiens' 
_pdbx_entity_src_syn.organism_common_name   ? 
_pdbx_entity_src_syn.ncbi_taxonomy_id       9606 
_pdbx_entity_src_syn.details                ? 
# 
loop_
_chem_comp.id 
_chem_comp.type 
_chem_comp.mon_nstd_flag 
_chem_comp.name 
_chem_comp.pdbx_synonyms 
_chem_comp.formula 
_chem_comp.formula_weight 
ALA 'L-peptide linking' y ALANINE           ?                 'C3 H7 N O2'     89.093  
ARG 'L-peptide linking' y ARGININE          ?                 'C6 H15 N4 O2 1' 175.209 
ASN 'L-peptide linking' y ASPARAGINE        ?                 'C4 H8 N2 O3'    132.118 
ASP 'L-peptide linking' y 'ASPARTIC ACID'   ?                 'C4 H7 N O4'     133.103 
CYS 'L-peptide linking' y CYSTEINE          ?                 'C3 H7 N O2 S'   121.158 
GLN 'L-peptide linking' y GLUTAMINE         ?                 'C5 H10 N2 O3'   146.144 
GLU 'L-peptide linking' y 'GLUTAMIC ACID'   ?                 'C5 H9 N O4'     147.129 
GLY 'peptide linking'   y GLYCINE           ?                 'C2 H5 N O2'     75.067  
HIS 'L-peptide linking' y HISTIDINE         ?                 'C6 H10 N3 O2 1' 156.162 
HOH non-polymer         . WATER             ?                 'H2 O'           18.015  
ILE 'L-peptide linking' y ISOLEUCINE        ?                 'C6 H13 N O2'    131.173 
LEU 'L-peptide linking' y LEUCINE           ?                 'C6 H13 N O2'    131.173 
LYS 'L-peptide linking' y LYSINE            ?                 'C6 H15 N2 O2 1' 147.195 
MET 'L-peptide linking' y METHIONINE        ?                 'C5 H11 N O2 S'  149.211 
PHE 'L-peptide linking' y PHENYLALANINE     ?                 'C9 H11 N O2'    165.189 
PRO 'L-peptide linking' y PROLINE           ?                 'C5 H9 N O2'     115.130 
PTR 'L-peptide linking' n O-PHOSPHOTYROSINE PHOSPHONOTYROSINE 'C9 H12 N O6 P'  261.168 
SER 'L-peptide linking' y SERINE            ?                 'C3 H7 N O3'     105.093 
THR 'L-peptide linking' y THREONINE         ?                 'C4 H9 N O3'     119.119 
TRP 'L-peptide linking' y TRYPTOPHAN        ?                 'C11 H12 N2 O2'  204.225 
TYR 'L-peptide linking' y TYROSINE          ?                 'C9 H11 N O3'    181.189 
VAL 'L-peptide linking' y VALINE            ?                 'C5 H11 N O2'    117.146 
# 
loop_
_pdbx_poly_seq_scheme.asym_id 
_pdbx_poly_seq_scheme.entity_id 
_pdbx_poly_seq_scheme.seq_id 
_pdbx_poly_seq_scheme.mon_id 
_pdbx_poly_seq_scheme.ndb_seq_num 
_pdbx_poly_seq_scheme.pdb_seq_num 
_pdbx_poly_seq_scheme.auth_seq_num 
_pdbx_poly_seq_scheme.pdb_mon_id 
_pdbx_poly_seq_scheme.auth_mon_id 
_pdbx_poly_seq_scheme.pdb_strand_id 
_pdbx_poly_seq_scheme.pdb_ins_code 
_pdbx_poly_seq_scheme.hetero 
A 1 1   GLN 1   325 325 GLN GLN A . n 
A 1 2   LYS 2   326 326 LYS LYS A . n 
A 1 3   THR 3   327 327 THR THR A . n 
A 1 4   ASP 4   328 328 ASP ASP A . n 
A 1 5   HIS 5   329 329 HIS HIS A . n 
A 1 6   PHE 6   330 330 PHE PHE A . n 
A 1 7   LEU 7   331 331 LEU LEU A . n 
A 1 8   SER 8   332 332 SER SER A . n 
A 1 9   CYS 9   333 333 CYS CYS A . n 
A 1 10  TYR 10  334 334 TYR TYR A . n 
A 1 11  PRO 11  335 335 PRO PRO A . n 
A 1 12  TRP 12  336 336 TRP TRP A . n 
A 1 13  PHE 13  337 337 PHE PHE A . n 
A 1 14  HIS 14  338 338 HIS HIS A . n 
A 1 15  GLY 15  339 339 GLY GLY A . n 
A 1 16  PRO 16  340 340 PRO PRO A . n 
A 1 17  ILE 17  341 341 ILE ILE A . n 
A 1 18  SER 18  342 342 SER SER A . n 
A 1 19  ARG 19  343 343 ARG ARG A . n 
A 1 20  VAL 20  344 344 VAL VAL A . n 
A 1 21  ARG 21  345 345 ARG ARG A . n 
A 1 22  ALA 22  346 346 ALA ALA A . n 
A 1 23  ALA 23  347 347 ALA ALA A . n 
A 1 24  GLN 24  348 348 GLN GLN A . n 
A 1 25  LEU 25  349 349 LEU LEU A . n 
A 1 26  VAL 26  350 350 VAL VAL A . n 
A 1 27  GLN 27  351 351 GLN GLN A . n 
A 1 28  LEU 28  352 352 LEU LEU A . n 
A 1 29  GLN 29  353 353 GLN GLN A . n 
A 1 30  GLY 30  354 354 GLY GLY A . n 
A 1 31  PRO 31  355 355 PRO PRO A . n 
A 1 32  ASP 32  356 356 ASP ASP A . n 
A 1 33  ALA 33  357 357 ALA ALA A . n 
A 1 34  HIS 34  358 358 HIS HIS A . n 
A 1 35  GLY 35  359 359 GLY GLY A . n 
A 1 36  VAL 36  360 360 VAL VAL A . n 
A 1 37  PHE 37  361 361 PHE PHE A . n 
A 1 38  LEU 38  362 362 LEU LEU A . n 
A 1 39  VAL 39  363 363 VAL VAL A . n 
A 1 40  ARG 40  364 364 ARG ARG A . n 
A 1 41  GLN 41  365 365 GLN GLN A . n 
A 1 42  SER 42  366 366 SER SER A . n 
A 1 43  GLU 43  367 367 GLU GLU A . n 
A 1 44  SER 44  368 368 SER SER A . n 
A 1 45  ARG 45  369 369 ARG ARG A . n 
A 1 46  ARG 46  370 370 ARG ARG A . n 
A 1 47  GLY 47  371 371 GLY GLY A . n 
A 1 48  GLU 48  372 372 GLU GLU A . n 
A 1 49  TYR 49  373 373 TYR TYR A . n 
A 1 50  VAL 50  374 374 VAL VAL A . n 
A 1 51  LEU 51  375 375 LEU LEU A . n 
A 1 52  THR 52  376 376 THR THR A . n 
A 1 53  PHE 53  377 377 PHE PHE A . n 
A 1 54  ASN 54  378 378 ASN ASN A . n 
A 1 55  LEU 55  379 379 LEU LEU A . n 
A 1 56  GLN 56  380 380 GLN GLN A . n 
A 1 57  GLY 57  381 381 GLY GLY A . n 
A 1 58  ARG 58  382 382 ARG ARG A . n 
A 1 59  ALA 59  383 383 ALA ALA A . n 
A 1 60  LYS 60  384 384 LYS LYS A . n 
A 1 61  HIS 61  385 385 HIS HIS A . n 
A 1 62  LEU 62  386 386 LEU LEU A . n 
A 1 63  ARG 63  387 387 ARG ARG A . n 
A 1 64  LEU 64  388 388 LEU LEU A . n 
A 1 65  VAL 65  389 389 VAL VAL A . n 
A 1 66  LEU 66  390 390 LEU LEU A . n 
A 1 67  THR 67  391 391 THR THR A . n 
A 1 68  GLU 68  392 392 GLU GLU A . n 
A 1 69  ARG 69  393 393 ARG ARG A . n 
A 1 70  GLY 70  394 394 GLY GLY A . n 
A 1 71  GLN 71  395 395 GLN GLN A . n 
A 1 72  CYS 72  396 396 CYS CYS A . n 
A 1 73  ARG 73  397 397 ARG ARG A . n 
A 1 74  VAL 74  398 398 VAL VAL A . n 
A 1 75  GLN 75  399 399 GLN GLN A . n 
A 1 76  HIS 76  400 400 HIS HIS A . n 
A 1 77  LEU 77  401 401 LEU LEU A . n 
A 1 78  HIS 78  402 402 HIS HIS A . n 
A 1 79  PHE 79  403 403 PHE PHE A . n 
A 1 80  PRO 80  404 404 PRO PRO A . n 
A 1 81  SER 81  405 405 SER SER A . n 
A 1 82  VAL 82  406 406 VAL VAL A . n 
A 1 83  VAL 83  407 407 VAL VAL A . n 
A 1 84  ASP 84  408 408 ASP ASP A . n 
A 1 85  MET 85  409 409 MET MET A . n 
A 1 86  LEU 86  410 410 LEU LEU A . n 
A 1 87  ARG 87  411 411 ARG ARG A . n 
A 1 88  HIS 88  412 412 HIS HIS A . n 
A 1 89  PHE 89  413 413 PHE PHE A . n 
A 1 90  GLN 90  414 414 GLN GLN A . n 
A 1 91  ARG 91  415 415 ARG ARG A . n 
A 1 92  SER 92  416 416 SER SER A . n 
A 1 93  PRO 93  417 417 PRO PRO A . n 
A 1 94  ILE 94  418 418 ILE ILE A . n 
A 1 95  PRO 95  419 419 PRO PRO A . n 
A 1 96  LEU 96  420 420 LEU LEU A . n 
A 1 97  GLU 97  421 421 GLU GLU A . n 
A 1 98  CYS 98  422 422 CYS CYS A . n 
A 1 99  GLY 99  423 423 GLY GLY A . n 
A 1 100 ALA 100 424 424 ALA ALA A . n 
A 1 101 ALA 101 425 425 ALA ALA A . n 
A 1 102 CYS 102 426 426 CYS CYS A . n 
A 1 103 ASP 103 427 427 ASP ASP A . n 
A 1 104 VAL 104 428 428 VAL VAL A . n 
A 1 105 ARG 105 429 429 ARG ARG A . n 
A 1 106 LEU 106 430 430 LEU LEU A . n 
A 1 107 SER 107 431 431 SER SER A . n 
A 1 108 GLY 108 432 432 GLY GLY A . n 
A 1 109 TYR 109 433 433 TYR TYR A . n 
A 1 110 VAL 110 434 434 VAL VAL A . n 
A 1 111 VAL 111 435 435 VAL VAL A . n 
A 1 112 VAL 112 436 436 VAL VAL A . n 
A 1 113 LEU 113 437 437 LEU LEU A . n 
B 2 1   PTR 1   5   5   PTR PTR B . n 
B 2 2   GLU 2   6   6   GLU GLU B . n 
B 2 3   LEU 3   7   7   LEU LEU B . n 
B 2 4   LEU 4   8   8   LEU LEU B . n 
B 2 5   THR 5   9   9   THR THR B . n 
# 
_pdbx_entity_instance_feature.ordinal        1 
_pdbx_entity_instance_feature.comp_id        PTR 
_pdbx_entity_instance_feature.asym_id        ? 
_pdbx_entity_instance_feature.seq_num        ? 
_pdbx_entity_instance_feature.auth_comp_id   PTR 
_pdbx_entity_instance_feature.auth_asym_id   ? 
_pdbx_entity_instance_feature.auth_seq_num   ? 
_pdbx_entity_instance_feature.feature_type   'SUBJECT OF INVESTIGATION' 
_pdbx_entity_instance_feature.details        ? 
# 
loop_
_pdbx_nonpoly_scheme.asym_id 
_pdbx_nonpoly_scheme.entity_id 
_pdbx_nonpoly_scheme.mon_id 
_pdbx_nonpoly_scheme.ndb_seq_num 
_pdbx_nonpoly_scheme.pdb_seq_num 
_pdbx_nonpoly_scheme.auth_seq_num 
_pdbx_nonpoly_scheme.pdb_mon_id 
_pdbx_nonpoly_scheme.auth_mon_id 
_pdbx_nonpoly_scheme.pdb_strand_id 
_pdbx_nonpoly_scheme.pdb_ins_code 
C 3 HOH 1  501 36 HOH HOH A . 
C 3 HOH 2  502 17 HOH HOH A . 
C 3 HOH 3  503 27 HOH HOH A . 
C 3 HOH 4  504 43 HOH HOH A . 
C 3 HOH 5  505 16 HOH HOH A . 
C 3 HOH 6  506 25 HOH HOH A . 
C 3 HOH 7  507 23 HOH HOH A . 
C 3 HOH 8  508 29 HOH HOH A . 
C 3 HOH 9  509 13 HOH HOH A . 
C 3 HOH 10 510 15 HOH HOH A . 
C 3 HOH 11 511 10 HOH HOH A . 
C 3 HOH 12 512 2  HOH HOH A . 
C 3 HOH 13 513 9  HOH HOH A . 
C 3 HOH 14 514 4  HOH HOH A . 
C 3 HOH 15 515 3  HOH HOH A . 
C 3 HOH 16 516 19 HOH HOH A . 
C 3 HOH 17 517 18 HOH HOH A . 
C 3 HOH 18 518 22 HOH HOH A . 
C 3 HOH 19 519 41 HOH HOH A . 
C 3 HOH 20 520 35 HOH HOH A . 
C 3 HOH 21 521 20 HOH HOH A . 
C 3 HOH 22 522 5  HOH HOH A . 
C 3 HOH 23 523 40 HOH HOH A . 
C 3 HOH 24 524 44 HOH HOH A . 
D 3 HOH 1  101 6  HOH HOH B . 
# 
loop_
_pdbx_unobs_or_zero_occ_atoms.id 
_pdbx_unobs_or_zero_occ_atoms.PDB_model_num 
_pdbx_unobs_or_zero_occ_atoms.polymer_flag 
_pdbx_unobs_or_zero_occ_atoms.occupancy_flag 
_pdbx_unobs_or_zero_occ_atoms.auth_asym_id 
_pdbx_unobs_or_zero_occ_atoms.auth_comp_id 
_pdbx_unobs_or_zero_occ_atoms.auth_seq_id 
_pdbx_unobs_or_zero_occ_atoms.PDB_ins_code 
_pdbx_unobs_or_zero_occ_atoms.auth_atom_id 
_pdbx_unobs_or_zero_occ_atoms.label_alt_id 
_pdbx_unobs_or_zero_occ_atoms.label_asym_id 
_pdbx_unobs_or_zero_occ_atoms.label_comp_id 
_pdbx_unobs_or_zero_occ_atoms.label_seq_id 
_pdbx_unobs_or_zero_occ_atoms.label_atom_id 
1  1 Y 1 A GLN 325 ? CD  ? A GLN 1   CD  
2  1 Y 1 A GLN 325 ? OE1 ? A GLN 1   OE1 
3  1 Y 1 A GLN 325 ? NE2 ? A GLN 1   NE2 
4  1 Y 1 A LYS 326 ? CG  ? A LYS 2   CG  
5  1 Y 1 A LYS 326 ? CD  ? A LYS 2   CD  
6  1 Y 1 A LYS 326 ? CE  ? A LYS 2   CE  
7  1 Y 1 A LYS 326 ? NZ  ? A LYS 2   NZ  
8  1 Y 1 A THR 327 ? OG1 ? A THR 3   OG1 
9  1 Y 1 A THR 327 ? CG2 ? A THR 3   CG2 
10 1 Y 1 A ASP 328 ? CG  ? A ASP 4   CG  
11 1 Y 1 A ASP 328 ? OD1 ? A ASP 4   OD1 
12 1 Y 1 A ASP 328 ? OD2 ? A ASP 4   OD2 
13 1 Y 1 A ARG 345 ? CD  ? A ARG 21  CD  
14 1 Y 1 A ARG 345 ? NE  ? A ARG 21  NE  
15 1 Y 1 A ARG 345 ? CZ  ? A ARG 21  CZ  
16 1 Y 1 A ARG 345 ? NH1 ? A ARG 21  NH1 
17 1 Y 1 A ARG 345 ? NH2 ? A ARG 21  NH2 
18 1 Y 1 A ARG 370 ? NE  ? A ARG 46  NE  
19 1 Y 1 A ARG 370 ? CZ  ? A ARG 46  CZ  
20 1 Y 1 A ARG 370 ? NH1 ? A ARG 46  NH1 
21 1 Y 1 A ARG 370 ? NH2 ? A ARG 46  NH2 
22 1 Y 1 A ARG 382 ? CD  ? A ARG 58  CD  
23 1 Y 1 A ARG 382 ? NE  ? A ARG 58  NE  
24 1 Y 1 A ARG 382 ? CZ  ? A ARG 58  CZ  
25 1 Y 1 A ARG 382 ? NH1 ? A ARG 58  NH1 
26 1 Y 1 A ARG 382 ? NH2 ? A ARG 58  NH2 
27 1 Y 1 A GLU 392 ? CG  ? A GLU 68  CG  
28 1 Y 1 A GLU 392 ? CD  ? A GLU 68  CD  
29 1 Y 1 A GLU 392 ? OE1 ? A GLU 68  OE1 
30 1 Y 1 A GLU 392 ? OE2 ? A GLU 68  OE2 
31 1 Y 1 A ARG 393 ? CG  ? A ARG 69  CG  
32 1 Y 1 A ARG 393 ? CD  ? A ARG 69  CD  
33 1 Y 1 A ARG 393 ? NE  ? A ARG 69  NE  
34 1 Y 1 A ARG 393 ? CZ  ? A ARG 69  CZ  
35 1 Y 1 A ARG 393 ? NH1 ? A ARG 69  NH1 
36 1 Y 1 A ARG 393 ? NH2 ? A ARG 69  NH2 
37 1 Y 1 A GLN 395 ? CG  ? A GLN 71  CG  
38 1 Y 1 A GLN 395 ? CD  ? A GLN 71  CD  
39 1 Y 1 A GLN 395 ? OE1 ? A GLN 71  OE1 
40 1 Y 1 A GLN 395 ? NE2 ? A GLN 71  NE2 
41 1 Y 1 A ARG 397 ? CD  ? A ARG 73  CD  
42 1 Y 1 A ARG 397 ? NE  ? A ARG 73  NE  
43 1 Y 1 A ARG 397 ? CZ  ? A ARG 73  CZ  
44 1 Y 1 A ARG 397 ? NH1 ? A ARG 73  NH1 
45 1 Y 1 A ARG 397 ? NH2 ? A ARG 73  NH2 
46 1 Y 1 A HIS 402 ? CG  ? A HIS 78  CG  
47 1 Y 1 A HIS 402 ? ND1 ? A HIS 78  ND1 
48 1 Y 1 A HIS 402 ? CD2 ? A HIS 78  CD2 
49 1 Y 1 A HIS 402 ? CE1 ? A HIS 78  CE1 
50 1 Y 1 A HIS 402 ? NE2 ? A HIS 78  NE2 
51 1 Y 1 A ARG 411 ? CD  ? A ARG 87  CD  
52 1 Y 1 A ARG 411 ? NE  ? A ARG 87  NE  
53 1 Y 1 A ARG 411 ? CZ  ? A ARG 87  CZ  
54 1 Y 1 A ARG 411 ? NH1 ? A ARG 87  NH1 
55 1 Y 1 A ARG 411 ? NH2 ? A ARG 87  NH2 
56 1 Y 1 A ARG 429 ? CZ  ? A ARG 105 CZ  
57 1 Y 1 A ARG 429 ? NH1 ? A ARG 105 NH1 
58 1 Y 1 A ARG 429 ? NH2 ? A ARG 105 NH2 
59 1 Y 1 A LEU 437 ? CG  ? A LEU 113 CG  
60 1 Y 1 A LEU 437 ? CD1 ? A LEU 113 CD1 
61 1 Y 1 A LEU 437 ? CD2 ? A LEU 113 CD2 
# 
loop_
_software.citation_id 
_software.classification 
_software.compiler_name 
_software.compiler_version 
_software.contact_author 
_software.contact_author_email 
_software.date 
_software.description 
_software.dependencies 
_software.hardware 
_software.language 
_software.location 
_software.mods 
_software.name 
_software.os 
_software.os_version 
_software.type 
_software.version 
_software.pdbx_ordinal 
? refinement        ? ? ? ? ? ? ? ? ? ? ? PHENIX      ? ? ? 1.19.2_4158 1 
? 'data extraction' ? ? ? ? ? ? ? ? ? ? ? PDB_EXTRACT ? ? ? 3.27        2 
? 'data reduction'  ? ? ? ? ? ? ? ? ? ? ? XDS         ? ? ? .           3 
? 'data scaling'    ? ? ? ? ? ? ? ? ? ? ? XDS         ? ? ? .           4 
? phasing           ? ? ? ? ? ? ? ? ? ? ? PHENIX      ? ? ? .           5 
# 
_cell.angle_alpha                  90.000 
_cell.angle_alpha_esd              ? 
_cell.angle_beta                   97.020 
_cell.angle_beta_esd               ? 
_cell.angle_gamma                  90.000 
_cell.angle_gamma_esd              ? 
_cell.entry_id                     7R8W 
_cell.details                      ? 
_cell.formula_units_Z              ? 
_cell.length_a                     35.060 
_cell.length_a_esd                 ? 
_cell.length_b                     37.875 
_cell.length_b_esd                 ? 
_cell.length_c                     38.883 
_cell.length_c_esd                 ? 
_cell.volume                       ? 
_cell.volume_esd                   ? 
_cell.Z_PDB                        2 
_cell.reciprocal_angle_alpha       ? 
_cell.reciprocal_angle_beta        ? 
_cell.reciprocal_angle_gamma       ? 
_cell.reciprocal_angle_alpha_esd   ? 
_cell.reciprocal_angle_beta_esd    ? 
_cell.reciprocal_angle_gamma_esd   ? 
_cell.reciprocal_length_a          ? 
_cell.reciprocal_length_b          ? 
_cell.reciprocal_length_c          ? 
_cell.reciprocal_length_a_esd      ? 
_cell.reciprocal_length_b_esd      ? 
_cell.reciprocal_length_c_esd      ? 
_cell.pdbx_unique_axis             ? 
# 
_symmetry.entry_id                         7R8W 
_symmetry.cell_setting                     ? 
_symmetry.Int_Tables_number                4 
_symmetry.space_group_name_Hall            ? 
_symmetry.space_group_name_H-M             'P 1 21 1' 
_symmetry.pdbx_full_space_group_name_H-M   ? 
# 
_exptl.absorpt_coefficient_mu     ? 
_exptl.absorpt_correction_T_max   ? 
_exptl.absorpt_correction_T_min   ? 
_exptl.absorpt_correction_type    ? 
_exptl.absorpt_process_details    ? 
_exptl.entry_id                   7R8W 
_exptl.crystals_number            1 
_exptl.details                    ? 
_exptl.method                     'X-RAY DIFFRACTION' 
_exptl.method_details             ? 
# 
_exptl_crystal.colour                      ? 
_exptl_crystal.density_diffrn              ? 
_exptl_crystal.density_Matthews            1.87 
_exptl_crystal.density_method              ? 
_exptl_crystal.density_percent_sol         34.37 
_exptl_crystal.description                 ? 
_exptl_crystal.F_000                       ? 
_exptl_crystal.id                          1 
_exptl_crystal.preparation                 ? 
_exptl_crystal.size_max                    ? 
_exptl_crystal.size_mid                    ? 
_exptl_crystal.size_min                    ? 
_exptl_crystal.size_rad                    ? 
_exptl_crystal.colour_lustre               ? 
_exptl_crystal.colour_modifier             ? 
_exptl_crystal.colour_primary              ? 
_exptl_crystal.density_meas                ? 
_exptl_crystal.density_meas_esd            ? 
_exptl_crystal.density_meas_gt             ? 
_exptl_crystal.density_meas_lt             ? 
_exptl_crystal.density_meas_temp           ? 
_exptl_crystal.density_meas_temp_esd       ? 
_exptl_crystal.density_meas_temp_gt        ? 
_exptl_crystal.density_meas_temp_lt        ? 
_exptl_crystal.pdbx_crystal_image_url      ? 
_exptl_crystal.pdbx_crystal_image_format   ? 
_exptl_crystal.pdbx_mosaicity              ? 
_exptl_crystal.pdbx_mosaicity_esd          ? 
# 
_exptl_crystal_grow.apparatus       ? 
_exptl_crystal_grow.atmosphere      ? 
_exptl_crystal_grow.crystal_id      1 
_exptl_crystal_grow.details         ? 
_exptl_crystal_grow.method          'VAPOR DIFFUSION, SITTING DROP' 
_exptl_crystal_grow.method_ref      ? 
_exptl_crystal_grow.pH              ? 
_exptl_crystal_grow.pressure        ? 
_exptl_crystal_grow.pressure_esd    ? 
_exptl_crystal_grow.seeding         ? 
_exptl_crystal_grow.seeding_ref     ? 
_exptl_crystal_grow.temp            281.15 
_exptl_crystal_grow.temp_details    ? 
_exptl_crystal_grow.temp_esd        ? 
_exptl_crystal_grow.time            ? 
_exptl_crystal_grow.pdbx_details    '0.2 M ammonium chloride, 20% PEG3350' 
_exptl_crystal_grow.pdbx_pH_range   ? 
# 
_diffrn.ambient_environment              ? 
_diffrn.ambient_temp                     100 
_diffrn.ambient_temp_details             ? 
_diffrn.ambient_temp_esd                 ? 
_diffrn.crystal_id                       1 
_diffrn.crystal_support                  ? 
_diffrn.crystal_treatment                ? 
_diffrn.details                          ? 
_diffrn.id                               1 
_diffrn.ambient_pressure                 ? 
_diffrn.ambient_pressure_esd             ? 
_diffrn.ambient_pressure_gt              ? 
_diffrn.ambient_pressure_lt              ? 
_diffrn.ambient_temp_gt                  ? 
_diffrn.ambient_temp_lt                  ? 
_diffrn.pdbx_serial_crystal_experiment   N 
# 
_diffrn_detector.details                      ? 
_diffrn_detector.detector                     PIXEL 
_diffrn_detector.diffrn_id                    1 
_diffrn_detector.type                         'DECTRIS EIGER X 16M' 
_diffrn_detector.area_resol_mean              ? 
_diffrn_detector.dtime                        ? 
_diffrn_detector.pdbx_frames_total            ? 
_diffrn_detector.pdbx_collection_time_total   ? 
_diffrn_detector.pdbx_collection_date         2017-11-04 
_diffrn_detector.pdbx_frequency               ? 
# 
_diffrn_radiation.collimation                      ? 
_diffrn_radiation.diffrn_id                        1 
_diffrn_radiation.filter_edge                      ? 
_diffrn_radiation.inhomogeneity                    ? 
_diffrn_radiation.monochromator                    ? 
_diffrn_radiation.polarisn_norm                    ? 
_diffrn_radiation.polarisn_ratio                   ? 
_diffrn_radiation.probe                            ? 
_diffrn_radiation.type                             ? 
_diffrn_radiation.xray_symbol                      ? 
_diffrn_radiation.wavelength_id                    1 
_diffrn_radiation.pdbx_monochromatic_or_laue_m_l   M 
_diffrn_radiation.pdbx_wavelength_list             ? 
_diffrn_radiation.pdbx_wavelength                  ? 
_diffrn_radiation.pdbx_diffrn_protocol             'SINGLE WAVELENGTH' 
_diffrn_radiation.pdbx_analyzer                    ? 
_diffrn_radiation.pdbx_scattering_type             x-ray 
# 
_diffrn_radiation_wavelength.id           1 
_diffrn_radiation_wavelength.wavelength   0.95373 
_diffrn_radiation_wavelength.wt           1.0 
# 
_diffrn_source.current                     ? 
_diffrn_source.details                     ? 
_diffrn_source.diffrn_id                   1 
_diffrn_source.power                       ? 
_diffrn_source.size                        ? 
_diffrn_source.source                      SYNCHROTRON 
_diffrn_source.target                      ? 
_diffrn_source.type                        'AUSTRALIAN SYNCHROTRON BEAMLINE MX2' 
_diffrn_source.voltage                     ? 
_diffrn_source.take-off_angle              ? 
_diffrn_source.pdbx_wavelength_list        0.95373 
_diffrn_source.pdbx_wavelength             ? 
_diffrn_source.pdbx_synchrotron_beamline   MX2 
_diffrn_source.pdbx_synchrotron_site       'Australian Synchrotron' 
# 
_reflns.B_iso_Wilson_estimate                          ? 
_reflns.entry_id                                       7R8W 
_reflns.data_reduction_details                         ? 
_reflns.data_reduction_method                          ? 
_reflns.d_resolution_high                              1.9 
_reflns.d_resolution_low                               39.59 
_reflns.details                                        ? 
_reflns.limit_h_max                                    ? 
_reflns.limit_h_min                                    ? 
_reflns.limit_k_max                                    ? 
_reflns.limit_k_min                                    ? 
_reflns.limit_l_max                                    ? 
_reflns.limit_l_min                                    ? 
_reflns.number_all                                     ? 
_reflns.number_obs                                     8093 
_reflns.observed_criterion                             ? 
_reflns.observed_criterion_F_max                       ? 
_reflns.observed_criterion_F_min                       ? 
_reflns.observed_criterion_I_max                       ? 
_reflns.observed_criterion_I_min                       ? 
_reflns.observed_criterion_sigma_F                     ? 
_reflns.observed_criterion_sigma_I                     ? 
_reflns.percent_possible_obs                           99.62 
_reflns.R_free_details                                 ? 
_reflns.Rmerge_F_all                                   ? 
_reflns.Rmerge_F_obs                                   ? 
_reflns.Friedel_coverage                               ? 
_reflns.number_gt                                      ? 
_reflns.threshold_expression                           ? 
_reflns.pdbx_redundancy                                3.4 
_reflns.pdbx_Rmerge_I_obs                              0.03577 
_reflns.pdbx_Rmerge_I_all                              ? 
_reflns.pdbx_Rsym_value                                ? 
_reflns.pdbx_netI_over_av_sigmaI                       ? 
_reflns.pdbx_netI_over_sigmaI                          18.70 
_reflns.pdbx_res_netI_over_av_sigmaI_2                 ? 
_reflns.pdbx_res_netI_over_sigmaI_2                    ? 
_reflns.pdbx_chi_squared                               ? 
_reflns.pdbx_scaling_rejects                           ? 
_reflns.pdbx_d_res_high_opt                            ? 
_reflns.pdbx_d_res_low_opt                             ? 
_reflns.pdbx_d_res_opt_method                          ? 
_reflns.phase_calculation_details                      ? 
_reflns.pdbx_Rrim_I_all                                0.04243 
_reflns.pdbx_Rpim_I_all                                0.02259 
_reflns.pdbx_d_opt                                     ? 
_reflns.pdbx_number_measured_all                       ? 
_reflns.pdbx_diffrn_id                                 1 
_reflns.pdbx_ordinal                                   1 
_reflns.pdbx_CC_half                                   0.999 
_reflns.pdbx_CC_star                                   1 
_reflns.pdbx_R_split                                   ? 
_reflns.pdbx_aniso_diffraction_limit_axis_1_ortho[1]   ? 
_reflns.pdbx_aniso_diffraction_limit_axis_1_ortho[2]   ? 
_reflns.pdbx_aniso_diffraction_limit_axis_1_ortho[3]   ? 
_reflns.pdbx_aniso_diffraction_limit_axis_2_ortho[1]   ? 
_reflns.pdbx_aniso_diffraction_limit_axis_2_ortho[2]   ? 
_reflns.pdbx_aniso_diffraction_limit_axis_2_ortho[3]   ? 
_reflns.pdbx_aniso_diffraction_limit_axis_3_ortho[1]   ? 
_reflns.pdbx_aniso_diffraction_limit_axis_3_ortho[2]   ? 
_reflns.pdbx_aniso_diffraction_limit_axis_3_ortho[3]   ? 
_reflns.pdbx_aniso_diffraction_limit_1                 ? 
_reflns.pdbx_aniso_diffraction_limit_2                 ? 
_reflns.pdbx_aniso_diffraction_limit_3                 ? 
_reflns.pdbx_aniso_B_tensor_eigenvector_1_ortho[1]     ? 
_reflns.pdbx_aniso_B_tensor_eigenvector_1_ortho[2]     ? 
_reflns.pdbx_aniso_B_tensor_eigenvector_1_ortho[3]     ? 
_reflns.pdbx_aniso_B_tensor_eigenvector_2_ortho[1]     ? 
_reflns.pdbx_aniso_B_tensor_eigenvector_2_ortho[2]     ? 
_reflns.pdbx_aniso_B_tensor_eigenvector_2_ortho[3]     ? 
_reflns.pdbx_aniso_B_tensor_eigenvector_3_ortho[1]     ? 
_reflns.pdbx_aniso_B_tensor_eigenvector_3_ortho[2]     ? 
_reflns.pdbx_aniso_B_tensor_eigenvector_3_ortho[3]     ? 
_reflns.pdbx_aniso_B_tensor_eigenvalue_1               ? 
_reflns.pdbx_aniso_B_tensor_eigenvalue_2               ? 
_reflns.pdbx_aniso_B_tensor_eigenvalue_3               ? 
_reflns.pdbx_orthogonalization_convention              ? 
_reflns.pdbx_percent_possible_ellipsoidal              ? 
_reflns.pdbx_percent_possible_spherical                ? 
_reflns.pdbx_percent_possible_ellipsoidal_anomalous    ? 
_reflns.pdbx_percent_possible_spherical_anomalous      ? 
_reflns.pdbx_redundancy_anomalous                      ? 
_reflns.pdbx_CC_half_anomalous                         ? 
_reflns.pdbx_absDiff_over_sigma_anomalous              ? 
_reflns.pdbx_percent_possible_anomalous                ? 
_reflns.pdbx_observed_signal_threshold                 ? 
_reflns.pdbx_signal_type                               ? 
_reflns.pdbx_signal_details                            ? 
_reflns.pdbx_signal_software_id                        ? 
# 
_reflns_shell.d_res_high                                    1.9 
_reflns_shell.d_res_low                                     1.968 
_reflns_shell.meanI_over_sigI_all                           ? 
_reflns_shell.meanI_over_sigI_obs                           2.84 
_reflns_shell.number_measured_all                           ? 
_reflns_shell.number_measured_obs                           ? 
_reflns_shell.number_possible                               ? 
_reflns_shell.number_unique_all                             ? 
_reflns_shell.number_unique_obs                             798 
_reflns_shell.percent_possible_all                          98.88 
_reflns_shell.percent_possible_obs                          ? 
_reflns_shell.Rmerge_F_all                                  ? 
_reflns_shell.Rmerge_F_obs                                  ? 
_reflns_shell.Rmerge_I_all                                  ? 
_reflns_shell.Rmerge_I_obs                                  0.392 
_reflns_shell.meanI_over_sigI_gt                            ? 
_reflns_shell.meanI_over_uI_all                             ? 
_reflns_shell.meanI_over_uI_gt                              ? 
_reflns_shell.number_measured_gt                            ? 
_reflns_shell.number_unique_gt                              ? 
_reflns_shell.percent_possible_gt                           ? 
_reflns_shell.Rmerge_F_gt                                   ? 
_reflns_shell.Rmerge_I_gt                                   ? 
_reflns_shell.pdbx_redundancy                               3.4 
_reflns_shell.pdbx_Rsym_value                               ? 
_reflns_shell.pdbx_chi_squared                              ? 
_reflns_shell.pdbx_netI_over_sigmaI_all                     ? 
_reflns_shell.pdbx_netI_over_sigmaI_obs                     ? 
_reflns_shell.pdbx_Rrim_I_all                               0.4651 
_reflns_shell.pdbx_Rpim_I_all                               0.2479 
_reflns_shell.pdbx_rejects                                  ? 
_reflns_shell.pdbx_ordinal                                  1 
_reflns_shell.pdbx_diffrn_id                                1 
_reflns_shell.pdbx_CC_half                                  0.863 
_reflns_shell.pdbx_CC_star                                  ? 
_reflns_shell.pdbx_R_split                                  ? 
_reflns_shell.pdbx_percent_possible_ellipsoidal             ? 
_reflns_shell.pdbx_percent_possible_spherical               ? 
_reflns_shell.pdbx_percent_possible_ellipsoidal_anomalous   ? 
_reflns_shell.pdbx_percent_possible_spherical_anomalous     ? 
_reflns_shell.pdbx_redundancy_anomalous                     ? 
_reflns_shell.pdbx_CC_half_anomalous                        ? 
_reflns_shell.pdbx_absDiff_over_sigma_anomalous             ? 
_reflns_shell.pdbx_percent_possible_anomalous               ? 
# 
_refine.aniso_B[1][1]                            ? 
_refine.aniso_B[1][2]                            ? 
_refine.aniso_B[1][3]                            ? 
_refine.aniso_B[2][2]                            ? 
_refine.aniso_B[2][3]                            ? 
_refine.aniso_B[3][3]                            ? 
_refine.B_iso_max                                81.510 
_refine.B_iso_mean                               38.6619 
_refine.B_iso_min                                18.630 
_refine.correlation_coeff_Fo_to_Fc               ? 
_refine.correlation_coeff_Fo_to_Fc_free          ? 
_refine.details                                  ? 
_refine.diff_density_max                         ? 
_refine.diff_density_max_esd                     ? 
_refine.diff_density_min                         ? 
_refine.diff_density_min_esd                     ? 
_refine.diff_density_rms                         ? 
_refine.diff_density_rms_esd                     ? 
_refine.entry_id                                 7R8W 
_refine.pdbx_refine_id                           'X-RAY DIFFRACTION' 
_refine.ls_abs_structure_details                 ? 
_refine.ls_abs_structure_Flack                   ? 
_refine.ls_abs_structure_Flack_esd               ? 
_refine.ls_abs_structure_Rogers                  ? 
_refine.ls_abs_structure_Rogers_esd              ? 
_refine.ls_d_res_high                            1.9000 
_refine.ls_d_res_low                             38.5900 
_refine.ls_extinction_coef                       ? 
_refine.ls_extinction_coef_esd                   ? 
_refine.ls_extinction_expression                 ? 
_refine.ls_extinction_method                     ? 
_refine.ls_goodness_of_fit_all                   ? 
_refine.ls_goodness_of_fit_all_esd               ? 
_refine.ls_goodness_of_fit_obs                   ? 
_refine.ls_goodness_of_fit_obs_esd               ? 
_refine.ls_hydrogen_treatment                    ? 
_refine.ls_matrix_type                           ? 
_refine.ls_number_constraints                    ? 
_refine.ls_number_parameters                     ? 
_refine.ls_number_reflns_all                     ? 
_refine.ls_number_reflns_obs                     8091 
_refine.ls_number_reflns_R_free                  811 
_refine.ls_number_reflns_R_work                  7280 
_refine.ls_number_restraints                     ? 
_refine.ls_percent_reflns_obs                    99.6300 
_refine.ls_percent_reflns_R_free                 10.0200 
_refine.ls_R_factor_all                          ? 
_refine.ls_R_factor_obs                          0.2004 
_refine.ls_R_factor_R_free                       0.2510 
_refine.ls_R_factor_R_free_error                 ? 
_refine.ls_R_factor_R_free_error_details         ? 
_refine.ls_R_factor_R_work                       0.1950 
_refine.ls_R_Fsqd_factor_obs                     ? 
_refine.ls_R_I_factor_obs                        ? 
_refine.ls_redundancy_reflns_all                 ? 
_refine.ls_redundancy_reflns_obs                 ? 
_refine.ls_restrained_S_all                      ? 
_refine.ls_restrained_S_obs                      ? 
_refine.ls_shift_over_esd_max                    ? 
_refine.ls_shift_over_esd_mean                   ? 
_refine.ls_structure_factor_coef                 ? 
_refine.ls_weighting_details                     ? 
_refine.ls_weighting_scheme                      ? 
_refine.ls_wR_factor_all                         ? 
_refine.ls_wR_factor_obs                         ? 
_refine.ls_wR_factor_R_free                      ? 
_refine.ls_wR_factor_R_work                      ? 
_refine.occupancy_max                            ? 
_refine.occupancy_min                            ? 
_refine.solvent_model_details                    'FLAT BULK SOLVENT MODEL' 
_refine.solvent_model_param_bsol                 ? 
_refine.solvent_model_param_ksol                 ? 
_refine.pdbx_R_complete                          ? 
_refine.ls_R_factor_gt                           ? 
_refine.ls_goodness_of_fit_gt                    ? 
_refine.ls_goodness_of_fit_ref                   ? 
_refine.ls_shift_over_su_max                     ? 
_refine.ls_shift_over_su_max_lt                  ? 
_refine.ls_shift_over_su_mean                    ? 
_refine.ls_shift_over_su_mean_lt                 ? 
_refine.pdbx_ls_sigma_I                          ? 
_refine.pdbx_ls_sigma_F                          1.370 
_refine.pdbx_ls_sigma_Fsqd                       ? 
_refine.pdbx_data_cutoff_high_absF               ? 
_refine.pdbx_data_cutoff_high_rms_absF           ? 
_refine.pdbx_data_cutoff_low_absF                ? 
_refine.pdbx_isotropic_thermal_model             ? 
_refine.pdbx_ls_cross_valid_method               THROUGHOUT 
_refine.pdbx_method_to_determine_struct          'MOLECULAR REPLACEMENT' 
_refine.pdbx_starting_model                      'PDB entry 2HDX' 
_refine.pdbx_stereochemistry_target_values       ML 
_refine.pdbx_R_Free_selection_details            ? 
_refine.pdbx_stereochem_target_val_spec_case     ? 
_refine.pdbx_overall_ESU_R                       ? 
_refine.pdbx_overall_ESU_R_Free                  ? 
_refine.pdbx_solvent_vdw_probe_radii             1.1100 
_refine.pdbx_solvent_ion_probe_radii             ? 
_refine.pdbx_solvent_shrinkage_radii             0.9000 
_refine.pdbx_real_space_R                        ? 
_refine.pdbx_density_correlation                 ? 
_refine.pdbx_pd_number_of_powder_patterns        ? 
_refine.pdbx_pd_number_of_points                 ? 
_refine.pdbx_pd_meas_number_of_points            ? 
_refine.pdbx_pd_proc_ls_prof_R_factor            ? 
_refine.pdbx_pd_proc_ls_prof_wR_factor           ? 
_refine.pdbx_pd_Marquardt_correlation_coeff      ? 
_refine.pdbx_pd_Fsqrd_R_factor                   ? 
_refine.pdbx_pd_ls_matrix_band_width             ? 
_refine.pdbx_overall_phase_error                 26.9400 
_refine.pdbx_overall_SU_R_free_Cruickshank_DPI   ? 
_refine.pdbx_overall_SU_R_free_Blow_DPI          ? 
_refine.pdbx_overall_SU_R_Blow_DPI               ? 
_refine.pdbx_TLS_residual_ADP_flag               ? 
_refine.pdbx_diffrn_id                           1 
_refine.overall_SU_B                             ? 
_refine.overall_SU_ML                            0.2300 
_refine.overall_SU_R_Cruickshank_DPI             ? 
_refine.overall_SU_R_free                        ? 
_refine.overall_FOM_free_R_set                   ? 
_refine.overall_FOM_work_R_set                   ? 
_refine.pdbx_average_fsc_overall                 ? 
_refine.pdbx_average_fsc_work                    ? 
_refine.pdbx_average_fsc_free                    ? 
# 
_refine_hist.pdbx_refine_id                   'X-RAY DIFFRACTION' 
_refine_hist.cycle_id                         final 
_refine_hist.details                          ? 
_refine_hist.d_res_high                       1.9000 
_refine_hist.d_res_low                        38.5900 
_refine_hist.number_atoms_solvent             25 
_refine_hist.number_atoms_total               923 
_refine_hist.number_reflns_all                ? 
_refine_hist.number_reflns_obs                ? 
_refine_hist.number_reflns_R_free             ? 
_refine_hist.number_reflns_R_work             ? 
_refine_hist.R_factor_all                     ? 
_refine_hist.R_factor_obs                     ? 
_refine_hist.R_factor_R_free                  ? 
_refine_hist.R_factor_R_work                  ? 
_refine_hist.pdbx_number_residues_total       118 
_refine_hist.pdbx_B_iso_mean_ligand           ? 
_refine_hist.pdbx_B_iso_mean_solvent          39.93 
_refine_hist.pdbx_number_atoms_protein        898 
_refine_hist.pdbx_number_atoms_nucleic_acid   0 
_refine_hist.pdbx_number_atoms_ligand         0 
_refine_hist.pdbx_number_atoms_lipid          ? 
_refine_hist.pdbx_number_atoms_carb           ? 
_refine_hist.pdbx_pseudo_atom_details         ? 
# 
loop_
_refine_ls_shell.pdbx_refine_id 
_refine_ls_shell.d_res_high 
_refine_ls_shell.d_res_low 
_refine_ls_shell.number_reflns_all 
_refine_ls_shell.number_reflns_obs 
_refine_ls_shell.number_reflns_R_free 
_refine_ls_shell.number_reflns_R_work 
_refine_ls_shell.percent_reflns_obs 
_refine_ls_shell.percent_reflns_R_free 
_refine_ls_shell.R_factor_all 
_refine_ls_shell.R_factor_obs 
_refine_ls_shell.R_factor_R_free 
_refine_ls_shell.R_factor_R_free_error 
_refine_ls_shell.R_factor_R_work 
_refine_ls_shell.redundancy_reflns_all 
_refine_ls_shell.redundancy_reflns_obs 
_refine_ls_shell.wR_factor_all 
_refine_ls_shell.wR_factor_obs 
_refine_ls_shell.wR_factor_R_free 
_refine_ls_shell.wR_factor_R_work 
_refine_ls_shell.pdbx_R_complete 
_refine_ls_shell.pdbx_total_number_of_bins_used 
_refine_ls_shell.pdbx_phase_error 
_refine_ls_shell.pdbx_fsc_work 
_refine_ls_shell.pdbx_fsc_free 
'X-RAY DIFFRACTION' 1.9000 2.0200  1324 . 133 1191 99.0000  . . . 0.2896 0.0000 0.2277 . . . . . . . 6 . . . 
'X-RAY DIFFRACTION' 2.0200 2.1800  1344 . 134 1210 100.0000 . . . 0.3034 0.0000 0.2098 . . . . . . . 6 . . . 
'X-RAY DIFFRACTION' 2.1800 2.3900  1339 . 134 1205 100.0000 . . . 0.2544 0.0000 0.2031 . . . . . . . 6 . . . 
'X-RAY DIFFRACTION' 2.3900 2.7400  1347 . 135 1212 100.0000 . . . 0.3397 0.0000 0.2404 . . . . . . . 6 . . . 
'X-RAY DIFFRACTION' 2.7400 3.4500  1360 . 137 1223 99.0000  . . . 0.2506 0.0000 0.2060 . . . . . . . 6 . . . 
'X-RAY DIFFRACTION' 3.4500 38.5900 1377 . 138 1239 100.0000 . . . 0.2115 0.0000 0.1696 . . . . . . . 6 . . . 
# 
_struct.entry_id                     7R8W 
_struct.title                        'Crystal Structure of the LNK SH2 Domain in Complex with a JAK2 pY813 Phosphopeptide' 
_struct.pdbx_model_details           ? 
_struct.pdbx_formula_weight          ? 
_struct.pdbx_formula_weight_method   ? 
_struct.pdbx_model_type_details      ? 
_struct.pdbx_CASP_flag               N 
# 
_struct_keywords.entry_id        7R8W 
_struct_keywords.text            'LNK, SH2B3, JAK/STAT, MPNs, SIGNALING PROTEIN' 
_struct_keywords.pdbx_keywords   'SIGNALING PROTEIN' 
# 
loop_
_struct_asym.id 
_struct_asym.pdbx_blank_PDB_chainid_flag 
_struct_asym.pdbx_modified 
_struct_asym.entity_id 
_struct_asym.details 
A N N 1 ? 
B N N 2 ? 
C N N 3 ? 
D N N 3 ? 
# 
loop_
_struct_ref.id 
_struct_ref.db_name 
_struct_ref.db_code 
_struct_ref.pdbx_db_accession 
_struct_ref.pdbx_db_isoform 
_struct_ref.entity_id 
_struct_ref.pdbx_seq_one_letter_code 
_struct_ref.pdbx_align_begin 
1 UNP SH2B3_MOUSE O09039 ? 1 
;QKTDHFLSCYPWFHGPISRVRAAQLVQLQGPDAHGVFLVRQSESRRGEYVLTFNLQGRAKHLRLVLTERGQCRVQHLHFP
SVVDMLRHFQRSPIPLECGAACDVRLSGYVVVL
;
325 
2 PDB 7R8W        7R8W   ? 2 ? 1   
# 
loop_
_struct_ref_seq.align_id 
_struct_ref_seq.ref_id 
_struct_ref_seq.pdbx_PDB_id_code 
_struct_ref_seq.pdbx_strand_id 
_struct_ref_seq.seq_align_beg 
_struct_ref_seq.pdbx_seq_align_beg_ins_code 
_struct_ref_seq.seq_align_end 
_struct_ref_seq.pdbx_seq_align_end_ins_code 
_struct_ref_seq.pdbx_db_accession 
_struct_ref_seq.db_align_beg 
_struct_ref_seq.pdbx_db_align_beg_ins_code 
_struct_ref_seq.db_align_end 
_struct_ref_seq.pdbx_db_align_end_ins_code 
_struct_ref_seq.pdbx_auth_seq_align_beg 
_struct_ref_seq.pdbx_auth_seq_align_end 
1 1 7R8W A 1 ? 113 ? O09039 325 ? 437 ? 325 437 
2 2 7R8W B 1 ? 5   ? 7R8W   5   ? 9   ? 5   9   
# 
_pdbx_struct_assembly.id                   1 
_pdbx_struct_assembly.details              author_and_software_defined_assembly 
_pdbx_struct_assembly.method_details       PISA 
_pdbx_struct_assembly.oligomeric_details   dimeric 
_pdbx_struct_assembly.oligomeric_count     2 
# 
loop_
_pdbx_struct_assembly_prop.biol_id 
_pdbx_struct_assembly_prop.type 
_pdbx_struct_assembly_prop.value 
_pdbx_struct_assembly_prop.details 
1 'ABSA (A^2)' 1170 ? 
1 MORE         -9   ? 
1 'SSA (A^2)'  6070 ? 
# 
_pdbx_struct_assembly_gen.assembly_id       1 
_pdbx_struct_assembly_gen.oper_expression   1 
_pdbx_struct_assembly_gen.asym_id_list      A,B,C,D 
# 
_pdbx_struct_assembly_auth_evidence.id                     1 
_pdbx_struct_assembly_auth_evidence.assembly_id            1 
_pdbx_struct_assembly_auth_evidence.experimental_support   'gel filtration' 
_pdbx_struct_assembly_auth_evidence.details                ? 
# 
_pdbx_struct_oper_list.id                   1 
_pdbx_struct_oper_list.type                 'identity operation' 
_pdbx_struct_oper_list.name                 1_555 
_pdbx_struct_oper_list.symmetry_operation   x,y,z 
_pdbx_struct_oper_list.matrix[1][1]         1.0000000000 
_pdbx_struct_oper_list.matrix[1][2]         0.0000000000 
_pdbx_struct_oper_list.matrix[1][3]         0.0000000000 
_pdbx_struct_oper_list.vector[1]            0.0000000000 
_pdbx_struct_oper_list.matrix[2][1]         0.0000000000 
_pdbx_struct_oper_list.matrix[2][2]         1.0000000000 
_pdbx_struct_oper_list.matrix[2][3]         0.0000000000 
_pdbx_struct_oper_list.vector[2]            0.0000000000 
_pdbx_struct_oper_list.matrix[3][1]         0.0000000000 
_pdbx_struct_oper_list.matrix[3][2]         0.0000000000 
_pdbx_struct_oper_list.matrix[3][3]         1.0000000000 
_pdbx_struct_oper_list.vector[3]            0.0000000000 
# 
loop_
_struct_conf.conf_type_id 
_struct_conf.id 
_struct_conf.pdbx_PDB_helix_id 
_struct_conf.beg_label_comp_id 
_struct_conf.beg_label_asym_id 
_struct_conf.beg_label_seq_id 
_struct_conf.pdbx_beg_PDB_ins_code 
_struct_conf.end_label_comp_id 
_struct_conf.end_label_asym_id 
_struct_conf.end_label_seq_id 
_struct_conf.pdbx_end_PDB_ins_code 
_struct_conf.beg_auth_comp_id 
_struct_conf.beg_auth_asym_id 
_struct_conf.beg_auth_seq_id 
_struct_conf.end_auth_comp_id 
_struct_conf.end_auth_asym_id 
_struct_conf.end_auth_seq_id 
_struct_conf.pdbx_PDB_helix_class 
_struct_conf.details 
_struct_conf.pdbx_PDB_helix_length 
HELX_P HELX_P1 AA1 LYS A 2  ? SER A 8  ? LYS A 326 SER A 332 1 ? 7  
HELX_P HELX_P2 AA2 SER A 18 ? LEU A 28 ? SER A 342 LEU A 352 1 ? 11 
HELX_P HELX_P3 AA3 GLN A 29 ? HIS A 34 ? GLN A 353 HIS A 358 5 ? 6  
HELX_P HELX_P4 AA4 SER A 81 ? SER A 92 ? SER A 405 SER A 416 1 ? 12 
# 
_struct_conf_type.id          HELX_P 
_struct_conf_type.criteria    ? 
_struct_conf_type.reference   ? 
# 
loop_
_struct_conn.id 
_struct_conn.conn_type_id 
_struct_conn.pdbx_leaving_atom_flag 
_struct_conn.pdbx_PDB_id 
_struct_conn.ptnr1_label_asym_id 
_struct_conn.ptnr1_label_comp_id 
_struct_conn.ptnr1_label_seq_id 
_struct_conn.ptnr1_label_atom_id 
_struct_conn.pdbx_ptnr1_label_alt_id 
_struct_conn.pdbx_ptnr1_PDB_ins_code 
_struct_conn.pdbx_ptnr1_standard_comp_id 
_struct_conn.ptnr1_symmetry 
_struct_conn.ptnr2_label_asym_id 
_struct_conn.ptnr2_label_comp_id 
_struct_conn.ptnr2_label_seq_id 
_struct_conn.ptnr2_label_atom_id 
_struct_conn.pdbx_ptnr2_label_alt_id 
_struct_conn.pdbx_ptnr2_PDB_ins_code 
_struct_conn.ptnr1_auth_asym_id 
_struct_conn.ptnr1_auth_comp_id 
_struct_conn.ptnr1_auth_seq_id 
_struct_conn.ptnr2_auth_asym_id 
_struct_conn.ptnr2_auth_comp_id 
_struct_conn.ptnr2_auth_seq_id 
_struct_conn.ptnr2_symmetry 
_struct_conn.pdbx_ptnr3_label_atom_id 
_struct_conn.pdbx_ptnr3_label_seq_id 
_struct_conn.pdbx_ptnr3_label_comp_id 
_struct_conn.pdbx_ptnr3_label_asym_id 
_struct_conn.pdbx_ptnr3_label_alt_id 
_struct_conn.pdbx_ptnr3_PDB_ins_code 
_struct_conn.details 
_struct_conn.pdbx_dist_value 
_struct_conn.pdbx_value_order 
_struct_conn.pdbx_role 
disulf1 disulf ?    ? A CYS 98 SG ? ? ? 1_555 A CYS 102 SG ? ? A CYS 422 A CYS 426 1_555 ? ? ? ? ? ? ? 2.037 ? ? 
covale1 covale both ? B PTR 1  C  ? ? ? 1_555 B GLU 2   N  ? ? B PTR 5   B GLU 6   1_555 ? ? ? ? ? ? ? 1.320 ? ? 
# 
loop_
_struct_conn_type.id 
_struct_conn_type.criteria 
_struct_conn_type.reference 
disulf ? ? 
covale ? ? 
# 
loop_
_pdbx_modification_feature.ordinal 
_pdbx_modification_feature.label_comp_id 
_pdbx_modification_feature.label_asym_id 
_pdbx_modification_feature.label_seq_id 
_pdbx_modification_feature.label_alt_id 
_pdbx_modification_feature.modified_residue_label_comp_id 
_pdbx_modification_feature.modified_residue_label_asym_id 
_pdbx_modification_feature.modified_residue_label_seq_id 
_pdbx_modification_feature.modified_residue_label_alt_id 
_pdbx_modification_feature.auth_comp_id 
_pdbx_modification_feature.auth_asym_id 
_pdbx_modification_feature.auth_seq_id 
_pdbx_modification_feature.PDB_ins_code 
_pdbx_modification_feature.symmetry 
_pdbx_modification_feature.modified_residue_auth_comp_id 
_pdbx_modification_feature.modified_residue_auth_asym_id 
_pdbx_modification_feature.modified_residue_auth_seq_id 
_pdbx_modification_feature.modified_residue_PDB_ins_code 
_pdbx_modification_feature.modified_residue_symmetry 
_pdbx_modification_feature.comp_id_linking_atom 
_pdbx_modification_feature.modified_residue_id_linking_atom 
_pdbx_modification_feature.modified_residue_id 
_pdbx_modification_feature.ref_pcm_id 
_pdbx_modification_feature.ref_comp_id 
_pdbx_modification_feature.type 
_pdbx_modification_feature.category 
1 PTR B 1  ? .   . .   . PTR B 5   ? 1_555 .   . .   . .     .  .  TYR 1 PTR Phosphorylation 'Named protein modification' 
2 CYS A 98 ? CYS A 102 ? CYS A 422 ? 1_555 CYS A 426 ? 1_555 SG SG .   . .   None            'Disulfide bridge'           
# 
_struct_sheet.id               AA1 
_struct_sheet.type             ? 
_struct_sheet.number_strands   5 
_struct_sheet.details          ? 
# 
loop_
_struct_sheet_order.sheet_id 
_struct_sheet_order.range_id_1 
_struct_sheet_order.range_id_2 
_struct_sheet_order.offset 
_struct_sheet_order.sense 
AA1 1 2 ? anti-parallel 
AA1 2 3 ? anti-parallel 
AA1 3 4 ? anti-parallel 
AA1 4 5 ? anti-parallel 
# 
loop_
_struct_sheet_range.sheet_id 
_struct_sheet_range.id 
_struct_sheet_range.beg_label_comp_id 
_struct_sheet_range.beg_label_asym_id 
_struct_sheet_range.beg_label_seq_id 
_struct_sheet_range.pdbx_beg_PDB_ins_code 
_struct_sheet_range.end_label_comp_id 
_struct_sheet_range.end_label_asym_id 
_struct_sheet_range.end_label_seq_id 
_struct_sheet_range.pdbx_end_PDB_ins_code 
_struct_sheet_range.beg_auth_comp_id 
_struct_sheet_range.beg_auth_asym_id 
_struct_sheet_range.beg_auth_seq_id 
_struct_sheet_range.end_auth_comp_id 
_struct_sheet_range.end_auth_asym_id 
_struct_sheet_range.end_auth_seq_id 
AA1 1 PHE A 37 ? GLN A 41 ? PHE A 361 GLN A 365 
AA1 2 TYR A 49 ? LEU A 55 ? TYR A 373 LEU A 379 
AA1 3 ARG A 58 ? LEU A 66 ? ARG A 382 LEU A 390 
AA1 4 CYS A 72 ? VAL A 74 ? CYS A 396 VAL A 398 
AA1 5 LEU A 77 ? PHE A 79 ? LEU A 401 PHE A 403 
# 
loop_
_pdbx_struct_sheet_hbond.sheet_id 
_pdbx_struct_sheet_hbond.range_id_1 
_pdbx_struct_sheet_hbond.range_id_2 
_pdbx_struct_sheet_hbond.range_1_label_atom_id 
_pdbx_struct_sheet_hbond.range_1_label_comp_id 
_pdbx_struct_sheet_hbond.range_1_label_asym_id 
_pdbx_struct_sheet_hbond.range_1_label_seq_id 
_pdbx_struct_sheet_hbond.range_1_PDB_ins_code 
_pdbx_struct_sheet_hbond.range_1_auth_atom_id 
_pdbx_struct_sheet_hbond.range_1_auth_comp_id 
_pdbx_struct_sheet_hbond.range_1_auth_asym_id 
_pdbx_struct_sheet_hbond.range_1_auth_seq_id 
_pdbx_struct_sheet_hbond.range_2_label_atom_id 
_pdbx_struct_sheet_hbond.range_2_label_comp_id 
_pdbx_struct_sheet_hbond.range_2_label_asym_id 
_pdbx_struct_sheet_hbond.range_2_label_seq_id 
_pdbx_struct_sheet_hbond.range_2_PDB_ins_code 
_pdbx_struct_sheet_hbond.range_2_auth_atom_id 
_pdbx_struct_sheet_hbond.range_2_auth_comp_id 
_pdbx_struct_sheet_hbond.range_2_auth_asym_id 
_pdbx_struct_sheet_hbond.range_2_auth_seq_id 
AA1 1 2 N ARG A 40 ? N ARG A 364 O VAL A 50 ? O VAL A 374 
AA1 2 3 N LEU A 55 ? N LEU A 379 O ARG A 58 ? O ARG A 382 
AA1 3 4 N VAL A 65 ? N VAL A 389 O ARG A 73 ? O ARG A 397 
AA1 4 5 N CYS A 72 ? N CYS A 396 O PHE A 79 ? O PHE A 403 
# 
_pdbx_entry_details.entry_id                   7R8W 
_pdbx_entry_details.has_ligand_of_interest     Y 
_pdbx_entry_details.compound_details           ? 
_pdbx_entry_details.source_details             ? 
_pdbx_entry_details.nonpolymer_details         ? 
_pdbx_entry_details.sequence_details           ? 
_pdbx_entry_details.has_protein_modification   Y 
# 
loop_
_pdbx_validate_torsion.id 
_pdbx_validate_torsion.PDB_model_num 
_pdbx_validate_torsion.auth_comp_id 
_pdbx_validate_torsion.auth_asym_id 
_pdbx_validate_torsion.auth_seq_id 
_pdbx_validate_torsion.PDB_ins_code 
_pdbx_validate_torsion.label_alt_id 
_pdbx_validate_torsion.phi 
_pdbx_validate_torsion.psi 
1 1 PRO A 340 ? ? -91.74  57.00   
2 1 GLN A 399 ? ? 53.00   -109.14 
3 1 CYS A 426 ? ? -104.73 67.92   
4 1 SER A 431 ? ? -110.89 -105.88 
# 
loop_
_chem_comp_atom.comp_id 
_chem_comp_atom.atom_id 
_chem_comp_atom.type_symbol 
_chem_comp_atom.pdbx_aromatic_flag 
_chem_comp_atom.pdbx_stereo_config 
_chem_comp_atom.pdbx_ordinal 
ALA N    N N N 1   
ALA CA   C N S 2   
ALA C    C N N 3   
ALA O    O N N 4   
ALA CB   C N N 5   
ALA OXT  O N N 6   
ALA H    H N N 7   
ALA H2   H N N 8   
ALA HA   H N N 9   
ALA HB1  H N N 10  
ALA HB2  H N N 11  
ALA HB3  H N N 12  
ALA HXT  H N N 13  
ARG N    N N N 14  
ARG CA   C N S 15  
ARG C    C N N 16  
ARG O    O N N 17  
ARG CB   C N N 18  
ARG CG   C N N 19  
ARG CD   C N N 20  
ARG NE   N N N 21  
ARG CZ   C N N 22  
ARG NH1  N N N 23  
ARG NH2  N N N 24  
ARG OXT  O N N 25  
ARG H    H N N 26  
ARG H2   H N N 27  
ARG HA   H N N 28  
ARG HB2  H N N 29  
ARG HB3  H N N 30  
ARG HG2  H N N 31  
ARG HG3  H N N 32  
ARG HD2  H N N 33  
ARG HD3  H N N 34  
ARG HE   H N N 35  
ARG HH11 H N N 36  
ARG HH12 H N N 37  
ARG HH21 H N N 38  
ARG HH22 H N N 39  
ARG HXT  H N N 40  
ASN N    N N N 41  
ASN CA   C N S 42  
ASN C    C N N 43  
ASN O    O N N 44  
ASN CB   C N N 45  
ASN CG   C N N 46  
ASN OD1  O N N 47  
ASN ND2  N N N 48  
ASN OXT  O N N 49  
ASN H    H N N 50  
ASN H2   H N N 51  
ASN HA   H N N 52  
ASN HB2  H N N 53  
ASN HB3  H N N 54  
ASN HD21 H N N 55  
ASN HD22 H N N 56  
ASN HXT  H N N 57  
ASP N    N N N 58  
ASP CA   C N S 59  
ASP C    C N N 60  
ASP O    O N N 61  
ASP CB   C N N 62  
ASP CG   C N N 63  
ASP OD1  O N N 64  
ASP OD2  O N N 65  
ASP OXT  O N N 66  
ASP H    H N N 67  
ASP H2   H N N 68  
ASP HA   H N N 69  
ASP HB2  H N N 70  
ASP HB3  H N N 71  
ASP HD2  H N N 72  
ASP HXT  H N N 73  
CYS N    N N N 74  
CYS CA   C N R 75  
CYS C    C N N 76  
CYS O    O N N 77  
CYS CB   C N N 78  
CYS SG   S N N 79  
CYS OXT  O N N 80  
CYS H    H N N 81  
CYS H2   H N N 82  
CYS HA   H N N 83  
CYS HB2  H N N 84  
CYS HB3  H N N 85  
CYS HG   H N N 86  
CYS HXT  H N N 87  
GLN N    N N N 88  
GLN CA   C N S 89  
GLN C    C N N 90  
GLN O    O N N 91  
GLN CB   C N N 92  
GLN CG   C N N 93  
GLN CD   C N N 94  
GLN OE1  O N N 95  
GLN NE2  N N N 96  
GLN OXT  O N N 97  
GLN H    H N N 98  
GLN H2   H N N 99  
GLN HA   H N N 100 
GLN HB2  H N N 101 
GLN HB3  H N N 102 
GLN HG2  H N N 103 
GLN HG3  H N N 104 
GLN HE21 H N N 105 
GLN HE22 H N N 106 
GLN HXT  H N N 107 
GLU N    N N N 108 
GLU CA   C N S 109 
GLU C    C N N 110 
GLU O    O N N 111 
GLU CB   C N N 112 
GLU CG   C N N 113 
GLU CD   C N N 114 
GLU OE1  O N N 115 
GLU OE2  O N N 116 
GLU OXT  O N N 117 
GLU H    H N N 118 
GLU H2   H N N 119 
GLU HA   H N N 120 
GLU HB2  H N N 121 
GLU HB3  H N N 122 
GLU HG2  H N N 123 
GLU HG3  H N N 124 
GLU HE2  H N N 125 
GLU HXT  H N N 126 
GLY N    N N N 127 
GLY CA   C N N 128 
GLY C    C N N 129 
GLY O    O N N 130 
GLY OXT  O N N 131 
GLY H    H N N 132 
GLY H2   H N N 133 
GLY HA2  H N N 134 
GLY HA3  H N N 135 
GLY HXT  H N N 136 
HIS N    N N N 137 
HIS CA   C N S 138 
HIS C    C N N 139 
HIS O    O N N 140 
HIS CB   C N N 141 
HIS CG   C Y N 142 
HIS ND1  N Y N 143 
HIS CD2  C Y N 144 
HIS CE1  C Y N 145 
HIS NE2  N Y N 146 
HIS OXT  O N N 147 
HIS H    H N N 148 
HIS H2   H N N 149 
HIS HA   H N N 150 
HIS HB2  H N N 151 
HIS HB3  H N N 152 
HIS HD1  H N N 153 
HIS HD2  H N N 154 
HIS HE1  H N N 155 
HIS HE2  H N N 156 
HIS HXT  H N N 157 
HOH O    O N N 158 
HOH H1   H N N 159 
HOH H2   H N N 160 
ILE N    N N N 161 
ILE CA   C N S 162 
ILE C    C N N 163 
ILE O    O N N 164 
ILE CB   C N S 165 
ILE CG1  C N N 166 
ILE CG2  C N N 167 
ILE CD1  C N N 168 
ILE OXT  O N N 169 
ILE H    H N N 170 
ILE H2   H N N 171 
ILE HA   H N N 172 
ILE HB   H N N 173 
ILE HG12 H N N 174 
ILE HG13 H N N 175 
ILE HG21 H N N 176 
ILE HG22 H N N 177 
ILE HG23 H N N 178 
ILE HD11 H N N 179 
ILE HD12 H N N 180 
ILE HD13 H N N 181 
ILE HXT  H N N 182 
LEU N    N N N 183 
LEU CA   C N S 184 
LEU C    C N N 185 
LEU O    O N N 186 
LEU CB   C N N 187 
LEU CG   C N N 188 
LEU CD1  C N N 189 
LEU CD2  C N N 190 
LEU OXT  O N N 191 
LEU H    H N N 192 
LEU H2   H N N 193 
LEU HA   H N N 194 
LEU HB2  H N N 195 
LEU HB3  H N N 196 
LEU HG   H N N 197 
LEU HD11 H N N 198 
LEU HD12 H N N 199 
LEU HD13 H N N 200 
LEU HD21 H N N 201 
LEU HD22 H N N 202 
LEU HD23 H N N 203 
LEU HXT  H N N 204 
LYS N    N N N 205 
LYS CA   C N S 206 
LYS C    C N N 207 
LYS O    O N N 208 
LYS CB   C N N 209 
LYS CG   C N N 210 
LYS CD   C N N 211 
LYS CE   C N N 212 
LYS NZ   N N N 213 
LYS OXT  O N N 214 
LYS H    H N N 215 
LYS H2   H N N 216 
LYS HA   H N N 217 
LYS HB2  H N N 218 
LYS HB3  H N N 219 
LYS HG2  H N N 220 
LYS HG3  H N N 221 
LYS HD2  H N N 222 
LYS HD3  H N N 223 
LYS HE2  H N N 224 
LYS HE3  H N N 225 
LYS HZ1  H N N 226 
LYS HZ2  H N N 227 
LYS HZ3  H N N 228 
LYS HXT  H N N 229 
MET N    N N N 230 
MET CA   C N S 231 
MET C    C N N 232 
MET O    O N N 233 
MET CB   C N N 234 
MET CG   C N N 235 
MET SD   S N N 236 
MET CE   C N N 237 
MET OXT  O N N 238 
MET H    H N N 239 
MET H2   H N N 240 
MET HA   H N N 241 
MET HB2  H N N 242 
MET HB3  H N N 243 
MET HG2  H N N 244 
MET HG3  H N N 245 
MET HE1  H N N 246 
MET HE2  H N N 247 
MET HE3  H N N 248 
MET HXT  H N N 249 
PHE N    N N N 250 
PHE CA   C N S 251 
PHE C    C N N 252 
PHE O    O N N 253 
PHE CB   C N N 254 
PHE CG   C Y N 255 
PHE CD1  C Y N 256 
PHE CD2  C Y N 257 
PHE CE1  C Y N 258 
PHE CE2  C Y N 259 
PHE CZ   C Y N 260 
PHE OXT  O N N 261 
PHE H    H N N 262 
PHE H2   H N N 263 
PHE HA   H N N 264 
PHE HB2  H N N 265 
PHE HB3  H N N 266 
PHE HD1  H N N 267 
PHE HD2  H N N 268 
PHE HE1  H N N 269 
PHE HE2  H N N 270 
PHE HZ   H N N 271 
PHE HXT  H N N 272 
PRO N    N N N 273 
PRO CA   C N S 274 
PRO C    C N N 275 
PRO O    O N N 276 
PRO CB   C N N 277 
PRO CG   C N N 278 
PRO CD   C N N 279 
PRO OXT  O N N 280 
PRO H    H N N 281 
PRO HA   H N N 282 
PRO HB2  H N N 283 
PRO HB3  H N N 284 
PRO HG2  H N N 285 
PRO HG3  H N N 286 
PRO HD2  H N N 287 
PRO HD3  H N N 288 
PRO HXT  H N N 289 
PTR N    N N N 290 
PTR CA   C N S 291 
PTR C    C N N 292 
PTR O    O N N 293 
PTR OXT  O N N 294 
PTR CB   C N N 295 
PTR CG   C Y N 296 
PTR CD1  C Y N 297 
PTR CD2  C Y N 298 
PTR CE1  C Y N 299 
PTR CE2  C Y N 300 
PTR CZ   C Y N 301 
PTR OH   O N N 302 
PTR P    P N N 303 
PTR O1P  O N N 304 
PTR O2P  O N N 305 
PTR O3P  O N N 306 
PTR H    H N N 307 
PTR H2   H N N 308 
PTR HA   H N N 309 
PTR HXT  H N N 310 
PTR HB2  H N N 311 
PTR HB3  H N N 312 
PTR HD1  H N N 313 
PTR HD2  H N N 314 
PTR HE1  H N N 315 
PTR HE2  H N N 316 
PTR HO2P H N N 317 
PTR HO3P H N N 318 
SER N    N N N 319 
SER CA   C N S 320 
SER C    C N N 321 
SER O    O N N 322 
SER CB   C N N 323 
SER OG   O N N 324 
SER OXT  O N N 325 
SER H    H N N 326 
SER H2   H N N 327 
SER HA   H N N 328 
SER HB2  H N N 329 
SER HB3  H N N 330 
SER HG   H N N 331 
SER HXT  H N N 332 
THR N    N N N 333 
THR CA   C N S 334 
THR C    C N N 335 
THR O    O N N 336 
THR CB   C N R 337 
THR OG1  O N N 338 
THR CG2  C N N 339 
THR OXT  O N N 340 
THR H    H N N 341 
THR H2   H N N 342 
THR HA   H N N 343 
THR HB   H N N 344 
THR HG1  H N N 345 
THR HG21 H N N 346 
THR HG22 H N N 347 
THR HG23 H N N 348 
THR HXT  H N N 349 
TRP N    N N N 350 
TRP CA   C N S 351 
TRP C    C N N 352 
TRP O    O N N 353 
TRP CB   C N N 354 
TRP CG   C Y N 355 
TRP CD1  C Y N 356 
TRP CD2  C Y N 357 
TRP NE1  N Y N 358 
TRP CE2  C Y N 359 
TRP CE3  C Y N 360 
TRP CZ2  C Y N 361 
TRP CZ3  C Y N 362 
TRP CH2  C Y N 363 
TRP OXT  O N N 364 
TRP H    H N N 365 
TRP H2   H N N 366 
TRP HA   H N N 367 
TRP HB2  H N N 368 
TRP HB3  H N N 369 
TRP HD1  H N N 370 
TRP HE1  H N N 371 
TRP HE3  H N N 372 
TRP HZ2  H N N 373 
TRP HZ3  H N N 374 
TRP HH2  H N N 375 
TRP HXT  H N N 376 
TYR N    N N N 377 
TYR CA   C N S 378 
TYR C    C N N 379 
TYR O    O N N 380 
TYR CB   C N N 381 
TYR CG   C Y N 382 
TYR CD1  C Y N 383 
TYR CD2  C Y N 384 
TYR CE1  C Y N 385 
TYR CE2  C Y N 386 
TYR CZ   C Y N 387 
TYR OH   O N N 388 
TYR OXT  O N N 389 
TYR H    H N N 390 
TYR H2   H N N 391 
TYR HA   H N N 392 
TYR HB2  H N N 393 
TYR HB3  H N N 394 
TYR HD1  H N N 395 
TYR HD2  H N N 396 
TYR HE1  H N N 397 
TYR HE2  H N N 398 
TYR HH   H N N 399 
TYR HXT  H N N 400 
VAL N    N N N 401 
VAL CA   C N S 402 
VAL C    C N N 403 
VAL O    O N N 404 
VAL CB   C N N 405 
VAL CG1  C N N 406 
VAL CG2  C N N 407 
VAL OXT  O N N 408 
VAL H    H N N 409 
VAL H2   H N N 410 
VAL HA   H N N 411 
VAL HB   H N N 412 
VAL HG11 H N N 413 
VAL HG12 H N N 414 
VAL HG13 H N N 415 
VAL HG21 H N N 416 
VAL HG22 H N N 417 
VAL HG23 H N N 418 
VAL HXT  H N N 419 
# 
loop_
_chem_comp_bond.comp_id 
_chem_comp_bond.atom_id_1 
_chem_comp_bond.atom_id_2 
_chem_comp_bond.value_order 
_chem_comp_bond.pdbx_aromatic_flag 
_chem_comp_bond.pdbx_stereo_config 
_chem_comp_bond.pdbx_ordinal 
ALA N   CA   sing N N 1   
ALA N   H    sing N N 2   
ALA N   H2   sing N N 3   
ALA CA  C    sing N N 4   
ALA CA  CB   sing N N 5   
ALA CA  HA   sing N N 6   
ALA C   O    doub N N 7   
ALA C   OXT  sing N N 8   
ALA CB  HB1  sing N N 9   
ALA CB  HB2  sing N N 10  
ALA CB  HB3  sing N N 11  
ALA OXT HXT  sing N N 12  
ARG N   CA   sing N N 13  
ARG N   H    sing N N 14  
ARG N   H2   sing N N 15  
ARG CA  C    sing N N 16  
ARG CA  CB   sing N N 17  
ARG CA  HA   sing N N 18  
ARG C   O    doub N N 19  
ARG C   OXT  sing N N 20  
ARG CB  CG   sing N N 21  
ARG CB  HB2  sing N N 22  
ARG CB  HB3  sing N N 23  
ARG CG  CD   sing N N 24  
ARG CG  HG2  sing N N 25  
ARG CG  HG3  sing N N 26  
ARG CD  NE   sing N N 27  
ARG CD  HD2  sing N N 28  
ARG CD  HD3  sing N N 29  
ARG NE  CZ   sing N N 30  
ARG NE  HE   sing N N 31  
ARG CZ  NH1  sing N N 32  
ARG CZ  NH2  doub N N 33  
ARG NH1 HH11 sing N N 34  
ARG NH1 HH12 sing N N 35  
ARG NH2 HH21 sing N N 36  
ARG NH2 HH22 sing N N 37  
ARG OXT HXT  sing N N 38  
ASN N   CA   sing N N 39  
ASN N   H    sing N N 40  
ASN N   H2   sing N N 41  
ASN CA  C    sing N N 42  
ASN CA  CB   sing N N 43  
ASN CA  HA   sing N N 44  
ASN C   O    doub N N 45  
ASN C   OXT  sing N N 46  
ASN CB  CG   sing N N 47  
ASN CB  HB2  sing N N 48  
ASN CB  HB3  sing N N 49  
ASN CG  OD1  doub N N 50  
ASN CG  ND2  sing N N 51  
ASN ND2 HD21 sing N N 52  
ASN ND2 HD22 sing N N 53  
ASN OXT HXT  sing N N 54  
ASP N   CA   sing N N 55  
ASP N   H    sing N N 56  
ASP N   H2   sing N N 57  
ASP CA  C    sing N N 58  
ASP CA  CB   sing N N 59  
ASP CA  HA   sing N N 60  
ASP C   O    doub N N 61  
ASP C   OXT  sing N N 62  
ASP CB  CG   sing N N 63  
ASP CB  HB2  sing N N 64  
ASP CB  HB3  sing N N 65  
ASP CG  OD1  doub N N 66  
ASP CG  OD2  sing N N 67  
ASP OD2 HD2  sing N N 68  
ASP OXT HXT  sing N N 69  
CYS N   CA   sing N N 70  
CYS N   H    sing N N 71  
CYS N   H2   sing N N 72  
CYS CA  C    sing N N 73  
CYS CA  CB   sing N N 74  
CYS CA  HA   sing N N 75  
CYS C   O    doub N N 76  
CYS C   OXT  sing N N 77  
CYS CB  SG   sing N N 78  
CYS CB  HB2  sing N N 79  
CYS CB  HB3  sing N N 80  
CYS SG  HG   sing N N 81  
CYS OXT HXT  sing N N 82  
GLN N   CA   sing N N 83  
GLN N   H    sing N N 84  
GLN N   H2   sing N N 85  
GLN CA  C    sing N N 86  
GLN CA  CB   sing N N 87  
GLN CA  HA   sing N N 88  
GLN C   O    doub N N 89  
GLN C   OXT  sing N N 90  
GLN CB  CG   sing N N 91  
GLN CB  HB2  sing N N 92  
GLN CB  HB3  sing N N 93  
GLN CG  CD   sing N N 94  
GLN CG  HG2  sing N N 95  
GLN CG  HG3  sing N N 96  
GLN CD  OE1  doub N N 97  
GLN CD  NE2  sing N N 98  
GLN NE2 HE21 sing N N 99  
GLN NE2 HE22 sing N N 100 
GLN OXT HXT  sing N N 101 
GLU N   CA   sing N N 102 
GLU N   H    sing N N 103 
GLU N   H2   sing N N 104 
GLU CA  C    sing N N 105 
GLU CA  CB   sing N N 106 
GLU CA  HA   sing N N 107 
GLU C   O    doub N N 108 
GLU C   OXT  sing N N 109 
GLU CB  CG   sing N N 110 
GLU CB  HB2  sing N N 111 
GLU CB  HB3  sing N N 112 
GLU CG  CD   sing N N 113 
GLU CG  HG2  sing N N 114 
GLU CG  HG3  sing N N 115 
GLU CD  OE1  doub N N 116 
GLU CD  OE2  sing N N 117 
GLU OE2 HE2  sing N N 118 
GLU OXT HXT  sing N N 119 
GLY N   CA   sing N N 120 
GLY N   H    sing N N 121 
GLY N   H2   sing N N 122 
GLY CA  C    sing N N 123 
GLY CA  HA2  sing N N 124 
GLY CA  HA3  sing N N 125 
GLY C   O    doub N N 126 
GLY C   OXT  sing N N 127 
GLY OXT HXT  sing N N 128 
HIS N   CA   sing N N 129 
HIS N   H    sing N N 130 
HIS N   H2   sing N N 131 
HIS CA  C    sing N N 132 
HIS CA  CB   sing N N 133 
HIS CA  HA   sing N N 134 
HIS C   O    doub N N 135 
HIS C   OXT  sing N N 136 
HIS CB  CG   sing N N 137 
HIS CB  HB2  sing N N 138 
HIS CB  HB3  sing N N 139 
HIS CG  ND1  sing Y N 140 
HIS CG  CD2  doub Y N 141 
HIS ND1 CE1  doub Y N 142 
HIS ND1 HD1  sing N N 143 
HIS CD2 NE2  sing Y N 144 
HIS CD2 HD2  sing N N 145 
HIS CE1 NE2  sing Y N 146 
HIS CE1 HE1  sing N N 147 
HIS NE2 HE2  sing N N 148 
HIS OXT HXT  sing N N 149 
HOH O   H1   sing N N 150 
HOH O   H2   sing N N 151 
ILE N   CA   sing N N 152 
ILE N   H    sing N N 153 
ILE N   H2   sing N N 154 
ILE CA  C    sing N N 155 
ILE CA  CB   sing N N 156 
ILE CA  HA   sing N N 157 
ILE C   O    doub N N 158 
ILE C   OXT  sing N N 159 
ILE CB  CG1  sing N N 160 
ILE CB  CG2  sing N N 161 
ILE CB  HB   sing N N 162 
ILE CG1 CD1  sing N N 163 
ILE CG1 HG12 sing N N 164 
ILE CG1 HG13 sing N N 165 
ILE CG2 HG21 sing N N 166 
ILE CG2 HG22 sing N N 167 
ILE CG2 HG23 sing N N 168 
ILE CD1 HD11 sing N N 169 
ILE CD1 HD12 sing N N 170 
ILE CD1 HD13 sing N N 171 
ILE OXT HXT  sing N N 172 
LEU N   CA   sing N N 173 
LEU N   H    sing N N 174 
LEU N   H2   sing N N 175 
LEU CA  C    sing N N 176 
LEU CA  CB   sing N N 177 
LEU CA  HA   sing N N 178 
LEU C   O    doub N N 179 
LEU C   OXT  sing N N 180 
LEU CB  CG   sing N N 181 
LEU CB  HB2  sing N N 182 
LEU CB  HB3  sing N N 183 
LEU CG  CD1  sing N N 184 
LEU CG  CD2  sing N N 185 
LEU CG  HG   sing N N 186 
LEU CD1 HD11 sing N N 187 
LEU CD1 HD12 sing N N 188 
LEU CD1 HD13 sing N N 189 
LEU CD2 HD21 sing N N 190 
LEU CD2 HD22 sing N N 191 
LEU CD2 HD23 sing N N 192 
LEU OXT HXT  sing N N 193 
LYS N   CA   sing N N 194 
LYS N   H    sing N N 195 
LYS N   H2   sing N N 196 
LYS CA  C    sing N N 197 
LYS CA  CB   sing N N 198 
LYS CA  HA   sing N N 199 
LYS C   O    doub N N 200 
LYS C   OXT  sing N N 201 
LYS CB  CG   sing N N 202 
LYS CB  HB2  sing N N 203 
LYS CB  HB3  sing N N 204 
LYS CG  CD   sing N N 205 
LYS CG  HG2  sing N N 206 
LYS CG  HG3  sing N N 207 
LYS CD  CE   sing N N 208 
LYS CD  HD2  sing N N 209 
LYS CD  HD3  sing N N 210 
LYS CE  NZ   sing N N 211 
LYS CE  HE2  sing N N 212 
LYS CE  HE3  sing N N 213 
LYS NZ  HZ1  sing N N 214 
LYS NZ  HZ2  sing N N 215 
LYS NZ  HZ3  sing N N 216 
LYS OXT HXT  sing N N 217 
MET N   CA   sing N N 218 
MET N   H    sing N N 219 
MET N   H2   sing N N 220 
MET CA  C    sing N N 221 
MET CA  CB   sing N N 222 
MET CA  HA   sing N N 223 
MET C   O    doub N N 224 
MET C   OXT  sing N N 225 
MET CB  CG   sing N N 226 
MET CB  HB2  sing N N 227 
MET CB  HB3  sing N N 228 
MET CG  SD   sing N N 229 
MET CG  HG2  sing N N 230 
MET CG  HG3  sing N N 231 
MET SD  CE   sing N N 232 
MET CE  HE1  sing N N 233 
MET CE  HE2  sing N N 234 
MET CE  HE3  sing N N 235 
MET OXT HXT  sing N N 236 
PHE N   CA   sing N N 237 
PHE N   H    sing N N 238 
PHE N   H2   sing N N 239 
PHE CA  C    sing N N 240 
PHE CA  CB   sing N N 241 
PHE CA  HA   sing N N 242 
PHE C   O    doub N N 243 
PHE C   OXT  sing N N 244 
PHE CB  CG   sing N N 245 
PHE CB  HB2  sing N N 246 
PHE CB  HB3  sing N N 247 
PHE CG  CD1  doub Y N 248 
PHE CG  CD2  sing Y N 249 
PHE CD1 CE1  sing Y N 250 
PHE CD1 HD1  sing N N 251 
PHE CD2 CE2  doub Y N 252 
PHE CD2 HD2  sing N N 253 
PHE CE1 CZ   doub Y N 254 
PHE CE1 HE1  sing N N 255 
PHE CE2 CZ   sing Y N 256 
PHE CE2 HE2  sing N N 257 
PHE CZ  HZ   sing N N 258 
PHE OXT HXT  sing N N 259 
PRO N   CA   sing N N 260 
PRO N   CD   sing N N 261 
PRO N   H    sing N N 262 
PRO CA  C    sing N N 263 
PRO CA  CB   sing N N 264 
PRO CA  HA   sing N N 265 
PRO C   O    doub N N 266 
PRO C   OXT  sing N N 267 
PRO CB  CG   sing N N 268 
PRO CB  HB2  sing N N 269 
PRO CB  HB3  sing N N 270 
PRO CG  CD   sing N N 271 
PRO CG  HG2  sing N N 272 
PRO CG  HG3  sing N N 273 
PRO CD  HD2  sing N N 274 
PRO CD  HD3  sing N N 275 
PRO OXT HXT  sing N N 276 
PTR N   CA   sing N N 277 
PTR N   H    sing N N 278 
PTR N   H2   sing N N 279 
PTR CA  C    sing N N 280 
PTR CA  CB   sing N N 281 
PTR CA  HA   sing N N 282 
PTR C   O    doub N N 283 
PTR C   OXT  sing N N 284 
PTR OXT HXT  sing N N 285 
PTR CB  CG   sing N N 286 
PTR CB  HB2  sing N N 287 
PTR CB  HB3  sing N N 288 
PTR CG  CD1  doub Y N 289 
PTR CG  CD2  sing Y N 290 
PTR CD1 CE1  sing Y N 291 
PTR CD1 HD1  sing N N 292 
PTR CD2 CE2  doub Y N 293 
PTR CD2 HD2  sing N N 294 
PTR CE1 CZ   doub Y N 295 
PTR CE1 HE1  sing N N 296 
PTR CE2 CZ   sing Y N 297 
PTR CE2 HE2  sing N N 298 
PTR CZ  OH   sing N N 299 
PTR OH  P    sing N N 300 
PTR P   O1P  doub N N 301 
PTR P   O2P  sing N N 302 
PTR P   O3P  sing N N 303 
PTR O2P HO2P sing N N 304 
PTR O3P HO3P sing N N 305 
SER N   CA   sing N N 306 
SER N   H    sing N N 307 
SER N   H2   sing N N 308 
SER CA  C    sing N N 309 
SER CA  CB   sing N N 310 
SER CA  HA   sing N N 311 
SER C   O    doub N N 312 
SER C   OXT  sing N N 313 
SER CB  OG   sing N N 314 
SER CB  HB2  sing N N 315 
SER CB  HB3  sing N N 316 
SER OG  HG   sing N N 317 
SER OXT HXT  sing N N 318 
THR N   CA   sing N N 319 
THR N   H    sing N N 320 
THR N   H2   sing N N 321 
THR CA  C    sing N N 322 
THR CA  CB   sing N N 323 
THR CA  HA   sing N N 324 
THR C   O    doub N N 325 
THR C   OXT  sing N N 326 
THR CB  OG1  sing N N 327 
THR CB  CG2  sing N N 328 
THR CB  HB   sing N N 329 
THR OG1 HG1  sing N N 330 
THR CG2 HG21 sing N N 331 
THR CG2 HG22 sing N N 332 
THR CG2 HG23 sing N N 333 
THR OXT HXT  sing N N 334 
TRP N   CA   sing N N 335 
TRP N   H    sing N N 336 
TRP N   H2   sing N N 337 
TRP CA  C    sing N N 338 
TRP CA  CB   sing N N 339 
TRP CA  HA   sing N N 340 
TRP C   O    doub N N 341 
TRP C   OXT  sing N N 342 
TRP CB  CG   sing N N 343 
TRP CB  HB2  sing N N 344 
TRP CB  HB3  sing N N 345 
TRP CG  CD1  doub Y N 346 
TRP CG  CD2  sing Y N 347 
TRP CD1 NE1  sing Y N 348 
TRP CD1 HD1  sing N N 349 
TRP CD2 CE2  doub Y N 350 
TRP CD2 CE3  sing Y N 351 
TRP NE1 CE2  sing Y N 352 
TRP NE1 HE1  sing N N 353 
TRP CE2 CZ2  sing Y N 354 
TRP CE3 CZ3  doub Y N 355 
TRP CE3 HE3  sing N N 356 
TRP CZ2 CH2  doub Y N 357 
TRP CZ2 HZ2  sing N N 358 
TRP CZ3 CH2  sing Y N 359 
TRP CZ3 HZ3  sing N N 360 
TRP CH2 HH2  sing N N 361 
TRP OXT HXT  sing N N 362 
TYR N   CA   sing N N 363 
TYR N   H    sing N N 364 
TYR N   H2   sing N N 365 
TYR CA  C    sing N N 366 
TYR CA  CB   sing N N 367 
TYR CA  HA   sing N N 368 
TYR C   O    doub N N 369 
TYR C   OXT  sing N N 370 
TYR CB  CG   sing N N 371 
TYR CB  HB2  sing N N 372 
TYR CB  HB3  sing N N 373 
TYR CG  CD1  doub Y N 374 
TYR CG  CD2  sing Y N 375 
TYR CD1 CE1  sing Y N 376 
TYR CD1 HD1  sing N N 377 
TYR CD2 CE2  doub Y N 378 
TYR CD2 HD2  sing N N 379 
TYR CE1 CZ   doub Y N 380 
TYR CE1 HE1  sing N N 381 
TYR CE2 CZ   sing Y N 382 
TYR CE2 HE2  sing N N 383 
TYR CZ  OH   sing N N 384 
TYR OH  HH   sing N N 385 
TYR OXT HXT  sing N N 386 
VAL N   CA   sing N N 387 
VAL N   H    sing N N 388 
VAL N   H2   sing N N 389 
VAL CA  C    sing N N 390 
VAL CA  CB   sing N N 391 
VAL CA  HA   sing N N 392 
VAL C   O    doub N N 393 
VAL C   OXT  sing N N 394 
VAL CB  CG1  sing N N 395 
VAL CB  CG2  sing N N 396 
VAL CB  HB   sing N N 397 
VAL CG1 HG11 sing N N 398 
VAL CG1 HG12 sing N N 399 
VAL CG1 HG13 sing N N 400 
VAL CG2 HG21 sing N N 401 
VAL CG2 HG22 sing N N 402 
VAL CG2 HG23 sing N N 403 
VAL OXT HXT  sing N N 404 
# 
_pdbx_audit_support.funding_organization   'National Health and Medical Research Council (NHMRC, Australia)' 
_pdbx_audit_support.country                Australia 
_pdbx_audit_support.grant_number           ? 
_pdbx_audit_support.ordinal                1 
# 
_pdbx_initial_refinement_model.id               1 
_pdbx_initial_refinement_model.entity_id_list   ? 
_pdbx_initial_refinement_model.type             'experimental model' 
_pdbx_initial_refinement_model.source_name      PDB 
_pdbx_initial_refinement_model.accession_code   2HDX 
_pdbx_initial_refinement_model.details          'PDB entry 2HDX' 
# 
_atom_sites.entry_id                    7R8W 
_atom_sites.Cartn_transf_matrix[1][1]   ? 
_atom_sites.Cartn_transf_matrix[1][2]   ? 
_atom_sites.Cartn_transf_matrix[1][3]   ? 
_atom_sites.Cartn_transf_matrix[2][1]   ? 
_atom_sites.Cartn_transf_matrix[2][2]   ? 
_atom_sites.Cartn_transf_matrix[2][3]   ? 
_atom_sites.Cartn_transf_matrix[3][1]   ? 
_atom_sites.Cartn_transf_matrix[3][2]   ? 
_atom_sites.Cartn_transf_matrix[3][3]   ? 
_atom_sites.Cartn_transf_vector[1]      ? 
_atom_sites.Cartn_transf_vector[2]      ? 
_atom_sites.Cartn_transf_vector[3]      ? 
_atom_sites.fract_transf_matrix[1][1]   -0.01500511 
_atom_sites.fract_transf_matrix[1][2]   0.01245345 
_atom_sites.fract_transf_matrix[1][3]   0.02111085 
_atom_sites.fract_transf_matrix[2][1]   -0.00094921 
_atom_sites.fract_transf_matrix[2][2]   -0.02301605 
_atom_sites.fract_transf_matrix[2][3]   0.01290267 
_atom_sites.fract_transf_matrix[3][1]   0.02026075 
_atom_sites.fract_transf_matrix[3][2]   0.00725597 
_atom_sites.fract_transf_matrix[3][3]   0.01443387 
_atom_sites.fract_transf_vector[1]      1.307103 
_atom_sites.fract_transf_vector[2]      0.021777 
_atom_sites.fract_transf_vector[3]      0.263910 
_atom_sites.solution_primary            ? 
_atom_sites.solution_secondary          ? 
_atom_sites.solution_hydrogens          ? 
_atom_sites.special_details             ? 
# 
loop_
_atom_type.symbol 
C 
N 
O 
P 
S 
# 
loop_
_atom_site.group_PDB 
_atom_site.id 
_atom_site.type_symbol 
_atom_site.label_atom_id 
_atom_site.label_alt_id 
_atom_site.label_comp_id 
_atom_site.label_asym_id 
_atom_site.label_entity_id 
_atom_site.label_seq_id 
_atom_site.pdbx_PDB_ins_code 
_atom_site.Cartn_x 
_atom_site.Cartn_y 
_atom_site.Cartn_z 
_atom_site.occupancy 
_atom_site.B_iso_or_equiv 
_atom_site.pdbx_formal_charge 
_atom_site.auth_seq_id 
_atom_site.auth_comp_id 
_atom_site.auth_asym_id 
_atom_site.auth_atom_id 
_atom_site.pdbx_PDB_model_num 
ATOM   1   N N   . GLN A 1 1   ? 15.629  -5.272  -6.861  1.00 48.40 ? 325 GLN A N   1 
ATOM   2   C CA  . GLN A 1 1   ? 15.785  -5.310  -8.312  1.00 48.01 ? 325 GLN A CA  1 
ATOM   3   C C   . GLN A 1 1   ? 16.057  -3.919  -8.878  1.00 49.25 ? 325 GLN A C   1 
ATOM   4   O O   . GLN A 1 1   ? 16.276  -2.957  -8.136  1.00 50.26 ? 325 GLN A O   1 
ATOM   5   C CB  . GLN A 1 1   ? 14.536  -5.902  -8.975  1.00 50.82 ? 325 GLN A CB  1 
ATOM   6   C CG  . GLN A 1 1   ? 13.315  -4.988  -8.916  1.00 48.12 ? 325 GLN A CG  1 
ATOM   7   N N   . LYS A 1 2   ? 16.029  -3.820  -10.206 1.00 50.21 ? 326 LYS A N   1 
ATOM   8   C CA  . LYS A 1 2   ? 16.231  -2.530  -10.853 1.00 51.02 ? 326 LYS A CA  1 
ATOM   9   C C   . LYS A 1 2   ? 15.072  -1.590  -10.550 1.00 54.39 ? 326 LYS A C   1 
ATOM   10  O O   . LYS A 1 2   ? 15.282  -0.431  -10.171 1.00 52.24 ? 326 LYS A O   1 
ATOM   11  C CB  . LYS A 1 2   ? 16.406  -2.729  -12.364 1.00 54.31 ? 326 LYS A CB  1 
ATOM   12  N N   . THR A 1 3   ? 13.837  -2.089  -10.687 1.00 53.15 ? 327 THR A N   1 
ATOM   13  C CA  . THR A 1 3   ? 12.656  -1.291  -10.373 1.00 55.68 ? 327 THR A CA  1 
ATOM   14  C C   . THR A 1 3   ? 12.602  -0.941  -8.894  1.00 51.28 ? 327 THR A C   1 
ATOM   15  O O   . THR A 1 3   ? 12.148  0.146   -8.520  1.00 52.92 ? 327 THR A O   1 
ATOM   16  C CB  . THR A 1 3   ? 11.384  -2.040  -10.781 1.00 54.12 ? 327 THR A CB  1 
ATOM   17  N N   . ASP A 1 4   ? 13.050  -1.852  -8.034  1.00 53.80 ? 328 ASP A N   1 
ATOM   18  C CA  . ASP A 1 4   ? 12.934  -1.628  -6.601  1.00 47.02 ? 328 ASP A CA  1 
ATOM   19  C C   . ASP A 1 4   ? 14.029  -0.727  -6.051  1.00 50.19 ? 328 ASP A C   1 
ATOM   20  O O   . ASP A 1 4   ? 14.001  -0.419  -4.853  1.00 51.71 ? 328 ASP A O   1 
ATOM   21  C CB  . ASP A 1 4   ? 12.931  -2.962  -5.842  1.00 47.46 ? 328 ASP A CB  1 
ATOM   22  N N   . HIS A 1 5   ? 14.981  -0.282  -6.874  0.89 46.94 ? 329 HIS A N   1 
ATOM   23  C CA  . HIS A 1 5   ? 15.993  0.613   -6.331  0.89 47.52 ? 329 HIS A CA  1 
ATOM   24  C C   . HIS A 1 5   ? 15.464  2.034   -6.157  0.89 47.92 ? 329 HIS A C   1 
ATOM   25  O O   . HIS A 1 5   ? 15.842  2.720   -5.199  0.89 48.05 ? 329 HIS A O   1 
ATOM   26  C CB  . HIS A 1 5   ? 17.247  0.639   -7.198  0.89 48.57 ? 329 HIS A CB  1 
ATOM   27  C CG  . HIS A 1 5   ? 18.245  1.661   -6.748  0.89 44.37 ? 329 HIS A CG  1 
ATOM   28  N ND1 . HIS A 1 5   ? 18.168  2.990   -7.114  0.89 41.85 ? 329 HIS A ND1 1 
ATOM   29  C CD2 . HIS A 1 5   ? 19.314  1.562   -5.922  0.89 42.80 ? 329 HIS A CD2 1 
ATOM   30  C CE1 . HIS A 1 5   ? 19.156  3.660   -6.549  0.89 43.88 ? 329 HIS A CE1 1 
ATOM   31  N NE2 . HIS A 1 5   ? 19.866  2.817   -5.819  0.89 47.41 ? 329 HIS A NE2 1 
ATOM   32  N N   . PHE A 1 6   ? 14.610  2.517   -7.068  1.00 51.78 ? 330 PHE A N   1 
ATOM   33  C CA  . PHE A 1 6   ? 14.112  3.879   -6.871  1.00 51.51 ? 330 PHE A CA  1 
ATOM   34  C C   . PHE A 1 6   ? 13.091  3.955   -5.732  1.00 47.38 ? 330 PHE A C   1 
ATOM   35  O O   . PHE A 1 6   ? 13.022  4.982   -5.047  1.00 47.18 ? 330 PHE A O   1 
ATOM   36  C CB  . PHE A 1 6   ? 13.544  4.467   -8.176  1.00 52.39 ? 330 PHE A CB  1 
ATOM   37  C CG  . PHE A 1 6   ? 12.382  3.705   -8.765  1.00 52.98 ? 330 PHE A CG  1 
ATOM   38  C CD1 . PHE A 1 6   ? 11.113  3.808   -8.222  1.00 50.58 ? 330 PHE A CD1 1 
ATOM   39  C CD2 . PHE A 1 6   ? 12.553  2.948   -9.916  1.00 58.75 ? 330 PHE A CD2 1 
ATOM   40  C CE1 . PHE A 1 6   ? 10.044  3.128   -8.777  1.00 47.32 ? 330 PHE A CE1 1 
ATOM   41  C CE2 . PHE A 1 6   ? 11.481  2.265   -10.491 1.00 58.61 ? 330 PHE A CE2 1 
ATOM   42  C CZ  . PHE A 1 6   ? 10.228  2.351   -9.913  1.00 58.09 ? 330 PHE A CZ  1 
ATOM   43  N N   . LEU A 1 7   ? 12.302  2.894   -5.506  1.00 40.79 ? 331 LEU A N   1 
ATOM   44  C CA  . LEU A 1 7   ? 11.438  2.836   -4.324  1.00 35.58 ? 331 LEU A CA  1 
ATOM   45  C C   . LEU A 1 7   ? 12.231  2.846   -3.025  1.00 39.23 ? 331 LEU A C   1 
ATOM   46  O O   . LEU A 1 7   ? 11.702  3.267   -1.982  1.00 33.42 ? 331 LEU A O   1 
ATOM   47  C CB  . LEU A 1 7   ? 10.566  1.579   -4.366  1.00 34.56 ? 331 LEU A CB  1 
ATOM   48  C CG  . LEU A 1 7   ? 9.412   1.498   -5.364  1.00 33.97 ? 331 LEU A CG  1 
ATOM   49  C CD1 . LEU A 1 7   ? 8.818   0.083   -5.397  1.00 33.80 ? 331 LEU A CD1 1 
ATOM   50  C CD2 . LEU A 1 7   ? 8.342   2.548   -5.036  1.00 38.28 ? 331 LEU A CD2 1 
ATOM   51  N N   . SER A 1 8   ? 13.487  2.388   -3.054  1.00 37.42 ? 332 SER A N   1 
ATOM   52  C CA  . SER A 1 8   ? 14.258  2.280   -1.823  1.00 37.28 ? 332 SER A CA  1 
ATOM   53  C C   . SER A 1 8   ? 14.669  3.629   -1.252  1.00 38.56 ? 332 SER A C   1 
ATOM   54  O O   . SER A 1 8   ? 15.197  3.666   -0.137  1.00 41.79 ? 332 SER A O   1 
ATOM   55  C CB  . SER A 1 8   ? 15.501  1.423   -2.050  1.00 43.86 ? 332 SER A CB  1 
ATOM   56  O OG  . SER A 1 8   ? 16.326  2.018   -3.035  1.00 50.05 ? 332 SER A OG  1 
ATOM   57  N N   . CYS A 1 9   ? 14.457  4.730   -1.972  1.00 35.81 ? 333 CYS A N   1 
ATOM   58  C CA  . CYS A 1 9   ? 14.715  6.030   -1.376  1.00 37.54 ? 333 CYS A CA  1 
ATOM   59  C C   . CYS A 1 9   ? 13.565  6.523   -0.499  1.00 35.45 ? 333 CYS A C   1 
ATOM   60  O O   . CYS A 1 9   ? 13.717  7.565   0.140   1.00 34.07 ? 333 CYS A O   1 
ATOM   61  C CB  . CYS A 1 9   ? 14.996  7.073   -2.456  1.00 39.26 ? 333 CYS A CB  1 
ATOM   62  S SG  . CYS A 1 9   ? 13.541  7.480   -3.432  1.00 52.01 ? 333 CYS A SG  1 
ATOM   63  N N   . TYR A 1 10  ? 12.432  5.803   -0.438  1.00 34.03 ? 334 TYR A N   1 
ATOM   64  C CA  . TYR A 1 10  ? 11.286  6.323   0.307   1.00 32.14 ? 334 TYR A CA  1 
ATOM   65  C C   . TYR A 1 10  ? 11.186  5.718   1.708   1.00 30.30 ? 334 TYR A C   1 
ATOM   66  O O   . TYR A 1 10  ? 11.345  4.504   1.877   1.00 29.92 ? 334 TYR A O   1 
ATOM   67  C CB  . TYR A 1 10  ? 9.989   6.040   -0.451  1.00 27.55 ? 334 TYR A CB  1 
ATOM   68  C CG  . TYR A 1 10  ? 9.866   6.762   -1.775  1.00 31.27 ? 334 TYR A CG  1 
ATOM   69  C CD1 . TYR A 1 10  ? 9.763   8.156   -1.830  1.00 31.11 ? 334 TYR A CD1 1 
ATOM   70  C CD2 . TYR A 1 10  ? 9.806   6.048   -2.970  1.00 32.27 ? 334 TYR A CD2 1 
ATOM   71  C CE1 . TYR A 1 10  ? 9.637   8.820   -3.044  1.00 34.05 ? 334 TYR A CE1 1 
ATOM   72  C CE2 . TYR A 1 10  ? 9.664   6.699   -4.186  1.00 35.98 ? 334 TYR A CE2 1 
ATOM   73  C CZ  . TYR A 1 10  ? 9.590   8.076   -4.221  1.00 36.99 ? 334 TYR A CZ  1 
ATOM   74  O OH  . TYR A 1 10  ? 9.451   8.693   -5.440  1.00 34.58 ? 334 TYR A OH  1 
ATOM   75  N N   . PRO A 1 11  ? 10.862  6.520   2.737   1.00 27.28 ? 335 PRO A N   1 
ATOM   76  C CA  . PRO A 1 11  ? 10.820  5.978   4.104   1.00 24.41 ? 335 PRO A CA  1 
ATOM   77  C C   . PRO A 1 11  ? 9.719   4.932   4.335   1.00 27.48 ? 335 PRO A C   1 
ATOM   78  O O   . PRO A 1 11  ? 9.790   4.190   5.319   1.00 28.27 ? 335 PRO A O   1 
ATOM   79  C CB  . PRO A 1 11  ? 10.599  7.225   4.972   1.00 28.17 ? 335 PRO A CB  1 
ATOM   80  C CG  . PRO A 1 11  ? 9.968   8.228   4.058   1.00 25.77 ? 335 PRO A CG  1 
ATOM   81  C CD  . PRO A 1 11  ? 10.556  7.960   2.692   1.00 26.94 ? 335 PRO A CD  1 
ATOM   82  N N   . TRP A 1 12  ? 8.708   4.867   3.485   1.00 23.95 ? 336 TRP A N   1 
ATOM   83  C CA  . TRP A 1 12  ? 7.577   3.964   3.663   1.00 20.43 ? 336 TRP A CA  1 
ATOM   84  C C   . TRP A 1 12  ? 7.729   2.676   2.876   1.00 26.31 ? 336 TRP A C   1 
ATOM   85  O O   . TRP A 1 12  ? 6.799   1.852   2.849   1.00 22.42 ? 336 TRP A O   1 
ATOM   86  C CB  . TRP A 1 12  ? 6.291   4.668   3.239   1.00 23.56 ? 336 TRP A CB  1 
ATOM   87  C CG  . TRP A 1 12  ? 6.442   5.526   2.021   1.00 23.39 ? 336 TRP A CG  1 
ATOM   88  C CD1 . TRP A 1 12  ? 6.567   6.905   1.982   1.00 23.06 ? 336 TRP A CD1 1 
ATOM   89  C CD2 . TRP A 1 12  ? 6.516   5.084   0.655   1.00 26.13 ? 336 TRP A CD2 1 
ATOM   90  N NE1 . TRP A 1 12  ? 6.684   7.326   0.682   1.00 26.19 ? 336 TRP A NE1 1 
ATOM   91  C CE2 . TRP A 1 12  ? 6.650   6.235   -0.151  1.00 27.22 ? 336 TRP A CE2 1 
ATOM   92  C CE3 . TRP A 1 12  ? 6.443   3.830   0.035   1.00 26.79 ? 336 TRP A CE3 1 
ATOM   93  C CZ2 . TRP A 1 12  ? 6.740   6.167   -1.548  1.00 27.50 ? 336 TRP A CZ2 1 
ATOM   94  C CZ3 . TRP A 1 12  ? 6.530   3.762   -1.356  1.00 27.81 ? 336 TRP A CZ3 1 
ATOM   95  C CH2 . TRP A 1 12  ? 6.678   4.930   -2.128  1.00 29.11 ? 336 TRP A CH2 1 
ATOM   96  N N   . PHE A 1 13  ? 8.855   2.497   2.201   1.00 22.87 ? 337 PHE A N   1 
ATOM   97  C CA  . PHE A 1 13  ? 9.088   1.302   1.411   1.00 23.46 ? 337 PHE A CA  1 
ATOM   98  C C   . PHE A 1 13  ? 9.889   0.314   2.251   1.00 26.59 ? 337 PHE A C   1 
ATOM   99  O O   . PHE A 1 13  ? 10.962  0.655   2.761   1.00 27.92 ? 337 PHE A O   1 
ATOM   100 C CB  . PHE A 1 13  ? 9.818   1.621   0.103   1.00 23.94 ? 337 PHE A CB  1 
ATOM   101 C CG  . PHE A 1 13  ? 10.029  0.409   -0.739  1.00 27.27 ? 337 PHE A CG  1 
ATOM   102 C CD1 . PHE A 1 13  ? 8.938   -0.258  -1.267  1.00 25.94 ? 337 PHE A CD1 1 
ATOM   103 C CD2 . PHE A 1 13  ? 11.295  -0.094  -0.956  1.00 29.80 ? 337 PHE A CD2 1 
ATOM   104 C CE1 . PHE A 1 13  ? 9.103   -1.401  -2.041  1.00 30.10 ? 337 PHE A CE1 1 
ATOM   105 C CE2 . PHE A 1 13  ? 11.472  -1.236  -1.710  1.00 32.66 ? 337 PHE A CE2 1 
ATOM   106 C CZ  . PHE A 1 13  ? 10.364  -1.897  -2.253  1.00 30.82 ? 337 PHE A CZ  1 
ATOM   107 N N   . HIS A 1 14  ? 9.340   -0.892  2.431   1.00 24.01 ? 338 HIS A N   1 
ATOM   108 C CA  . HIS A 1 14  ? 9.944   -1.909  3.280   1.00 27.65 ? 338 HIS A CA  1 
ATOM   109 C C   . HIS A 1 14  ? 10.489  -3.097  2.494   1.00 25.84 ? 338 HIS A C   1 
ATOM   110 O O   . HIS A 1 14  ? 10.946  -4.064  3.116   1.00 30.61 ? 338 HIS A O   1 
ATOM   111 C CB  . HIS A 1 14  ? 8.932   -2.426  4.320   1.00 26.27 ? 338 HIS A CB  1 
ATOM   112 C CG  . HIS A 1 14  ? 8.565   -1.416  5.362   1.00 28.28 ? 338 HIS A CG  1 
ATOM   113 N ND1 . HIS A 1 14  ? 8.811   -1.605  6.705   1.00 25.73 ? 338 HIS A ND1 1 
ATOM   114 C CD2 . HIS A 1 14  ? 7.977   -0.201  5.256   1.00 27.61 ? 338 HIS A CD2 1 
ATOM   115 C CE1 . HIS A 1 14  ? 8.400   -0.550  7.383   1.00 26.90 ? 338 HIS A CE1 1 
ATOM   116 N NE2 . HIS A 1 14  ? 7.901   0.323   6.525   1.00 25.96 ? 338 HIS A NE2 1 
ATOM   117 N N   . GLY A 1 15  ? 10.437  -3.068  1.158   1.00 29.51 ? 339 GLY A N   1 
ATOM   118 C CA  . GLY A 1 15  ? 11.018  -4.137  0.363   1.00 29.51 ? 339 GLY A CA  1 
ATOM   119 C C   . GLY A 1 15  ? 10.392  -5.502  0.608   1.00 35.52 ? 339 GLY A C   1 
ATOM   120 O O   . GLY A 1 15  ? 9.167   -5.667  0.570   1.00 33.73 ? 339 GLY A O   1 
ATOM   121 N N   . PRO A 1 16  ? 11.237  -6.528  0.851   1.00 39.77 ? 340 PRO A N   1 
ATOM   122 C CA  . PRO A 1 16  ? 10.744  -7.920  0.898   1.00 36.10 ? 340 PRO A CA  1 
ATOM   123 C C   . PRO A 1 16  ? 10.340  -8.381  2.301   1.00 36.97 ? 340 PRO A C   1 
ATOM   124 O O   . PRO A 1 16  ? 10.827  -9.390  2.822   1.00 42.93 ? 340 PRO A O   1 
ATOM   125 C CB  . PRO A 1 16  ? 11.941  -8.705  0.346   1.00 39.62 ? 340 PRO A CB  1 
ATOM   126 C CG  . PRO A 1 16  ? 13.139  -7.931  0.870   1.00 40.51 ? 340 PRO A CG  1 
ATOM   127 C CD  . PRO A 1 16  ? 12.712  -6.461  0.952   1.00 36.45 ? 340 PRO A CD  1 
ATOM   128 N N   . ILE A 1 17  ? 9.423   -7.662  2.920   1.00 32.93 ? 341 ILE A N   1 
ATOM   129 C CA  . ILE A 1 17  ? 8.859   -8.173  4.163   1.00 31.51 ? 341 ILE A CA  1 
ATOM   130 C C   . ILE A 1 17  ? 7.618   -8.976  3.825   1.00 30.52 ? 341 ILE A C   1 
ATOM   131 O O   . ILE A 1 17  ? 6.935   -8.718  2.825   1.00 30.78 ? 341 ILE A O   1 
ATOM   132 C CB  . ILE A 1 17  ? 8.546   -7.058  5.183   1.00 29.38 ? 341 ILE A CB  1 
ATOM   133 C CG1 . ILE A 1 17  ? 7.642   -5.988  4.578   1.00 30.07 ? 341 ILE A CG1 1 
ATOM   134 C CG2 . ILE A 1 17  ? 9.831   -6.493  5.744   1.00 34.63 ? 341 ILE A CG2 1 
ATOM   135 C CD1 . ILE A 1 17  ? 6.932   -5.099  5.694   1.00 28.58 ? 341 ILE A CD1 1 
ATOM   136 N N   . SER A 1 18  ? 7.325   -9.963  4.671   1.00 33.59 ? 342 SER A N   1 
ATOM   137 C CA  . SER A 1 18  ? 6.205   -10.854 4.437   1.00 33.10 ? 342 SER A CA  1 
ATOM   138 C C   . SER A 1 18  ? 4.881   -10.147 4.679   1.00 32.39 ? 342 SER A C   1 
ATOM   139 O O   . SER A 1 18  ? 4.798   -9.159  5.419   1.00 31.00 ? 342 SER A O   1 
ATOM   140 C CB  . SER A 1 18  ? 6.267   -12.059 5.365   1.00 31.88 ? 342 SER A CB  1 
ATOM   141 O OG  . SER A 1 18  ? 5.966   -11.663 6.689   1.00 29.06 ? 342 SER A OG  1 
ATOM   142 N N   . ARG A 1 19  ? 3.829   -10.725 4.102   1.00 28.80 ? 343 ARG A N   1 
ATOM   143 C CA  . ARG A 1 19  ? 2.462   -10.293 4.366   1.00 32.80 ? 343 ARG A CA  1 
ATOM   144 C C   . ARG A 1 19  ? 2.174   -10.199 5.861   1.00 28.85 ? 343 ARG A C   1 
ATOM   145 O O   . ARG A 1 19  ? 1.591   -9.216  6.338   1.00 27.57 ? 343 ARG A O   1 
ATOM   146 C CB  . ARG A 1 19  ? 1.501   -11.273 3.697   1.00 35.10 ? 343 ARG A CB  1 
ATOM   147 C CG  . ARG A 1 19  ? 0.032   -11.006 3.925   1.00 37.42 ? 343 ARG A CG  1 
ATOM   148 C CD  . ARG A 1 19  ? -0.772  -12.018 3.135   1.00 37.75 ? 343 ARG A CD  1 
ATOM   149 N NE  . ARG A 1 19  ? -2.205  -11.801 3.255   1.00 43.16 ? 343 ARG A NE  1 
ATOM   150 C CZ  . ARG A 1 19  ? -2.956  -11.253 2.309   1.00 42.43 ? 343 ARG A CZ  1 
ATOM   151 N NH1 . ARG A 1 19  ? -2.429  -10.819 1.173   1.00 44.77 ? 343 ARG A NH1 1 
ATOM   152 N NH2 . ARG A 1 19  ? -4.265  -11.143 2.505   1.00 45.31 ? 343 ARG A NH2 1 
ATOM   153 N N   . VAL A 1 20  ? 2.558   -11.230 6.617   1.00 26.21 ? 344 VAL A N   1 
ATOM   154 C CA  . VAL A 1 20  ? 2.208   -11.274 8.033   1.00 27.67 ? 344 VAL A CA  1 
ATOM   155 C C   . VAL A 1 20  ? 2.932   -10.177 8.795   1.00 26.94 ? 344 VAL A C   1 
ATOM   156 O O   . VAL A 1 20  ? 2.331   -9.464  9.609   1.00 25.20 ? 344 VAL A O   1 
ATOM   157 C CB  . VAL A 1 20  ? 2.507   -12.664 8.623   1.00 26.36 ? 344 VAL A CB  1 
ATOM   158 C CG1 . VAL A 1 20  ? 2.332   -12.629 10.144  1.00 33.59 ? 344 VAL A CG1 1 
ATOM   159 C CG2 . VAL A 1 20  ? 1.571   -13.661 8.007   1.00 37.26 ? 344 VAL A CG2 1 
ATOM   160 N N   . ARG A 1 21  ? 4.228   -10.013 8.529   1.00 26.22 ? 345 ARG A N   1 
ATOM   161 C CA  . ARG A 1 21  ? 4.999   -8.973  9.204   1.00 28.14 ? 345 ARG A CA  1 
ATOM   162 C C   . ARG A 1 21  ? 4.461   -7.584  8.863   1.00 26.29 ? 345 ARG A C   1 
ATOM   163 O O   . ARG A 1 21  ? 4.306   -6.732  9.743   1.00 24.20 ? 345 ARG A O   1 
ATOM   164 C CB  . ARG A 1 21  ? 6.481   -9.089  8.824   1.00 29.37 ? 345 ARG A CB  1 
ATOM   165 C CG  . ARG A 1 21  ? 7.332   -7.872  9.210   1.00 36.08 ? 345 ARG A CG  1 
ATOM   166 N N   . ALA A 1 22  ? 4.175   -7.337  7.586   1.00 24.91 ? 346 ALA A N   1 
ATOM   167 C CA  . ALA A 1 22  ? 3.623   -6.036  7.190   1.00 24.05 ? 346 ALA A CA  1 
ATOM   168 C C   . ALA A 1 22  ? 2.294   -5.767  7.877   1.00 24.27 ? 346 ALA A C   1 
ATOM   169 O O   . ALA A 1 22  ? 2.035   -4.645  8.317   1.00 24.54 ? 346 ALA A O   1 
ATOM   170 C CB  . ALA A 1 22  ? 3.432   -5.975  5.679   1.00 26.93 ? 346 ALA A CB  1 
ATOM   171 N N   . ALA A 1 23  ? 1.426   -6.781  7.950   1.00 24.06 ? 347 ALA A N   1 
ATOM   172 C CA  . ALA A 1 23  ? 0.152   -6.634  8.653   1.00 23.60 ? 347 ALA A CA  1 
ATOM   173 C C   . ALA A 1 23  ? 0.374   -6.218  10.097  1.00 24.93 ? 347 ALA A C   1 
ATOM   174 O O   . ALA A 1 23  ? -0.244  -5.259  10.594  1.00 25.51 ? 347 ALA A O   1 
ATOM   175 C CB  . ALA A 1 23  ? -0.626  -7.952  8.588   1.00 25.57 ? 347 ALA A CB  1 
ATOM   176 N N   . GLN A 1 24  ? 1.258   -6.933  10.800  1.00 24.60 ? 348 GLN A N   1 
ATOM   177 C CA  . GLN A 1 24  ? 1.494   -6.608  12.199  1.00 25.82 ? 348 GLN A CA  1 
ATOM   178 C C   . GLN A 1 24  ? 2.140   -5.242  12.371  1.00 24.65 ? 348 GLN A C   1 
ATOM   179 O O   . GLN A 1 24  ? 1.897   -4.563  13.373  1.00 23.79 ? 348 GLN A O   1 
ATOM   180 C CB  . GLN A 1 24  ? 2.324   -7.716  12.858  1.00 30.69 ? 348 GLN A CB  1 
ATOM   181 C CG  . GLN A 1 24  ? 1.554   -9.047  12.926  1.00 28.92 ? 348 GLN A CG  1 
ATOM   182 C CD  . GLN A 1 24  ? 2.003   -9.944  14.047  1.00 29.76 ? 348 GLN A CD  1 
ATOM   183 O OE1 . GLN A 1 24  ? 3.187   -10.005 14.364  1.00 28.87 ? 348 GLN A OE1 1 
ATOM   184 N NE2 . GLN A 1 24  ? 1.057   -10.664 14.652  1.00 31.71 ? 348 GLN A NE2 1 
ATOM   185 N N   . LEU A 1 25  ? 2.961   -4.812  11.418  1.00 27.20 ? 349 LEU A N   1 
ATOM   186 C CA  . LEU A 1 25  ? 3.529   -3.475  11.510  1.00 26.25 ? 349 LEU A CA  1 
ATOM   187 C C   . LEU A 1 25  ? 2.450   -2.414  11.450  1.00 25.40 ? 349 LEU A C   1 
ATOM   188 O O   . LEU A 1 25  ? 2.505   -1.442  12.206  1.00 22.87 ? 349 LEU A O   1 
ATOM   189 C CB  . LEU A 1 25  ? 4.538   -3.242  10.397  1.00 26.68 ? 349 LEU A CB  1 
ATOM   190 C CG  . LEU A 1 25  ? 5.908   -3.874  10.632  1.00 27.88 ? 349 LEU A CG  1 
ATOM   191 C CD1 . LEU A 1 25  ? 6.720   -3.871  9.332   1.00 28.44 ? 349 LEU A CD1 1 
ATOM   192 C CD2 . LEU A 1 25  ? 6.614   -3.101  11.756  1.00 30.39 ? 349 LEU A CD2 1 
ATOM   193 N N   . VAL A 1 26  ? 1.491   -2.556  10.527  1.00 23.44 ? 350 VAL A N   1 
ATOM   194 C CA  . VAL A 1 26  ? 0.454   -1.527  10.398  1.00 24.41 ? 350 VAL A CA  1 
ATOM   195 C C   . VAL A 1 26  ? -0.618  -1.672  11.472  1.00 24.92 ? 350 VAL A C   1 
ATOM   196 O O   . VAL A 1 26  ? -1.277  -0.674  11.809  1.00 24.69 ? 350 VAL A O   1 
ATOM   197 C CB  . VAL A 1 26  ? -0.194  -1.502  8.994   1.00 22.35 ? 350 VAL A CB  1 
ATOM   198 C CG1 . VAL A 1 26  ? 0.878   -1.284  7.886   1.00 24.57 ? 350 VAL A CG1 1 
ATOM   199 C CG2 . VAL A 1 26  ? -1.045  -2.736  8.702   1.00 21.86 ? 350 VAL A CG2 1 
ATOM   200 N N   . GLN A 1 27  ? -0.797  -2.875  12.033  1.00 25.08 ? 351 GLN A N   1 
ATOM   201 C CA  . GLN A 1 27  ? -1.800  -3.097  13.077  1.00 25.47 ? 351 GLN A CA  1 
ATOM   202 C C   . GLN A 1 27  ? -1.332  -2.748  14.490  1.00 26.93 ? 351 GLN A C   1 
ATOM   203 O O   . GLN A 1 27  ? -2.168  -2.712  15.416  1.00 24.69 ? 351 GLN A O   1 
ATOM   204 C CB  . GLN A 1 27  ? -2.247  -4.566  13.052  1.00 25.73 ? 351 GLN A CB  1 
ATOM   205 C CG  . GLN A 1 27  ? -3.127  -4.904  11.864  1.00 28.17 ? 351 GLN A CG  1 
ATOM   206 C CD  . GLN A 1 27  ? -3.390  -6.406  11.697  1.00 29.39 ? 351 GLN A CD  1 
ATOM   207 O OE1 . GLN A 1 27  ? -4.404  -6.799  11.130  1.00 37.06 ? 351 GLN A OE1 1 
ATOM   208 N NE2 . GLN A 1 27  ? -2.469  -7.237  12.150  1.00 31.17 ? 351 GLN A NE2 1 
ATOM   209 N N   . LEU A 1 28  ? -0.032  -2.508  14.679  1.00 23.63 ? 352 LEU A N   1 
ATOM   210 C CA  . LEU A 1 28  ? 0.551   -2.374  16.010  1.00 27.11 ? 352 LEU A CA  1 
ATOM   211 C C   . LEU A 1 28  ? -0.206  -1.363  16.873  1.00 30.04 ? 352 LEU A C   1 
ATOM   212 O O   . LEU A 1 28  ? -0.517  -1.638  18.042  1.00 28.90 ? 352 LEU A O   1 
ATOM   213 C CB  . LEU A 1 28  ? 2.022   -1.966  15.884  1.00 30.91 ? 352 LEU A CB  1 
ATOM   214 C CG  . LEU A 1 28  ? 2.837   -1.847  17.181  1.00 31.20 ? 352 LEU A CG  1 
ATOM   215 C CD1 . LEU A 1 28  ? 3.195   -3.214  17.670  1.00 30.63 ? 352 LEU A CD1 1 
ATOM   216 C CD2 . LEU A 1 28  ? 4.098   -1.000  16.974  1.00 37.11 ? 352 LEU A CD2 1 
ATOM   217 N N   . GLN A 1 29  ? -0.515  -0.184  16.322  1.00 27.50 ? 353 GLN A N   1 
ATOM   218 C CA  . GLN A 1 29  ? -1.175  0.847   17.129  1.00 31.79 ? 353 GLN A CA  1 
ATOM   219 C C   . GLN A 1 29  ? -2.698  0.735   17.136  1.00 34.09 ? 353 GLN A C   1 
ATOM   220 O O   . GLN A 1 29  ? -3.371  1.680   17.567  1.00 35.68 ? 353 GLN A O   1 
ATOM   221 C CB  . GLN A 1 29  ? -0.778  2.244   16.659  1.00 35.53 ? 353 GLN A CB  1 
ATOM   222 C CG  . GLN A 1 29  ? 0.717   2.464   16.487  1.00 41.74 ? 353 GLN A CG  1 
ATOM   223 C CD  . GLN A 1 29  ? 1.025   3.606   15.517  1.00 49.15 ? 353 GLN A CD  1 
ATOM   224 O OE1 . GLN A 1 29  ? 1.386   3.379   14.350  1.00 49.16 ? 353 GLN A OE1 1 
ATOM   225 N NE2 . GLN A 1 29  ? 0.875   4.841   15.995  1.00 47.26 ? 353 GLN A NE2 1 
ATOM   226 N N   . GLY A 1 30  ? -3.255  -0.387  16.693  1.00 31.24 ? 354 GLY A N   1 
ATOM   227 C CA  . GLY A 1 30  ? -4.684  -0.599  16.750  1.00 32.99 ? 354 GLY A CA  1 
ATOM   228 C C   . GLY A 1 30  ? -5.464  0.365   15.870  1.00 34.53 ? 354 GLY A C   1 
ATOM   229 O O   . GLY A 1 30  ? -4.948  0.900   14.877  1.00 31.79 ? 354 GLY A O   1 
ATOM   230 N N   . PRO A 1 31  ? -6.742  0.575   16.189  1.00 31.57 ? 355 PRO A N   1 
ATOM   231 C CA  . PRO A 1 31  ? -7.558  1.480   15.351  1.00 33.82 ? 355 PRO A CA  1 
ATOM   232 C C   . PRO A 1 31  ? -7.099  2.928   15.402  1.00 34.34 ? 355 PRO A C   1 
ATOM   233 O O   . PRO A 1 31  ? -7.460  3.703   14.509  1.00 38.08 ? 355 PRO A O   1 
ATOM   234 C CB  . PRO A 1 31  ? -8.984  1.305   15.910  1.00 38.97 ? 355 PRO A CB  1 
ATOM   235 C CG  . PRO A 1 31  ? -8.796  0.779   17.314  1.00 40.04 ? 355 PRO A CG  1 
ATOM   236 C CD  . PRO A 1 31  ? -7.521  -0.045  17.280  1.00 39.61 ? 355 PRO A CD  1 
ATOM   237 N N   . ASP A 1 32  ? -6.312  3.319   16.406  1.00 36.11 ? 356 ASP A N   1 
ATOM   238 C CA  . ASP A 1 32  ? -5.644  4.615   16.394  1.00 37.68 ? 356 ASP A CA  1 
ATOM   239 C C   . ASP A 1 32  ? -4.809  4.827   15.139  1.00 36.33 ? 356 ASP A C   1 
ATOM   240 O O   . ASP A 1 32  ? -4.515  5.974   14.785  1.00 34.84 ? 356 ASP A O   1 
ATOM   241 C CB  . ASP A 1 32  ? -4.720  4.750   17.599  1.00 41.55 ? 356 ASP A CB  1 
ATOM   242 C CG  . ASP A 1 32  ? -5.438  5.213   18.849  1.00 46.82 ? 356 ASP A CG  1 
ATOM   243 O OD1 . ASP A 1 32  ? -6.685  5.302   18.835  1.00 49.70 ? 356 ASP A OD1 1 
ATOM   244 O OD2 . ASP A 1 32  ? -4.733  5.495   19.843  1.00 48.25 ? 356 ASP A OD2 1 
ATOM   245 N N   . ALA A 1 33  ? -4.391  3.750   14.484  1.00 34.88 ? 357 ALA A N   1 
ATOM   246 C CA  . ALA A 1 33  ? -3.549  3.831   13.305  1.00 30.71 ? 357 ALA A CA  1 
ATOM   247 C C   . ALA A 1 33  ? -4.349  3.685   12.021  1.00 30.53 ? 357 ALA A C   1 
ATOM   248 O O   . ALA A 1 33  ? -3.778  3.322   10.985  1.00 25.13 ? 357 ALA A O   1 
ATOM   249 C CB  . ALA A 1 33  ? -2.447  2.769   13.380  1.00 31.29 ? 357 ALA A CB  1 
ATOM   250 N N   . HIS A 1 34  ? -5.656  3.937   12.069  1.00 28.99 ? 358 HIS A N   1 
ATOM   251 C CA  . HIS A 1 34  ? -6.479  3.914   10.858  1.00 28.12 ? 358 HIS A CA  1 
ATOM   252 C C   . HIS A 1 34  ? -5.803  4.733   9.778   1.00 26.15 ? 358 HIS A C   1 
ATOM   253 O O   . HIS A 1 34  ? -5.435  5.886   10.003  1.00 26.38 ? 358 HIS A O   1 
ATOM   254 C CB  . HIS A 1 34  ? -7.874  4.477   11.173  1.00 33.68 ? 358 HIS A CB  1 
ATOM   255 C CG  . HIS A 1 34  ? -8.808  4.536   10.000  1.00 31.98 ? 358 HIS A CG  1 
ATOM   256 N ND1 . HIS A 1 34  ? -9.316  3.413   9.385   1.00 31.63 ? 358 HIS A ND1 1 
ATOM   257 C CD2 . HIS A 1 34  ? -9.381  5.596   9.376   1.00 37.50 ? 358 HIS A CD2 1 
ATOM   258 C CE1 . HIS A 1 34  ? -10.129 3.775   8.407   1.00 36.67 ? 358 HIS A CE1 1 
ATOM   259 N NE2 . HIS A 1 34  ? -10.191 5.096   8.386   1.00 34.34 ? 358 HIS A NE2 1 
ATOM   260 N N   . GLY A 1 35  ? -5.587  4.117   8.622   1.00 27.82 ? 359 GLY A N   1 
ATOM   261 C CA  . GLY A 1 35  ? -4.975  4.791   7.500   1.00 24.29 ? 359 GLY A CA  1 
ATOM   262 C C   . GLY A 1 35  ? -3.472  4.653   7.388   1.00 27.23 ? 359 GLY A C   1 
ATOM   263 O O   . GLY A 1 35  ? -2.908  5.035   6.349   1.00 25.32 ? 359 GLY A O   1 
ATOM   264 N N   . VAL A 1 36  ? -2.797  4.127   8.411   1.00 25.05 ? 360 VAL A N   1 
ATOM   265 C CA  . VAL A 1 36  ? -1.349  4.003   8.345   1.00 25.96 ? 360 VAL A CA  1 
ATOM   266 C C   . VAL A 1 36  ? -0.993  2.930   7.327   1.00 21.81 ? 360 VAL A C   1 
ATOM   267 O O   . VAL A 1 36  ? -1.671  1.896   7.232   1.00 22.48 ? 360 VAL A O   1 
ATOM   268 C CB  . VAL A 1 36  ? -0.777  3.679   9.735   1.00 25.29 ? 360 VAL A CB  1 
ATOM   269 C CG1 . VAL A 1 36  ? 0.724   3.545   9.640   1.00 30.80 ? 360 VAL A CG1 1 
ATOM   270 C CG2 . VAL A 1 36  ? -1.099  4.801   10.699  1.00 29.73 ? 360 VAL A CG2 1 
ATOM   271 N N   . PHE A 1 37  ? 0.061   3.160   6.549   1.00 22.64 ? 361 PHE A N   1 
ATOM   272 C CA  . PHE A 1 37  ? 0.356   2.239   5.449   1.00 21.16 ? 361 PHE A CA  1 
ATOM   273 C C   . PHE A 1 37  ? 1.850   1.954   5.351   1.00 21.14 ? 361 PHE A C   1 
ATOM   274 O O   . PHE A 1 37  ? 2.695   2.614   5.961   1.00 20.61 ? 361 PHE A O   1 
ATOM   275 C CB  . PHE A 1 37  ? -0.136  2.812   4.094   1.00 20.97 ? 361 PHE A CB  1 
ATOM   276 C CG  . PHE A 1 37  ? 0.635   4.029   3.624   1.00 21.52 ? 361 PHE A CG  1 
ATOM   277 C CD1 . PHE A 1 37  ? 0.220   5.324   3.981   1.00 22.00 ? 361 PHE A CD1 1 
ATOM   278 C CD2 . PHE A 1 37  ? 1.757   3.895   2.815   1.00 22.93 ? 361 PHE A CD2 1 
ATOM   279 C CE1 . PHE A 1 37  ? 0.936   6.451   3.562   1.00 22.99 ? 361 PHE A CE1 1 
ATOM   280 C CE2 . PHE A 1 37  ? 2.486   5.017   2.399   1.00 24.59 ? 361 PHE A CE2 1 
ATOM   281 C CZ  . PHE A 1 37  ? 2.074   6.290   2.766   1.00 23.69 ? 361 PHE A CZ  1 
ATOM   282 N N   . LEU A 1 38  ? 2.168   0.966   4.526   1.00 18.84 ? 362 LEU A N   1 
ATOM   283 C CA  . LEU A 1 38  ? 3.525   0.794   4.038   1.00 18.63 ? 362 LEU A CA  1 
ATOM   284 C C   . LEU A 1 38  ? 3.439   0.194   2.646   1.00 21.10 ? 362 LEU A C   1 
ATOM   285 O O   . LEU A 1 38  ? 2.386   -0.288  2.224   1.00 19.85 ? 362 LEU A O   1 
ATOM   286 C CB  . LEU A 1 38  ? 4.369   -0.096  4.959   1.00 21.49 ? 362 LEU A CB  1 
ATOM   287 C CG  . LEU A 1 38  ? 3.936   -1.533  5.245   1.00 21.50 ? 362 LEU A CG  1 
ATOM   288 C CD1 . LEU A 1 38  ? 4.243   -2.506  4.110   1.00 22.42 ? 362 LEU A CD1 1 
ATOM   289 C CD2 . LEU A 1 38  ? 4.652   -1.981  6.523   1.00 23.43 ? 362 LEU A CD2 1 
ATOM   290 N N   . VAL A 1 39  ? 4.552   0.230   1.921   1.00 21.69 ? 363 VAL A N   1 
ATOM   291 C CA  . VAL A 1 39  ? 4.611   -0.429  0.619   1.00 22.59 ? 363 VAL A CA  1 
ATOM   292 C C   . VAL A 1 39  ? 5.700   -1.491  0.678   1.00 21.46 ? 363 VAL A C   1 
ATOM   293 O O   . VAL A 1 39  ? 6.766   -1.260  1.255   1.00 23.97 ? 363 VAL A O   1 
ATOM   294 C CB  . VAL A 1 39  ? 4.862   0.554   -0.537  1.00 22.26 ? 363 VAL A CB  1 
ATOM   295 C CG1 . VAL A 1 39  ? 4.928   -0.223  -1.874  1.00 22.38 ? 363 VAL A CG1 1 
ATOM   296 C CG2 . VAL A 1 39  ? 3.755   1.619   -0.607  1.00 24.05 ? 363 VAL A CG2 1 
ATOM   297 N N   . ARG A 1 40  ? 5.408   -2.673  0.127   1.00 23.67 ? 364 ARG A N   1 
ATOM   298 C CA  . ARG A 1 40  ? 6.362   -3.767  0.128   1.00 25.19 ? 364 ARG A CA  1 
ATOM   299 C C   . ARG A 1 40  ? 6.306   -4.478  -1.214  1.00 25.91 ? 364 ARG A C   1 
ATOM   300 O O   . ARG A 1 40  ? 5.389   -4.264  -2.018  1.00 25.13 ? 364 ARG A O   1 
ATOM   301 C CB  . ARG A 1 40  ? 6.067   -4.778  1.236   1.00 23.83 ? 364 ARG A CB  1 
ATOM   302 C CG  . ARG A 1 40  ? 4.688   -5.368  1.092   1.00 26.95 ? 364 ARG A CG  1 
ATOM   303 C CD  . ARG A 1 40  ? 4.270   -6.130  2.334   1.00 24.07 ? 364 ARG A CD  1 
ATOM   304 N NE  . ARG A 1 40  ? 2.911   -6.653  2.233   1.00 27.38 ? 364 ARG A NE  1 
ATOM   305 C CZ  . ARG A 1 40  ? 2.588   -7.790  1.629   1.00 28.87 ? 364 ARG A CZ  1 
ATOM   306 N NH1 . ARG A 1 40  ? 3.491   -8.507  0.990   1.00 30.48 ? 364 ARG A NH1 1 
ATOM   307 N NH2 . ARG A 1 40  ? 1.320   -8.208  1.657   1.00 27.68 ? 364 ARG A NH2 1 
ATOM   308 N N   . GLN A 1 41  ? 7.287   -5.355  -1.425  1.00 27.45 ? 365 GLN A N   1 
ATOM   309 C CA  . GLN A 1 41  ? 7.219   -6.318  -2.518  1.00 29.80 ? 365 GLN A CA  1 
ATOM   310 C C   . GLN A 1 41  ? 6.176   -7.382  -2.209  1.00 30.48 ? 365 GLN A C   1 
ATOM   311 O O   . GLN A 1 41  ? 5.911   -7.701  -1.045  1.00 30.59 ? 365 GLN A O   1 
ATOM   312 C CB  . GLN A 1 41  ? 8.582   -6.977  -2.741  1.00 31.36 ? 365 GLN A CB  1 
ATOM   313 C CG  . GLN A 1 41  ? 9.666   -6.013  -3.178  1.00 33.51 ? 365 GLN A CG  1 
ATOM   314 C CD  . GLN A 1 41  ? 11.063  -6.592  -3.035  1.00 41.80 ? 365 GLN A CD  1 
ATOM   315 O OE1 . GLN A 1 41  ? 11.275  -7.789  -3.221  1.00 41.78 ? 365 GLN A OE1 1 
ATOM   316 N NE2 . GLN A 1 41  ? 12.026  -5.734  -2.694  1.00 44.44 ? 365 GLN A NE2 1 
ATOM   317 N N   . SER A 1 42  ? 5.534   -7.883  -3.262  1.00 31.88 ? 366 SER A N   1 
ATOM   318 C CA  . SER A 1 42  ? 4.602   -8.989  -3.123  1.00 30.80 ? 366 SER A CA  1 
ATOM   319 C C   . SER A 1 42  ? 5.401   -10.270 -2.978  1.00 38.24 ? 366 SER A C   1 
ATOM   320 O O   . SER A 1 42  ? 6.380   -10.478 -3.702  1.00 37.09 ? 366 SER A O   1 
ATOM   321 C CB  . SER A 1 42  ? 3.676   -9.086  -4.333  1.00 35.20 ? 366 SER A CB  1 
ATOM   322 O OG  . SER A 1 42  ? 2.801   -10.197 -4.198  1.00 36.55 ? 366 SER A OG  1 
ATOM   323 N N   . GLU A 1 43  ? 5.006   -11.120 -2.037  1.00 39.78 ? 367 GLU A N   1 
ATOM   324 C CA  . GLU A 1 43  ? 5.678   -12.411 -1.956  1.00 44.54 ? 367 GLU A CA  1 
ATOM   325 C C   . GLU A 1 43  ? 5.028   -13.475 -2.838  1.00 45.27 ? 367 GLU A C   1 
ATOM   326 O O   . GLU A 1 43  ? 5.682   -14.472 -3.161  1.00 47.01 ? 367 GLU A O   1 
ATOM   327 C CB  . GLU A 1 43  ? 5.779   -12.900 -0.502  1.00 44.62 ? 367 GLU A CB  1 
ATOM   328 C CG  . GLU A 1 43  ? 4.590   -12.636 0.410   1.00 46.46 ? 367 GLU A CG  1 
ATOM   329 C CD  . GLU A 1 43  ? 4.786   -13.244 1.790   1.00 48.90 ? 367 GLU A CD  1 
ATOM   330 O OE1 . GLU A 1 43  ? 3.815   -13.311 2.569   1.00 44.75 ? 367 GLU A OE1 1 
ATOM   331 O OE2 . GLU A 1 43  ? 5.922   -13.678 2.088   1.00 59.12 ? 367 GLU A OE2 1 
ATOM   332 N N   . SER A 1 44  ? 3.787   -13.271 -3.277  1.00 42.70 ? 368 SER A N   1 
ATOM   333 C CA  . SER A 1 44  ? 3.117   -14.260 -4.108  1.00 43.46 ? 368 SER A CA  1 
ATOM   334 C C   . SER A 1 44  ? 3.159   -13.935 -5.593  1.00 45.26 ? 368 SER A C   1 
ATOM   335 O O   . SER A 1 44  ? 2.914   -14.827 -6.412  1.00 47.55 ? 368 SER A O   1 
ATOM   336 C CB  . SER A 1 44  ? 1.657   -14.426 -3.672  1.00 40.25 ? 368 SER A CB  1 
ATOM   337 O OG  . SER A 1 44  ? 1.043   -13.168 -3.478  1.00 42.91 ? 368 SER A OG  1 
ATOM   338 N N   . ARG A 1 45  ? 3.459   -12.696 -5.968  1.00 41.03 ? 369 ARG A N   1 
ATOM   339 C CA  . ARG A 1 45  ? 3.571   -12.311 -7.375  1.00 43.55 ? 369 ARG A CA  1 
ATOM   340 C C   . ARG A 1 45  ? 4.902   -11.592 -7.523  1.00 42.91 ? 369 ARG A C   1 
ATOM   341 O O   . ARG A 1 45  ? 4.965   -10.374 -7.333  1.00 37.27 ? 369 ARG A O   1 
ATOM   342 C CB  . ARG A 1 45  ? 2.414   -11.433 -7.810  1.00 42.08 ? 369 ARG A CB  1 
ATOM   343 C CG  . ARG A 1 45  ? 1.078   -11.918 -7.332  1.00 42.48 ? 369 ARG A CG  1 
ATOM   344 C CD  . ARG A 1 45  ? 0.012   -11.321 -8.194  1.00 50.10 ? 369 ARG A CD  1 
ATOM   345 N NE  . ARG A 1 45  ? -1.258  -12.011 -8.038  1.00 59.40 ? 369 ARG A NE  1 
ATOM   346 C CZ  . ARG A 1 45  ? -2.174  -12.095 -8.992  1.00 58.03 ? 369 ARG A CZ  1 
ATOM   347 N NH1 . ARG A 1 45  ? -1.962  -11.590 -10.198 1.00 53.55 ? 369 ARG A NH1 1 
ATOM   348 N NH2 . ARG A 1 45  ? -3.331  -12.696 -8.727  1.00 59.67 ? 369 ARG A NH2 1 
ATOM   349 N N   . ARG A 1 46  ? 5.950   -12.342 -7.863  1.00 38.54 ? 370 ARG A N   1 
ATOM   350 C CA  . ARG A 1 46  ? 7.284   -11.762 -7.929  1.00 40.05 ? 370 ARG A CA  1 
ATOM   351 C C   . ARG A 1 46  ? 7.307   -10.580 -8.895  1.00 37.81 ? 370 ARG A C   1 
ATOM   352 O O   . ARG A 1 46  ? 6.683   -10.607 -9.961  1.00 40.51 ? 370 ARG A O   1 
ATOM   353 C CB  . ARG A 1 46  ? 8.303   -12.827 -8.340  1.00 41.16 ? 370 ARG A CB  1 
ATOM   354 C CG  . ARG A 1 46  ? 8.828   -13.637 -7.165  1.00 41.63 ? 370 ARG A CG  1 
ATOM   355 C CD  . ARG A 1 46  ? 9.498   -14.914 -7.631  1.00 45.70 ? 370 ARG A CD  1 
ATOM   356 N N   . GLY A 1 47  ? 8.001   -9.519  -8.496  1.00 35.01 ? 371 GLY A N   1 
ATOM   357 C CA  . GLY A 1 47  ? 8.091   -8.318  -9.284  1.00 40.94 ? 371 GLY A CA  1 
ATOM   358 C C   . GLY A 1 47  ? 6.990   -7.305  -9.042  1.00 38.52 ? 371 GLY A C   1 
ATOM   359 O O   . GLY A 1 47  ? 7.164   -6.135  -9.402  1.00 36.06 ? 371 GLY A O   1 
ATOM   360 N N   . GLU A 1 48  ? 5.871   -7.716  -8.435  1.00 37.34 ? 372 GLU A N   1 
ATOM   361 C CA  . GLU A 1 48  ? 4.786   -6.805  -8.097  1.00 34.01 ? 372 GLU A CA  1 
ATOM   362 C C   . GLU A 1 48  ? 4.924   -6.300  -6.662  1.00 29.55 ? 372 GLU A C   1 
ATOM   363 O O   . GLU A 1 48  ? 5.738   -6.783  -5.877  1.00 30.62 ? 372 GLU A O   1 
ATOM   364 C CB  . GLU A 1 48  ? 3.433   -7.482  -8.280  1.00 38.41 ? 372 GLU A CB  1 
ATOM   365 C CG  . GLU A 1 48  ? 3.176   -7.996  -9.687  1.00 42.16 ? 372 GLU A CG  1 
ATOM   366 C CD  . GLU A 1 48  ? 1.744   -8.468  -9.851  1.00 48.75 ? 372 GLU A CD  1 
ATOM   367 O OE1 . GLU A 1 48  ? 0.909   -8.142  -8.978  1.00 47.26 ? 372 GLU A OE1 1 
ATOM   368 O OE2 . GLU A 1 48  ? 1.451   -9.168  -10.842 1.00 48.86 ? 372 GLU A OE2 1 
ATOM   369 N N   . TYR A 1 49  ? 4.126   -5.293  -6.329  1.00 29.51 ? 373 TYR A N   1 
ATOM   370 C CA  . TYR A 1 49  ? 4.248   -4.608  -5.054  1.00 30.41 ? 373 TYR A CA  1 
ATOM   371 C C   . TYR A 1 49  ? 2.898   -4.637  -4.362  1.00 28.39 ? 373 TYR A C   1 
ATOM   372 O O   . TYR A 1 49  ? 1.893   -5.059  -4.938  1.00 26.34 ? 373 TYR A O   1 
ATOM   373 C CB  . TYR A 1 49  ? 4.779   -3.174  -5.249  1.00 28.49 ? 373 TYR A CB  1 
ATOM   374 C CG  . TYR A 1 49  ? 6.175   -3.201  -5.865  1.00 33.50 ? 373 TYR A CG  1 
ATOM   375 C CD1 . TYR A 1 49  ? 7.306   -3.352  -5.061  1.00 33.10 ? 373 TYR A CD1 1 
ATOM   376 C CD2 . TYR A 1 49  ? 6.355   -3.123  -7.250  1.00 34.36 ? 373 TYR A CD2 1 
ATOM   377 C CE1 . TYR A 1 49  ? 8.588   -3.408  -5.613  1.00 35.15 ? 373 TYR A CE1 1 
ATOM   378 C CE2 . TYR A 1 49  ? 7.632   -3.172  -7.816  1.00 37.80 ? 373 TYR A CE2 1 
ATOM   379 C CZ  . TYR A 1 49  ? 8.744   -3.321  -6.988  1.00 39.70 ? 373 TYR A CZ  1 
ATOM   380 O OH  . TYR A 1 49  ? 10.017  -3.362  -7.519  1.00 40.85 ? 373 TYR A OH  1 
ATOM   381 N N   . VAL A 1 50  ? 2.883   -4.216  -3.093  1.00 24.92 ? 374 VAL A N   1 
ATOM   382 C CA  . VAL A 1 50  ? 1.674   -4.282  -2.286  1.00 26.16 ? 374 VAL A CA  1 
ATOM   383 C C   . VAL A 1 50  ? 1.613   -3.033  -1.421  1.00 24.28 ? 374 VAL A C   1 
ATOM   384 O O   . VAL A 1 50  ? 2.618   -2.660  -0.807  1.00 23.37 ? 374 VAL A O   1 
ATOM   385 C CB  . VAL A 1 50  ? 1.650   -5.530  -1.380  1.00 29.35 ? 374 VAL A CB  1 
ATOM   386 C CG1 . VAL A 1 50  ? 0.394   -5.528  -0.529  1.00 27.05 ? 374 VAL A CG1 1 
ATOM   387 C CG2 . VAL A 1 50  ? 1.744   -6.801  -2.222  1.00 29.81 ? 374 VAL A CG2 1 
ATOM   388 N N   . LEU A 1 51  ? 0.433   -2.425  -1.336  1.00 24.55 ? 375 LEU A N   1 
ATOM   389 C CA  . LEU A 1 51  ? 0.152   -1.390  -0.343  1.00 22.85 ? 375 LEU A CA  1 
ATOM   390 C C   . LEU A 1 51  ? -0.592  -2.052  0.811   1.00 24.94 ? 375 LEU A C   1 
ATOM   391 O O   . LEU A 1 51  ? -1.728  -2.507  0.644   1.00 26.29 ? 375 LEU A O   1 
ATOM   392 C CB  . LEU A 1 51  ? -0.673  -0.257  -0.964  1.00 23.88 ? 375 LEU A CB  1 
ATOM   393 C CG  . LEU A 1 51  ? -1.182  0.832   0.002   1.00 23.04 ? 375 LEU A CG  1 
ATOM   394 C CD1 . LEU A 1 51  ? -0.073  1.792   0.405   1.00 22.48 ? 375 LEU A CD1 1 
ATOM   395 C CD2 . LEU A 1 51  ? -2.360  1.589   -0.605  1.00 29.86 ? 375 LEU A CD2 1 
ATOM   396 N N   . THR A 1 52  ? 0.058   -2.143  1.970   1.00 24.14 ? 376 THR A N   1 
ATOM   397 C CA  . THR A 1 52  ? -0.560  -2.742  3.149   1.00 21.86 ? 376 THR A CA  1 
ATOM   398 C C   . THR A 1 52  ? -0.962  -1.597  4.058   1.00 24.27 ? 376 THR A C   1 
ATOM   399 O O   . THR A 1 52  ? -0.150  -0.704  4.300   1.00 20.42 ? 376 THR A O   1 
ATOM   400 C CB  . THR A 1 52  ? 0.394   -3.699  3.873   1.00 26.13 ? 376 THR A CB  1 
ATOM   401 O OG1 . THR A 1 52  ? 0.652   -4.834  3.029   1.00 27.78 ? 376 THR A OG1 1 
ATOM   402 C CG2 . THR A 1 52  ? -0.242  -4.215  5.167   1.00 21.93 ? 376 THR A CG2 1 
ATOM   403 N N   . PHE A 1 53  ? -2.215  -1.590  4.514   1.00 24.57 ? 377 PHE A N   1 
ATOM   404 C CA  . PHE A 1 53  ? -2.675  -0.443  5.285   1.00 22.55 ? 377 PHE A CA  1 
ATOM   405 C C   . PHE A 1 53  ? -3.644  -0.902  6.362   1.00 25.18 ? 377 PHE A C   1 
ATOM   406 O O   . PHE A 1 53  ? -4.190  -2.007  6.311   1.00 25.33 ? 377 PHE A O   1 
ATOM   407 C CB  . PHE A 1 53  ? -3.293  0.642   4.369   1.00 22.43 ? 377 PHE A CB  1 
ATOM   408 C CG  . PHE A 1 53  ? -4.496  0.178   3.599   1.00 26.66 ? 377 PHE A CG  1 
ATOM   409 C CD1 . PHE A 1 53  ? -4.355  -0.493  2.389   1.00 26.28 ? 377 PHE A CD1 1 
ATOM   410 C CD2 . PHE A 1 53  ? -5.776  0.422   4.080   1.00 27.06 ? 377 PHE A CD2 1 
ATOM   411 C CE1 . PHE A 1 53  ? -5.464  -0.933  1.689   1.00 29.72 ? 377 PHE A CE1 1 
ATOM   412 C CE2 . PHE A 1 53  ? -6.887  -0.021  3.383   1.00 28.14 ? 377 PHE A CE2 1 
ATOM   413 C CZ  . PHE A 1 53  ? -6.733  -0.683  2.185   1.00 31.41 ? 377 PHE A CZ  1 
ATOM   414 N N   . ASN A 1 54  ? -3.820  -0.030  7.355   1.00 25.11 ? 378 ASN A N   1 
ATOM   415 C CA  . ASN A 1 54  ? -4.663  -0.273  8.518   1.00 23.32 ? 378 ASN A CA  1 
ATOM   416 C C   . ASN A 1 54  ? -6.034  0.350   8.235   1.00 27.45 ? 378 ASN A C   1 
ATOM   417 O O   . ASN A 1 54  ? -6.129  1.536   7.896   1.00 27.28 ? 378 ASN A O   1 
ATOM   418 C CB  . ASN A 1 54  ? -3.969  0.314   9.763   1.00 23.43 ? 378 ASN A CB  1 
ATOM   419 C CG  . ASN A 1 54  ? -4.823  0.274   11.040  1.00 30.73 ? 378 ASN A CG  1 
ATOM   420 O OD1 . ASN A 1 54  ? -6.027  0.454   10.996  1.00 28.45 ? 378 ASN A OD1 1 
ATOM   421 N ND2 . ASN A 1 54  ? -4.168  0.082   12.191  1.00 23.68 ? 378 ASN A ND2 1 
ATOM   422 N N   . LEU A 1 55  ? -7.082  -0.462  8.346   1.00 29.88 ? 379 LEU A N   1 
ATOM   423 C CA  . LEU A 1 55  ? -8.465  -0.020  8.209   1.00 30.98 ? 379 LEU A CA  1 
ATOM   424 C C   . LEU A 1 55  ? -9.144  -0.317  9.542   1.00 33.38 ? 379 LEU A C   1 
ATOM   425 O O   . LEU A 1 55  ? -9.571  -1.449  9.787   1.00 34.61 ? 379 LEU A O   1 
ATOM   426 C CB  . LEU A 1 55  ? -9.156  -0.726  7.048   1.00 34.09 ? 379 LEU A CB  1 
ATOM   427 C CG  . LEU A 1 55  ? -10.386 -0.011  6.470   1.00 42.08 ? 379 LEU A CG  1 
ATOM   428 C CD1 . LEU A 1 55  ? -10.800 -0.629  5.150   1.00 45.43 ? 379 LEU A CD1 1 
ATOM   429 C CD2 . LEU A 1 55  ? -11.559 -0.011  7.442   1.00 44.02 ? 379 LEU A CD2 1 
ATOM   430 N N   . GLN A 1 56  ? -9.224  0.695   10.399  1.00 33.26 ? 380 GLN A N   1 
ATOM   431 C CA  . GLN A 1 56  ? -9.840  0.562   11.723  1.00 36.34 ? 380 GLN A CA  1 
ATOM   432 C C   . GLN A 1 56  ? -9.282  -0.635  12.500  1.00 36.51 ? 380 GLN A C   1 
ATOM   433 O O   . GLN A 1 56  ? -10.026 -1.405  13.116  1.00 36.94 ? 380 GLN A O   1 
ATOM   434 C CB  . GLN A 1 56  ? -11.364 0.474   11.617  1.00 34.40 ? 380 GLN A CB  1 
ATOM   435 C CG  . GLN A 1 56  ? -12.050 1.733   11.076  1.00 35.56 ? 380 GLN A CG  1 
ATOM   436 C CD  . GLN A 1 56  ? -11.754 2.993   11.884  1.00 39.42 ? 380 GLN A CD  1 
ATOM   437 O OE1 . GLN A 1 56  ? -11.288 2.938   13.026  1.00 40.72 ? 380 GLN A OE1 1 
ATOM   438 N NE2 . GLN A 1 56  ? -12.018 4.150   11.279  1.00 42.23 ? 380 GLN A NE2 1 
ATOM   439 N N   . GLY A 1 57  ? -7.947  -0.788  12.488  1.00 32.78 ? 381 GLY A N   1 
ATOM   440 C CA  . GLY A 1 57  ? -7.277  -1.807  13.279  1.00 33.42 ? 381 GLY A CA  1 
ATOM   441 C C   . GLY A 1 57  ? -6.906  -3.071  12.527  1.00 33.05 ? 381 GLY A C   1 
ATOM   442 O O   . GLY A 1 57  ? -6.052  -3.827  13.006  1.00 31.45 ? 381 GLY A O   1 
ATOM   443 N N   . ARG A 1 58  ? -7.530  -3.336  11.386  1.00 29.55 ? 382 ARG A N   1 
ATOM   444 C CA  . ARG A 1 58  ? -7.255  -4.543  10.618  1.00 31.66 ? 382 ARG A CA  1 
ATOM   445 C C   . ARG A 1 58  ? -6.384  -4.202  9.416   1.00 32.23 ? 382 ARG A C   1 
ATOM   446 O O   . ARG A 1 58  ? -6.519  -3.129  8.828   1.00 35.14 ? 382 ARG A O   1 
ATOM   447 C CB  . ARG A 1 58  ? -8.552  -5.196  10.136  1.00 39.05 ? 382 ARG A CB  1 
ATOM   448 C CG  . ARG A 1 58  ? -8.368  -6.582  9.494   1.00 36.78 ? 382 ARG A CG  1 
ATOM   449 N N   . ALA A 1 59  ? -5.503  -5.125  9.042   1.00 29.63 ? 383 ALA A N   1 
ATOM   450 C CA  . ALA A 1 59  ? -4.644  -4.917  7.879   1.00 30.71 ? 383 ALA A CA  1 
ATOM   451 C C   . ALA A 1 59  ? -5.363  -5.324  6.597   1.00 29.58 ? 383 ALA A C   1 
ATOM   452 O O   . ALA A 1 59  ? -6.028  -6.362  6.553   1.00 29.60 ? 383 ALA A O   1 
ATOM   453 C CB  . ALA A 1 59  ? -3.352  -5.725  8.003   1.00 27.18 ? 383 ALA A CB  1 
ATOM   454 N N   . LYS A 1 60  ? -5.220  -4.500  5.562   1.00 27.62 ? 384 LYS A N   1 
ATOM   455 C CA  . LYS A 1 60  ? -5.680  -4.782  4.210   1.00 29.94 ? 384 LYS A CA  1 
ATOM   456 C C   . LYS A 1 60  ? -4.478  -4.719  3.286   1.00 30.91 ? 384 LYS A C   1 
ATOM   457 O O   . LYS A 1 60  ? -3.516  -4.002  3.571   1.00 28.62 ? 384 LYS A O   1 
ATOM   458 C CB  . LYS A 1 60  ? -6.724  -3.767  3.738   1.00 29.94 ? 384 LYS A CB  1 
ATOM   459 C CG  . LYS A 1 60  ? -7.932  -3.618  4.680   1.00 38.54 ? 384 LYS A CG  1 
ATOM   460 C CD  . LYS A 1 60  ? -8.630  -4.952  4.852   1.00 41.63 ? 384 LYS A CD  1 
ATOM   461 C CE  . LYS A 1 60  ? -10.142 -4.802  4.827   1.00 49.99 ? 384 LYS A CE  1 
ATOM   462 N NZ  . LYS A 1 60  ? -10.776 -6.136  4.641   1.00 54.80 ? 384 LYS A NZ  1 
ATOM   463 N N   . HIS A 1 61  ? -4.558  -5.439  2.160   1.00 28.39 ? 385 HIS A N   1 
ATOM   464 C CA  . HIS A 1 61  ? -3.456  -5.562  1.208   1.00 26.58 ? 385 HIS A CA  1 
ATOM   465 C C   . HIS A 1 61  ? -3.995  -5.321  -0.197  1.00 32.12 ? 385 HIS A C   1 
ATOM   466 O O   . HIS A 1 61  ? -4.962  -5.969  -0.617  1.00 33.99 ? 385 HIS A O   1 
ATOM   467 C CB  . HIS A 1 61  ? -2.805  -6.946  1.313   1.00 31.92 ? 385 HIS A CB  1 
ATOM   468 C CG  . HIS A 1 61  ? -2.387  -7.307  2.707   1.00 31.01 ? 385 HIS A CG  1 
ATOM   469 N ND1 . HIS A 1 61  ? -1.114  -7.078  3.183   1.00 27.29 ? 385 HIS A ND1 1 
ATOM   470 C CD2 . HIS A 1 61  ? -3.071  -7.888  3.722   1.00 27.77 ? 385 HIS A CD2 1 
ATOM   471 C CE1 . HIS A 1 61  ? -1.032  -7.501  4.434   1.00 29.51 ? 385 HIS A CE1 1 
ATOM   472 N NE2 . HIS A 1 61  ? -2.204  -8.000  4.784   1.00 29.16 ? 385 HIS A NE2 1 
ATOM   473 N N   . LEU A 1 62  ? -3.385  -4.378  -0.915  1.00 27.98 ? 386 LEU A N   1 
ATOM   474 C CA  . LEU A 1 62  ? -3.813  -4.006  -2.253  1.00 29.75 ? 386 LEU A CA  1 
ATOM   475 C C   . LEU A 1 62  ? -2.642  -4.157  -3.215  1.00 32.93 ? 386 LEU A C   1 
ATOM   476 O O   . LEU A 1 62  ? -1.562  -3.598  -2.981  1.00 29.11 ? 386 LEU A O   1 
ATOM   477 C CB  . LEU A 1 62  ? -4.341  -2.567  -2.234  1.00 33.07 ? 386 LEU A CB  1 
ATOM   478 C CG  . LEU A 1 62  ? -4.875  -1.909  -3.494  1.00 36.07 ? 386 LEU A CG  1 
ATOM   479 C CD1 . LEU A 1 62  ? -5.963  -2.774  -4.111  1.00 37.09 ? 386 LEU A CD1 1 
ATOM   480 C CD2 . LEU A 1 62  ? -5.404  -0.518  -3.100  1.00 36.24 ? 386 LEU A CD2 1 
ATOM   481 N N   . ARG A 1 63  ? -2.849  -4.907  -4.298  1.00 28.42 ? 387 ARG A N   1 
ATOM   482 C CA  . ARG A 1 63  ? -1.775  -5.121  -5.254  1.00 33.41 ? 387 ARG A CA  1 
ATOM   483 C C   . ARG A 1 63  ? -1.437  -3.825  -5.988  1.00 31.82 ? 387 ARG A C   1 
ATOM   484 O O   . ARG A 1 63  ? -2.312  -3.015  -6.291  1.00 34.16 ? 387 ARG A O   1 
ATOM   485 C CB  . ARG A 1 63  ? -2.162  -6.194  -6.274  1.00 35.08 ? 387 ARG A CB  1 
ATOM   486 C CG  . ARG A 1 63  ? -2.317  -7.614  -5.754  1.00 40.52 ? 387 ARG A CG  1 
ATOM   487 C CD  . ARG A 1 63  ? -2.586  -8.561  -6.931  1.00 49.81 ? 387 ARG A CD  1 
ATOM   488 N NE  . ARG A 1 63  ? -3.342  -7.908  -8.001  1.00 54.97 ? 387 ARG A NE  1 
ATOM   489 C CZ  . ARG A 1 63  ? -2.827  -7.497  -9.155  1.00 53.19 ? 387 ARG A CZ  1 
ATOM   490 N NH1 . ARG A 1 63  ? -1.553  -7.688  -9.450  1.00 52.38 ? 387 ARG A NH1 1 
ATOM   491 N NH2 . ARG A 1 63  ? -3.612  -6.878  -10.034 1.00 55.61 ? 387 ARG A NH2 1 
ATOM   492 N N   . LEU A 1 64  ? -0.154  -3.647  -6.274  1.00 28.71 ? 388 LEU A N   1 
ATOM   493 C CA  . LEU A 1 64  ? 0.356   -2.519  -7.029  1.00 35.33 ? 388 LEU A CA  1 
ATOM   494 C C   . LEU A 1 64  ? 1.241   -3.085  -8.121  1.00 35.59 ? 388 LEU A C   1 
ATOM   495 O O   . LEU A 1 64  ? 2.125   -3.903  -7.843  1.00 33.59 ? 388 LEU A O   1 
ATOM   496 C CB  . LEU A 1 64  ? 1.177   -1.568  -6.172  1.00 34.83 ? 388 LEU A CB  1 
ATOM   497 C CG  . LEU A 1 64  ? 0.615   -1.041  -4.865  1.00 36.16 ? 388 LEU A CG  1 
ATOM   498 C CD1 . LEU A 1 64  ? 1.725   -0.260  -4.185  1.00 31.67 ? 388 LEU A CD1 1 
ATOM   499 C CD2 . LEU A 1 64  ? -0.589  -0.147  -5.131  1.00 35.09 ? 388 LEU A CD2 1 
ATOM   500 N N   . VAL A 1 65  ? 1.000   -2.659  -9.352  1.00 40.27 ? 389 VAL A N   1 
ATOM   501 C CA  . VAL A 1 65  ? 1.807   -3.067  -10.496 1.00 44.13 ? 389 VAL A CA  1 
ATOM   502 C C   . VAL A 1 65  ? 2.529   -1.833  -11.013 1.00 44.66 ? 389 VAL A C   1 
ATOM   503 O O   . VAL A 1 65  ? 1.897   -0.815  -11.319 1.00 44.44 ? 389 VAL A O   1 
ATOM   504 C CB  . VAL A 1 65  ? 0.946   -3.708  -11.593 1.00 47.39 ? 389 VAL A CB  1 
ATOM   505 C CG1 . VAL A 1 65  ? 1.826   -4.181  -12.742 1.00 48.75 ? 389 VAL A CG1 1 
ATOM   506 C CG2 . VAL A 1 65  ? 0.127   -4.850  -11.009 1.00 49.53 ? 389 VAL A CG2 1 
ATOM   507 N N   . LEU A 1 66  ? 3.847   -1.901  -11.075 1.00 42.99 ? 390 LEU A N   1 
ATOM   508 C CA  . LEU A 1 66  ? 4.627   -0.810  -11.627 1.00 51.56 ? 390 LEU A CA  1 
ATOM   509 C C   . LEU A 1 66  ? 5.012   -1.137  -13.061 1.00 52.57 ? 390 LEU A C   1 
ATOM   510 O O   . LEU A 1 66  ? 5.483   -2.243  -13.345 1.00 51.55 ? 390 LEU A O   1 
ATOM   511 C CB  . LEU A 1 66  ? 5.865   -0.537  -10.780 1.00 50.86 ? 390 LEU A CB  1 
ATOM   512 C CG  . LEU A 1 66  ? 5.589   0.669   -9.895  1.00 51.41 ? 390 LEU A CG  1 
ATOM   513 C CD1 . LEU A 1 66  ? 4.877   0.236   -8.624  1.00 51.67 ? 390 LEU A CD1 1 
ATOM   514 C CD2 . LEU A 1 66  ? 6.872   1.414   -9.597  1.00 55.51 ? 390 LEU A CD2 1 
ATOM   515 N N   . THR A 1 67  ? 4.790   -0.180  -13.959 1.00 55.44 ? 391 THR A N   1 
ATOM   516 C CA  . THR A 1 67  ? 5.159   -0.327  -15.358 1.00 59.66 ? 391 THR A CA  1 
ATOM   517 C C   . THR A 1 67  ? 6.666   -0.126  -15.524 1.00 62.78 ? 391 THR A C   1 
ATOM   518 O O   . THR A 1 67  ? 7.409   0.066   -14.555 1.00 59.21 ? 391 THR A O   1 
ATOM   519 C CB  . THR A 1 67  ? 4.381   0.660   -16.231 1.00 56.04 ? 391 THR A CB  1 
ATOM   520 O OG1 . THR A 1 67  ? 5.035   1.932   -16.220 1.00 59.17 ? 391 THR A OG1 1 
ATOM   521 C CG2 . THR A 1 67  ? 2.964   0.841   -15.705 1.00 58.82 ? 391 THR A CG2 1 
ATOM   522 N N   . GLU A 1 68  ? 7.121   -0.174  -16.779 1.00 65.89 ? 392 GLU A N   1 
ATOM   523 C CA  . GLU A 1 68  ? 8.544   -0.011  -17.064 1.00 65.42 ? 392 GLU A CA  1 
ATOM   524 C C   . GLU A 1 68  ? 9.029   1.390   -16.693 1.00 65.39 ? 392 GLU A C   1 
ATOM   525 O O   . GLU A 1 68  ? 10.150  1.554   -16.195 1.00 61.53 ? 392 GLU A O   1 
ATOM   526 C CB  . GLU A 1 68  ? 8.815   -0.308  -18.542 1.00 59.82 ? 392 GLU A CB  1 
ATOM   527 N N   . ARG A 1 69  ? 8.200   2.408   -16.924 1.00 64.30 ? 393 ARG A N   1 
ATOM   528 C CA  . ARG A 1 69  ? 8.556   3.791   -16.637 1.00 63.24 ? 393 ARG A CA  1 
ATOM   529 C C   . ARG A 1 69  ? 8.207   4.210   -15.212 1.00 63.91 ? 393 ARG A C   1 
ATOM   530 O O   . ARG A 1 69  ? 8.296   5.397   -14.883 1.00 63.17 ? 393 ARG A O   1 
ATOM   531 C CB  . ARG A 1 69  ? 7.874   4.729   -17.637 1.00 59.91 ? 393 ARG A CB  1 
ATOM   532 N N   . GLY A 1 70  ? 7.809   3.274   -14.361 1.00 60.57 ? 394 GLY A N   1 
ATOM   533 C CA  . GLY A 1 70  ? 7.470   3.608   -12.999 1.00 57.61 ? 394 GLY A CA  1 
ATOM   534 C C   . GLY A 1 70  ? 6.052   4.085   -12.782 1.00 56.80 ? 394 GLY A C   1 
ATOM   535 O O   . GLY A 1 70  ? 5.715   4.458   -11.650 1.00 50.68 ? 394 GLY A O   1 
ATOM   536 N N   . GLN A 1 71  ? 5.217   4.112   -13.824 1.00 51.01 ? 395 GLN A N   1 
ATOM   537 C CA  . GLN A 1 71  ? 3.793   4.322   -13.609 1.00 48.51 ? 395 GLN A CA  1 
ATOM   538 C C   . GLN A 1 71  ? 3.250   3.212   -12.717 1.00 47.77 ? 395 GLN A C   1 
ATOM   539 O O   . GLN A 1 71  ? 3.763   2.093   -12.704 1.00 50.93 ? 395 GLN A O   1 
ATOM   540 C CB  . GLN A 1 71  ? 3.036   4.351   -14.940 1.00 50.35 ? 395 GLN A CB  1 
ATOM   541 N N   . CYS A 1 72  ? 2.207   3.531   -11.960 1.00 44.42 ? 396 CYS A N   1 
ATOM   542 C CA  . CYS A 1 72  ? 1.654   2.625   -10.963 1.00 43.55 ? 396 CYS A CA  1 
ATOM   543 C C   . CYS A 1 72  ? 0.223   2.292   -11.348 1.00 40.31 ? 396 CYS A C   1 
ATOM   544 O O   . CYS A 1 72  ? -0.595  3.195   -11.532 1.00 45.82 ? 396 CYS A O   1 
ATOM   545 C CB  . CYS A 1 72  ? 1.711   3.255   -9.557  1.00 39.65 ? 396 CYS A CB  1 
ATOM   546 S SG  . CYS A 1 72  ? 0.963   2.246   -8.219  1.00 43.08 ? 396 CYS A SG  1 
ATOM   547 N N   . ARG A 1 73  ? -0.078  1.006   -11.465 1.00 39.02 ? 397 ARG A N   1 
ATOM   548 C CA  . ARG A 1 73  ? -1.417  0.538   -11.801 1.00 44.44 ? 397 ARG A CA  1 
ATOM   549 C C   . ARG A 1 73  ? -2.037  -0.178  -10.604 1.00 43.23 ? 397 ARG A C   1 
ATOM   550 O O   . ARG A 1 73  ? -1.429  -1.090  -10.034 1.00 40.85 ? 397 ARG A O   1 
ATOM   551 C CB  . ARG A 1 73  ? -1.374  -0.398  -13.016 1.00 45.94 ? 397 ARG A CB  1 
ATOM   552 C CG  . ARG A 1 73  ? -2.741  -0.831  -13.523 1.00 46.19 ? 397 ARG A CG  1 
ATOM   553 N N   . VAL A 1 74  ? -3.240  0.236   -10.233 1.00 43.91 ? 398 VAL A N   1 
ATOM   554 C CA  . VAL A 1 74  ? -3.996  -0.375  -9.140  1.00 42.76 ? 398 VAL A CA  1 
ATOM   555 C C   . VAL A 1 74  ? -5.310  -0.836  -9.759  1.00 46.11 ? 398 VAL A C   1 
ATOM   556 O O   . VAL A 1 74  ? -6.307  -0.102  -9.769  1.00 46.44 ? 398 VAL A O   1 
ATOM   557 C CB  . VAL A 1 74  ? -4.230  0.590   -7.973  1.00 41.69 ? 398 VAL A CB  1 
ATOM   558 C CG1 . VAL A 1 74  ? -4.816  -0.161  -6.776  1.00 43.20 ? 398 VAL A CG1 1 
ATOM   559 C CG2 . VAL A 1 74  ? -2.932  1.297   -7.581  1.00 38.45 ? 398 VAL A CG2 1 
ATOM   560 N N   . GLN A 1 75  ? -5.309  -2.058  -10.295 1.00 50.36 ? 399 GLN A N   1 
ATOM   561 C CA  . GLN A 1 75  ? -6.428  -2.574  -11.074 1.00 49.97 ? 399 GLN A CA  1 
ATOM   562 C C   . GLN A 1 75  ? -6.793  -1.611  -12.193 1.00 50.52 ? 399 GLN A C   1 
ATOM   563 O O   . GLN A 1 75  ? -6.028  -1.446  -13.148 1.00 52.17 ? 399 GLN A O   1 
ATOM   564 C CB  . GLN A 1 75  ? -7.637  -2.834  -10.183 1.00 50.85 ? 399 GLN A CB  1 
ATOM   565 C CG  . GLN A 1 75  ? -7.517  -4.075  -9.350  1.00 50.71 ? 399 GLN A CG  1 
ATOM   566 C CD  . GLN A 1 75  ? -8.735  -4.283  -8.502  1.00 53.66 ? 399 GLN A CD  1 
ATOM   567 O OE1 . GLN A 1 75  ? -8.637  -4.616  -7.322  1.00 54.59 ? 399 GLN A OE1 1 
ATOM   568 N NE2 . GLN A 1 75  ? -9.904  -4.073  -9.095  1.00 54.70 ? 399 GLN A NE2 1 
ATOM   569 N N   . HIS A 1 76  ? -7.943  -0.943  -12.066 1.00 53.69 ? 400 HIS A N   1 
ATOM   570 C CA  . HIS A 1 76  ? -8.409  -0.057  -13.122 1.00 52.93 ? 400 HIS A CA  1 
ATOM   571 C C   . HIS A 1 76  ? -7.822  1.347   -13.024 1.00 54.32 ? 400 HIS A C   1 
ATOM   572 O O   . HIS A 1 76  ? -7.878  2.098   -14.007 1.00 53.67 ? 400 HIS A O   1 
ATOM   573 C CB  . HIS A 1 76  ? -9.940  0.012   -13.109 1.00 50.31 ? 400 HIS A CB  1 
ATOM   574 C CG  . HIS A 1 76  ? -10.513 0.650   -11.881 1.00 52.69 ? 400 HIS A CG  1 
ATOM   575 N ND1 . HIS A 1 76  ? -10.625 -0.013  -10.677 1.00 56.65 ? 400 HIS A ND1 1 
ATOM   576 C CD2 . HIS A 1 76  ? -11.023 1.886   -11.677 1.00 52.15 ? 400 HIS A CD2 1 
ATOM   577 C CE1 . HIS A 1 76  ? -11.169 0.792   -9.782  1.00 53.38 ? 400 HIS A CE1 1 
ATOM   578 N NE2 . HIS A 1 76  ? -11.416 1.952   -10.363 1.00 54.75 ? 400 HIS A NE2 1 
ATOM   579 N N   . LEU A 1 77  ? -7.255  1.718   -11.879 1.00 52.00 ? 401 LEU A N   1 
ATOM   580 C CA  . LEU A 1 77  ? -6.689  3.046   -11.712 1.00 47.83 ? 401 LEU A CA  1 
ATOM   581 C C   . LEU A 1 77  ? -5.239  3.063   -12.171 1.00 46.73 ? 401 LEU A C   1 
ATOM   582 O O   . LEU A 1 77  ? -4.532  2.052   -12.112 1.00 47.76 ? 401 LEU A O   1 
ATOM   583 C CB  . LEU A 1 77  ? -6.796  3.502   -10.254 1.00 46.36 ? 401 LEU A CB  1 
ATOM   584 C CG  . LEU A 1 77  ? -8.232  3.538   -9.718  1.00 48.89 ? 401 LEU A CG  1 
ATOM   585 C CD1 . LEU A 1 77  ? -8.291  3.927   -8.244  1.00 46.09 ? 401 LEU A CD1 1 
ATOM   586 C CD2 . LEU A 1 77  ? -9.101  4.469   -10.546 1.00 51.93 ? 401 LEU A CD2 1 
ATOM   587 N N   . HIS A 1 78  ? -4.805  4.231   -12.638 1.00 43.28 ? 402 HIS A N   1 
ATOM   588 C CA  . HIS A 1 78  ? -3.462  4.441   -13.157 1.00 45.02 ? 402 HIS A CA  1 
ATOM   589 C C   . HIS A 1 78  ? -2.930  5.754   -12.600 1.00 42.75 ? 402 HIS A C   1 
ATOM   590 O O   . HIS A 1 78  ? -3.665  6.743   -12.517 1.00 45.18 ? 402 HIS A O   1 
ATOM   591 C CB  . HIS A 1 78  ? -3.455  4.463   -14.705 1.00 47.76 ? 402 HIS A CB  1 
ATOM   592 N N   . PHE A 1 79  ? -1.663  5.755   -12.190 1.00 39.49 ? 403 PHE A N   1 
ATOM   593 C CA  . PHE A 1 79  ? -1.040  6.924   -11.595 1.00 43.43 ? 403 PHE A CA  1 
ATOM   594 C C   . PHE A 1 79  ? 0.356   7.072   -12.166 1.00 41.10 ? 403 PHE A C   1 
ATOM   595 O O   . PHE A 1 79  ? 1.016   6.068   -12.470 1.00 40.21 ? 403 PHE A O   1 
ATOM   596 C CB  . PHE A 1 79  ? -0.967  6.826   -10.057 1.00 40.37 ? 403 PHE A CB  1 
ATOM   597 C CG  . PHE A 1 79  ? -2.300  6.642   -9.406  1.00 37.92 ? 403 PHE A CG  1 
ATOM   598 C CD1 . PHE A 1 79  ? -3.131  7.728   -9.189  1.00 38.22 ? 403 PHE A CD1 1 
ATOM   599 C CD2 . PHE A 1 79  ? -2.738  5.384   -9.029  1.00 38.80 ? 403 PHE A CD2 1 
ATOM   600 C CE1 . PHE A 1 79  ? -4.360  7.560   -8.609  1.00 39.71 ? 403 PHE A CE1 1 
ATOM   601 C CE2 . PHE A 1 79  ? -3.977  5.218   -8.429  1.00 36.27 ? 403 PHE A CE2 1 
ATOM   602 C CZ  . PHE A 1 79  ? -4.784  6.303   -8.224  1.00 37.93 ? 403 PHE A CZ  1 
ATOM   603 N N   . PRO A 1 80  ? 0.826   8.312   -12.348 1.00 39.96 ? 404 PRO A N   1 
ATOM   604 C CA  . PRO A 1 80  ? 2.174   8.514   -12.900 1.00 42.84 ? 404 PRO A CA  1 
ATOM   605 C C   . PRO A 1 80  ? 3.277   7.888   -12.065 1.00 46.45 ? 404 PRO A C   1 
ATOM   606 O O   . PRO A 1 80  ? 4.294   7.468   -12.630 1.00 48.73 ? 404 PRO A O   1 
ATOM   607 C CB  . PRO A 1 80  ? 2.309   10.044  -12.965 1.00 42.44 ? 404 PRO A CB  1 
ATOM   608 C CG  . PRO A 1 80  ? 1.168   10.591  -12.154 1.00 46.67 ? 404 PRO A CG  1 
ATOM   609 C CD  . PRO A 1 80  ? 0.079   9.576   -12.231 1.00 44.76 ? 404 PRO A CD  1 
ATOM   610 N N   . SER A 1 81  ? 3.102   7.793   -10.744 1.00 41.85 ? 405 SER A N   1 
ATOM   611 C CA  . SER A 1 81  ? 4.119   7.249   -9.850  1.00 42.62 ? 405 SER A CA  1 
ATOM   612 C C   . SER A 1 81  ? 3.444   6.656   -8.619  1.00 35.88 ? 405 SER A C   1 
ATOM   613 O O   . SER A 1 81  ? 2.280   6.940   -8.328  1.00 34.39 ? 405 SER A O   1 
ATOM   614 C CB  . SER A 1 81  ? 5.112   8.322   -9.399  1.00 38.98 ? 405 SER A CB  1 
ATOM   615 O OG  . SER A 1 81  ? 4.461   9.240   -8.531  1.00 40.08 ? 405 SER A OG  1 
ATOM   616 N N   . VAL A 1 82  ? 4.206   5.840   -7.887  1.00 31.02 ? 406 VAL A N   1 
ATOM   617 C CA  . VAL A 1 82  ? 3.723   5.325   -6.609  1.00 33.86 ? 406 VAL A CA  1 
ATOM   618 C C   . VAL A 1 82  ? 3.386   6.472   -5.671  1.00 32.81 ? 406 VAL A C   1 
ATOM   619 O O   . VAL A 1 82  ? 2.389   6.424   -4.937  1.00 29.92 ? 406 VAL A O   1 
ATOM   620 C CB  . VAL A 1 82  ? 4.756   4.383   -5.969  1.00 36.16 ? 406 VAL A CB  1 
ATOM   621 C CG1 . VAL A 1 82  ? 4.163   3.754   -4.700  1.00 32.39 ? 406 VAL A CG1 1 
ATOM   622 C CG2 . VAL A 1 82  ? 5.164   3.320   -6.949  1.00 42.68 ? 406 VAL A CG2 1 
ATOM   623 N N   . VAL A 1 83  ? 4.214   7.519   -5.676  1.00 33.30 ? 407 VAL A N   1 
ATOM   624 C CA  . VAL A 1 83  ? 3.981   8.667   -4.791  1.00 35.09 ? 407 VAL A CA  1 
ATOM   625 C C   . VAL A 1 83  ? 2.664   9.350   -5.123  1.00 33.45 ? 407 VAL A C   1 
ATOM   626 O O   . VAL A 1 83  ? 1.910   9.758   -4.227  1.00 30.33 ? 407 VAL A O   1 
ATOM   627 C CB  . VAL A 1 83  ? 5.168   9.647   -4.876  1.00 35.98 ? 407 VAL A CB  1 
ATOM   628 C CG1 . VAL A 1 83  ? 4.795   11.020  -4.339  1.00 36.50 ? 407 VAL A CG1 1 
ATOM   629 C CG2 . VAL A 1 83  ? 6.333   9.075   -4.115  1.00 35.56 ? 407 VAL A CG2 1 
ATOM   630 N N   . ASP A 1 84  ? 2.375   9.523   -6.416  1.00 34.36 ? 408 ASP A N   1 
ATOM   631 C CA  . ASP A 1 84  ? 1.098   10.123  -6.791  1.00 37.88 ? 408 ASP A CA  1 
ATOM   632 C C   . ASP A 1 84  ? -0.059  9.260   -6.316  1.00 32.73 ? 408 ASP A C   1 
ATOM   633 O O   . ASP A 1 84  ? -1.066  9.785   -5.826  1.00 30.21 ? 408 ASP A O   1 
ATOM   634 C CB  . ASP A 1 84  ? 1.026   10.339  -8.306  1.00 36.26 ? 408 ASP A CB  1 
ATOM   635 C CG  . ASP A 1 84  ? 1.810   11.553  -8.756  1.00 46.21 ? 408 ASP A CG  1 
ATOM   636 O OD1 . ASP A 1 84  ? 1.371   12.695  -8.483  1.00 53.87 ? 408 ASP A OD1 1 
ATOM   637 O OD2 . ASP A 1 84  ? 2.881   11.373  -9.365  1.00 48.91 ? 408 ASP A OD2 1 
ATOM   638 N N   . MET A 1 85  ? 0.085   7.930   -6.417  1.00 30.41 ? 409 MET A N   1 
ATOM   639 C CA  . MET A 1 85  ? -0.951  7.019   -5.930  1.00 32.42 ? 409 MET A CA  1 
ATOM   640 C C   . MET A 1 85  ? -1.178  7.194   -4.429  1.00 32.27 ? 409 MET A C   1 
ATOM   641 O O   . MET A 1 85  ? -2.324  7.288   -3.974  1.00 31.64 ? 409 MET A O   1 
ATOM   642 C CB  . MET A 1 85  ? -0.578  5.567   -6.279  1.00 29.12 ? 409 MET A CB  1 
ATOM   643 C CG  . MET A 1 85  ? -1.584  4.488   -5.808  1.00 33.77 ? 409 MET A CG  1 
ATOM   644 S SD  . MET A 1 85  ? -1.368  3.983   -4.069  1.00 33.76 ? 409 MET A SD  1 
ATOM   645 C CE  . MET A 1 85  ? 0.340   3.413   -4.112  1.00 27.94 ? 409 MET A CE  1 
ATOM   646 N N   . LEU A 1 86  ? -0.095  7.288   -3.649  1.00 30.38 ? 410 LEU A N   1 
ATOM   647 C CA  . LEU A 1 86  ? -0.226  7.525   -2.208  1.00 28.61 ? 410 LEU A CA  1 
ATOM   648 C C   . LEU A 1 86  ? -0.890  8.869   -1.915  1.00 32.67 ? 410 LEU A C   1 
ATOM   649 O O   . LEU A 1 86  ? -1.764  8.966   -1.043  1.00 31.07 ? 410 LEU A O   1 
ATOM   650 C CB  . LEU A 1 86  ? 1.151   7.463   -1.544  1.00 28.16 ? 410 LEU A CB  1 
ATOM   651 C CG  . LEU A 1 86  ? 1.903   6.125   -1.606  1.00 28.94 ? 410 LEU A CG  1 
ATOM   652 C CD1 . LEU A 1 86  ? 3.271   6.218   -0.901  1.00 26.67 ? 410 LEU A CD1 1 
ATOM   653 C CD2 . LEU A 1 86  ? 1.078   5.000   -0.990  1.00 28.00 ? 410 LEU A CD2 1 
ATOM   654 N N   . ARG A 1 87  ? -0.447  9.935   -2.589  1.00 30.12 ? 411 ARG A N   1 
ATOM   655 C CA  . ARG A 1 87  ? -1.027  11.251  -2.328  1.00 34.00 ? 411 ARG A CA  1 
ATOM   656 C C   . ARG A 1 87  ? -2.505  11.277  -2.684  1.00 35.10 ? 411 ARG A C   1 
ATOM   657 O O   . ARG A 1 87  ? -3.314  11.892  -1.978  1.00 37.23 ? 411 ARG A O   1 
ATOM   658 C CB  . ARG A 1 87  ? -0.269  12.335  -3.096  1.00 36.06 ? 411 ARG A CB  1 
ATOM   659 C CG  . ARG A 1 87  ? 1.083   12.675  -2.510  1.00 36.13 ? 411 ARG A CG  1 
ATOM   660 N N   . HIS A 1 88  ? -2.879  10.599  -3.770  1.00 37.41 ? 412 HIS A N   1 
ATOM   661 C CA  . HIS A 1 88  ? -4.288  10.488  -4.136  1.00 36.90 ? 412 HIS A CA  1 
ATOM   662 C C   . HIS A 1 88  ? -5.104  9.868   -3.012  1.00 38.14 ? 412 HIS A C   1 
ATOM   663 O O   . HIS A 1 88  ? -6.135  10.413  -2.601  1.00 37.96 ? 412 HIS A O   1 
ATOM   664 C CB  . HIS A 1 88  ? -4.429  9.654   -5.407  1.00 34.07 ? 412 HIS A CB  1 
ATOM   665 C CG  . HIS A 1 88  ? -5.848  9.485   -5.844  1.00 40.03 ? 412 HIS A CG  1 
ATOM   666 N ND1 . HIS A 1 88  ? -6.446  8.251   -5.975  1.00 43.64 ? 412 HIS A ND1 1 
ATOM   667 C CD2 . HIS A 1 88  ? -6.799  10.397  -6.149  1.00 47.19 ? 412 HIS A CD2 1 
ATOM   668 C CE1 . HIS A 1 88  ? -7.699  8.409   -6.362  1.00 44.69 ? 412 HIS A CE1 1 
ATOM   669 N NE2 . HIS A 1 88  ? -7.938  9.702   -6.476  1.00 50.17 ? 412 HIS A NE2 1 
ATOM   670 N N   . PHE A 1 89  ? -4.669  8.709   -2.514  1.00 37.00 ? 413 PHE A N   1 
ATOM   671 C CA  . PHE A 1 89  ? -5.409  8.012   -1.471  1.00 32.60 ? 413 PHE A CA  1 
ATOM   672 C C   . PHE A 1 89  ? -5.275  8.666   -0.103  1.00 32.95 ? 413 PHE A C   1 
ATOM   673 O O   . PHE A 1 89  ? -5.985  8.259   0.826   1.00 32.03 ? 413 PHE A O   1 
ATOM   674 C CB  . PHE A 1 89  ? -4.958  6.555   -1.418  1.00 32.86 ? 413 PHE A CB  1 
ATOM   675 C CG  . PHE A 1 89  ? -5.452  5.728   -2.579  1.00 33.22 ? 413 PHE A CG  1 
ATOM   676 C CD1 . PHE A 1 89  ? -6.673  6.021   -3.185  1.00 40.14 ? 413 PHE A CD1 1 
ATOM   677 C CD2 . PHE A 1 89  ? -4.708  4.662   -3.067  1.00 38.85 ? 413 PHE A CD2 1 
ATOM   678 C CE1 . PHE A 1 89  ? -7.139  5.255   -4.259  1.00 35.75 ? 413 PHE A CE1 1 
ATOM   679 C CE2 . PHE A 1 89  ? -5.172  3.889   -4.141  1.00 41.30 ? 413 PHE A CE2 1 
ATOM   680 C CZ  . PHE A 1 89  ? -6.389  4.191   -4.732  1.00 40.29 ? 413 PHE A CZ  1 
ATOM   681 N N   . GLN A 1 90  ? -4.386  9.651   0.052   1.00 32.67 ? 414 GLN A N   1 
ATOM   682 C CA  . GLN A 1 90  ? -4.433  10.487  1.250   1.00 34.38 ? 414 GLN A CA  1 
ATOM   683 C C   . GLN A 1 90  ? -5.587  11.483  1.200   1.00 37.61 ? 414 GLN A C   1 
ATOM   684 O O   . GLN A 1 90  ? -6.088  11.899  2.253   1.00 38.28 ? 414 GLN A O   1 
ATOM   685 C CB  . GLN A 1 90  ? -3.109  11.233  1.445   1.00 36.01 ? 414 GLN A CB  1 
ATOM   686 C CG  . GLN A 1 90  ? -1.979  10.361  1.984   1.00 35.47 ? 414 GLN A CG  1 
ATOM   687 C CD  . GLN A 1 90  ? -0.750  11.166  2.351   1.00 40.07 ? 414 GLN A CD  1 
ATOM   688 O OE1 . GLN A 1 90  ? -0.388  12.120  1.658   1.00 40.86 ? 414 GLN A OE1 1 
ATOM   689 N NE2 . GLN A 1 90  ? -0.101  10.788  3.456   1.00 35.90 ? 414 GLN A NE2 1 
ATOM   690 N N   . ARG A 1 91  ? -6.039  11.874  0.008   1.00 37.99 ? 415 ARG A N   1 
ATOM   691 C CA  . ARG A 1 91  ? -7.097  12.876  -0.057  1.00 43.48 ? 415 ARG A CA  1 
ATOM   692 C C   . ARG A 1 91  ? -8.397  12.397  -0.681  1.00 42.74 ? 415 ARG A C   1 
ATOM   693 O O   . ARG A 1 91  ? -9.373  13.154  -0.672  1.00 51.72 ? 415 ARG A O   1 
ATOM   694 C CB  . ARG A 1 91  ? -6.615  14.134  -0.797  1.00 48.18 ? 415 ARG A CB  1 
ATOM   695 C CG  . ARG A 1 91  ? -6.159  13.952  -2.213  1.00 49.90 ? 415 ARG A CG  1 
ATOM   696 C CD  . ARG A 1 91  ? -5.129  15.034  -2.524  1.00 53.90 ? 415 ARG A CD  1 
ATOM   697 N NE  . ARG A 1 91  ? -3.951  14.856  -1.682  1.00 53.64 ? 415 ARG A NE  1 
ATOM   698 C CZ  . ARG A 1 91  ? -3.027  15.780  -1.455  1.00 59.73 ? 415 ARG A CZ  1 
ATOM   699 N NH1 . ARG A 1 91  ? -3.124  16.998  -1.964  1.00 55.69 ? 415 ARG A NH1 1 
ATOM   700 N NH2 . ARG A 1 91  ? -1.982  15.475  -0.685  1.00 59.74 ? 415 ARG A NH2 1 
ATOM   701 N N   . SER A 1 92  ? -8.454  11.186  -1.216  1.00 40.12 ? 416 SER A N   1 
ATOM   702 C CA  . SER A 1 92  ? -9.725  10.581  -1.570  1.00 39.06 ? 416 SER A CA  1 
ATOM   703 C C   . SER A 1 92  ? -9.725  9.132   -1.098  1.00 40.74 ? 416 SER A C   1 
ATOM   704 O O   . SER A 1 92  ? -8.671  8.485   -1.076  1.00 37.07 ? 416 SER A O   1 
ATOM   705 C CB  . SER A 1 92  ? -9.991  10.658  -3.079  1.00 44.76 ? 416 SER A CB  1 
ATOM   706 O OG  . SER A 1 92  ? -8.783  10.525  -3.796  1.00 53.41 ? 416 SER A OG  1 
ATOM   707 N N   . PRO A 1 93  ? -10.886 8.611   -0.697  1.00 42.85 ? 417 PRO A N   1 
ATOM   708 C CA  . PRO A 1 93  ? -10.929 7.255   -0.129  1.00 40.90 ? 417 PRO A CA  1 
ATOM   709 C C   . PRO A 1 93  ? -10.632 6.157   -1.141  1.00 44.58 ? 417 PRO A C   1 
ATOM   710 O O   . PRO A 1 93  ? -10.932 6.255   -2.335  1.00 41.07 ? 417 PRO A O   1 
ATOM   711 C CB  . PRO A 1 93  ? -12.365 7.135   0.403   1.00 45.04 ? 417 PRO A CB  1 
ATOM   712 C CG  . PRO A 1 93  ? -13.136 8.236   -0.285  1.00 48.17 ? 417 PRO A CG  1 
ATOM   713 C CD  . PRO A 1 93  ? -12.154 9.338   -0.498  1.00 43.20 ? 417 PRO A CD  1 
ATOM   714 N N   . ILE A 1 94  ? -10.032 5.093   -0.628  1.00 37.79 ? 418 ILE A N   1 
ATOM   715 C CA  . ILE A 1 94  ? -9.725  3.892   -1.392  1.00 40.95 ? 418 ILE A CA  1 
ATOM   716 C C   . ILE A 1 94  ? -11.036 3.184   -1.704  1.00 45.27 ? 418 ILE A C   1 
ATOM   717 O O   . ILE A 1 94  ? -11.724 2.745   -0.773  1.00 45.35 ? 418 ILE A O   1 
ATOM   718 C CB  . ILE A 1 94  ? -8.777  2.970   -0.607  1.00 36.00 ? 418 ILE A CB  1 
ATOM   719 C CG1 . ILE A 1 94  ? -7.512  3.731   -0.172  1.00 37.33 ? 418 ILE A CG1 1 
ATOM   720 C CG2 . ILE A 1 94  ? -8.441  1.751   -1.422  1.00 37.59 ? 418 ILE A CG2 1 
ATOM   721 C CD1 . ILE A 1 94  ? -6.489  2.863   0.572   1.00 32.20 ? 418 ILE A CD1 1 
ATOM   722 N N   . PRO A 1 95  ? -11.419 3.033   -2.988  1.00 46.54 ? 419 PRO A N   1 
ATOM   723 C CA  . PRO A 1 95  ? -12.723 2.424   -3.348  1.00 47.27 ? 419 PRO A CA  1 
ATOM   724 C C   . PRO A 1 95  ? -12.732 0.902   -3.225  1.00 44.15 ? 419 PRO A C   1 
ATOM   725 O O   . PRO A 1 95  ? -12.836 0.164   -4.205  1.00 49.92 ? 419 PRO A O   1 
ATOM   726 C CB  . PRO A 1 95  ? -12.909 2.896   -4.794  1.00 47.68 ? 419 PRO A CB  1 
ATOM   727 C CG  . PRO A 1 95  ? -11.516 2.938   -5.338  1.00 46.28 ? 419 PRO A CG  1 
ATOM   728 C CD  . PRO A 1 95  ? -10.654 3.437   -4.185  1.00 44.67 ? 419 PRO A CD  1 
ATOM   729 N N   . LEU A 1 96  ? -12.634 0.408   -1.990  1.00 49.83 ? 420 LEU A N   1 
ATOM   730 C CA  . LEU A 1 96  ? -12.572 -1.031  -1.743  1.00 49.27 ? 420 LEU A CA  1 
ATOM   731 C C   . LEU A 1 96  ? -13.919 -1.700  -2.002  1.00 56.43 ? 420 LEU A C   1 
ATOM   732 O O   . LEU A 1 96  ? -14.982 -1.084  -1.869  1.00 54.05 ? 420 LEU A O   1 
ATOM   733 C CB  . LEU A 1 96  ? -12.142 -1.308  -0.305  1.00 52.75 ? 420 LEU A CB  1 
ATOM   734 C CG  . LEU A 1 96  ? -10.788 -0.745  0.115   1.00 51.57 ? 420 LEU A CG  1 
ATOM   735 C CD1 . LEU A 1 96  ? -10.721 -0.623  1.633   1.00 51.95 ? 420 LEU A CD1 1 
ATOM   736 C CD2 . LEU A 1 96  ? -9.667  -1.635  -0.410  1.00 44.93 ? 420 LEU A CD2 1 
ATOM   737 N N   . GLU A 1 97  ? -13.871 -2.994  -2.347  1.00 57.88 ? 421 GLU A N   1 
ATOM   738 C CA  . GLU A 1 97  ? -15.103 -3.701  -2.686  1.00 57.49 ? 421 GLU A CA  1 
ATOM   739 C C   . GLU A 1 97  ? -16.064 -3.792  -1.510  1.00 58.33 ? 421 GLU A C   1 
ATOM   740 O O   . GLU A 1 97  ? -17.268 -3.960  -1.726  1.00 61.84 ? 421 GLU A O   1 
ATOM   741 C CB  . GLU A 1 97  ? -14.801 -5.104  -3.214  1.00 64.40 ? 421 GLU A CB  1 
ATOM   742 C CG  . GLU A 1 97  ? -15.815 -5.617  -4.243  1.00 58.20 ? 421 GLU A CG  1 
ATOM   743 C CD  . GLU A 1 97  ? -15.498 -7.025  -4.723  1.00 64.14 ? 421 GLU A CD  1 
ATOM   744 O OE1 . GLU A 1 97  ? -16.249 -7.553  -5.580  1.00 67.89 ? 421 GLU A OE1 1 
ATOM   745 O OE2 . GLU A 1 97  ? -14.501 -7.611  -4.239  1.00 64.36 ? 421 GLU A OE2 1 
ATOM   746 N N   . CYS A 1 98  ? -15.572 -3.666  -0.276  1.00 56.09 ? 422 CYS A N   1 
ATOM   747 C CA  . CYS A 1 98  ? -16.427 -3.702  0.902   1.00 59.43 ? 422 CYS A CA  1 
ATOM   748 C C   . CYS A 1 98  ? -16.960 -2.324  1.289   1.00 65.42 ? 422 CYS A C   1 
ATOM   749 O O   . CYS A 1 98  ? -17.331 -2.115  2.452   1.00 69.47 ? 422 CYS A O   1 
ATOM   750 C CB  . CYS A 1 98  ? -15.690 -4.355  2.076   1.00 63.03 ? 422 CYS A CB  1 
ATOM   751 S SG  . CYS A 1 98  ? -14.007 -3.781  2.434   1.00 71.35 ? 422 CYS A SG  1 
ATOM   752 N N   . GLY A 1 99  ? -16.980 -1.383  0.343   1.00 64.37 ? 423 GLY A N   1 
ATOM   753 C CA  . GLY A 1 99  ? -17.790 -0.175  0.374   1.00 66.30 ? 423 GLY A CA  1 
ATOM   754 C C   . GLY A 1 99  ? -17.976 0.612   1.659   1.00 73.00 ? 423 GLY A C   1 
ATOM   755 O O   . GLY A 1 99  ? -17.078 1.349   2.083   1.00 73.80 ? 423 GLY A O   1 
ATOM   756 N N   . ALA A 1 100 ? -19.161 0.476   2.268   1.00 73.75 ? 424 ALA A N   1 
ATOM   757 C CA  . ALA A 1 100 ? -19.644 1.370   3.318   1.00 71.21 ? 424 ALA A CA  1 
ATOM   758 C C   . ALA A 1 100 ? -18.778 1.345   4.569   1.00 73.80 ? 424 ALA A C   1 
ATOM   759 O O   . ALA A 1 100 ? -18.119 2.340   4.896   1.00 74.70 ? 424 ALA A O   1 
ATOM   760 C CB  . ALA A 1 100 ? -21.086 1.014   3.686   1.00 74.49 ? 424 ALA A CB  1 
ATOM   761 N N   . ALA A 1 101 ? -18.790 0.223   5.292   1.00 72.78 ? 425 ALA A N   1 
ATOM   762 C CA  . ALA A 1 101 ? -17.925 0.092   6.457   1.00 71.95 ? 425 ALA A CA  1 
ATOM   763 C C   . ALA A 1 101 ? -16.444 0.155   6.098   1.00 72.14 ? 425 ALA A C   1 
ATOM   764 O O   . ALA A 1 101 ? -15.609 0.261   7.003   1.00 71.09 ? 425 ALA A O   1 
ATOM   765 C CB  . ALA A 1 101 ? -18.237 -1.211  7.194   1.00 69.85 ? 425 ALA A CB  1 
ATOM   766 N N   . CYS A 1 102 ? -16.102 0.107   4.808   1.00 68.60 ? 426 CYS A N   1 
ATOM   767 C CA  . CYS A 1 102 ? -14.714 0.195   4.359   1.00 64.79 ? 426 CYS A CA  1 
ATOM   768 C C   . CYS A 1 102 ? -14.436 1.580   3.768   1.00 64.14 ? 426 CYS A C   1 
ATOM   769 O O   . CYS A 1 102 ? -14.208 1.750   2.568   1.00 66.75 ? 426 CYS A O   1 
ATOM   770 C CB  . CYS A 1 102 ? -14.420 -0.907  3.345   1.00 63.74 ? 426 CYS A CB  1 
ATOM   771 S SG  . CYS A 1 102 ? -14.244 -2.561  4.047   1.00 81.51 ? 426 CYS A SG  1 
ATOM   772 N N   . ASP A 1 103 ? -14.456 2.587   4.634   1.00 58.13 ? 427 ASP A N   1 
ATOM   773 C CA  . ASP A 1 103 ? -14.071 3.941   4.251   1.00 54.93 ? 427 ASP A CA  1 
ATOM   774 C C   . ASP A 1 103 ? -12.715 4.253   4.867   1.00 51.02 ? 427 ASP A C   1 
ATOM   775 O O   . ASP A 1 103 ? -12.554 4.174   6.090   1.00 49.29 ? 427 ASP A O   1 
ATOM   776 C CB  . ASP A 1 103 ? -15.111 4.968   4.696   1.00 56.54 ? 427 ASP A CB  1 
ATOM   777 C CG  . ASP A 1 103 ? -14.608 6.401   4.556   1.00 56.71 ? 427 ASP A CG  1 
ATOM   778 O OD1 . ASP A 1 103 ? -14.410 6.876   3.416   1.00 55.55 ? 427 ASP A OD1 1 
ATOM   779 O OD2 . ASP A 1 103 ? -14.403 7.055   5.595   1.00 62.16 ? 427 ASP A OD2 1 
ATOM   780 N N   . VAL A 1 104 ? -11.744 4.618   4.036   1.00 44.76 ? 428 VAL A N   1 
ATOM   781 C CA  . VAL A 1 104 ? -10.404 4.866   4.554   1.00 42.25 ? 428 VAL A CA  1 
ATOM   782 C C   . VAL A 1 104 ? -9.652  5.760   3.577   1.00 37.97 ? 428 VAL A C   1 
ATOM   783 O O   . VAL A 1 104 ? -9.703  5.557   2.363   1.00 35.37 ? 428 VAL A O   1 
ATOM   784 C CB  . VAL A 1 104 ? -9.668  3.527   4.819   1.00 39.33 ? 428 VAL A CB  1 
ATOM   785 C CG1 . VAL A 1 104 ? -9.574  2.688   3.540   1.00 40.03 ? 428 VAL A CG1 1 
ATOM   786 C CG2 . VAL A 1 104 ? -8.286  3.770   5.445   1.00 36.50 ? 428 VAL A CG2 1 
ATOM   787 N N   . ARG A 1 105 ? -8.974  6.770   4.125   1.00 35.37 ? 429 ARG A N   1 
ATOM   788 C CA  . ARG A 1 105 ? -7.928  7.527   3.445   1.00 35.00 ? 429 ARG A CA  1 
ATOM   789 C C   . ARG A 1 105 ? -6.584  7.221   4.099   1.00 30.93 ? 429 ARG A C   1 
ATOM   790 O O   . ARG A 1 105 ? -6.508  7.020   5.312   1.00 25.90 ? 429 ARG A O   1 
ATOM   791 C CB  . ARG A 1 105 ? -8.198  9.038   3.511   1.00 34.61 ? 429 ARG A CB  1 
ATOM   792 C CG  . ARG A 1 105 ? -9.353  9.519   2.620   1.00 36.23 ? 429 ARG A CG  1 
ATOM   793 C CD  . ARG A 1 105 ? -9.940  10.827  3.100   1.00 45.04 ? 429 ARG A CD  1 
ATOM   794 N NE  . ARG A 1 105 ? -8.944  11.887  3.223   1.00 47.50 ? 429 ARG A NE  1 
ATOM   795 N N   . LEU A 1 106 ? -5.516  7.197   3.298   1.00 29.48 ? 430 LEU A N   1 
ATOM   796 C CA  . LEU A 1 106 ? -4.186  6.967   3.853   1.00 30.34 ? 430 LEU A CA  1 
ATOM   797 C C   . LEU A 1 106 ? -3.789  8.124   4.757   1.00 31.64 ? 430 LEU A C   1 
ATOM   798 O O   . LEU A 1 106 ? -3.996  9.290   4.419   1.00 32.25 ? 430 LEU A O   1 
ATOM   799 C CB  . LEU A 1 106 ? -3.144  6.813   2.742   1.00 29.43 ? 430 LEU A CB  1 
ATOM   800 C CG  . LEU A 1 106 ? -3.318  5.579   1.859   1.00 25.88 ? 430 LEU A CG  1 
ATOM   801 C CD1 . LEU A 1 106 ? -2.130  5.452   0.879   1.00 26.85 ? 430 LEU A CD1 1 
ATOM   802 C CD2 . LEU A 1 106 ? -3.465  4.345   2.704   1.00 24.66 ? 430 LEU A CD2 1 
ATOM   803 N N   . SER A 1 107 ? -3.214  7.802   5.916   1.00 27.91 ? 431 SER A N   1 
ATOM   804 C CA  . SER A 1 107 ? -2.709  8.863   6.779   1.00 31.44 ? 431 SER A CA  1 
ATOM   805 C C   . SER A 1 107 ? -1.189  8.806   6.804   1.00 28.95 ? 431 SER A C   1 
ATOM   806 O O   . SER A 1 107 ? -0.540  9.144   5.810   1.00 38.91 ? 431 SER A O   1 
ATOM   807 C CB  . SER A 1 107 ? -3.303  8.763   8.192   1.00 35.12 ? 431 SER A CB  1 
ATOM   808 O OG  . SER A 1 107 ? -3.102  7.473   8.768   1.00 35.42 ? 431 SER A OG  1 
ATOM   809 N N   . GLY A 1 108 ? -0.612  8.333   7.902   1.00 34.68 ? 432 GLY A N   1 
ATOM   810 C CA  . GLY A 1 108 ? 0.822   8.225   8.033   1.00 29.31 ? 432 GLY A CA  1 
ATOM   811 C C   . GLY A 1 108 ? 1.325   6.902   7.497   1.00 25.78 ? 432 GLY A C   1 
ATOM   812 O O   . GLY A 1 108 ? 0.612   6.158   6.822   1.00 25.10 ? 432 GLY A O   1 
ATOM   813 N N   . TYR A 1 109 ? 2.588   6.617   7.806   1.00 23.17 ? 433 TYR A N   1 
ATOM   814 C CA  . TYR A 1 109 ? 3.196   5.380   7.342   1.00 21.85 ? 433 TYR A CA  1 
ATOM   815 C C   . TYR A 1 109 ? 4.149   4.826   8.392   1.00 22.86 ? 433 TYR A C   1 
ATOM   816 O O   . TYR A 1 109 ? 4.619   5.539   9.286   1.00 23.62 ? 433 TYR A O   1 
ATOM   817 C CB  . TYR A 1 109 ? 3.910   5.602   6.002   1.00 22.63 ? 433 TYR A CB  1 
ATOM   818 C CG  . TYR A 1 109 ? 4.836   6.778   5.981   1.00 24.12 ? 433 TYR A CG  1 
ATOM   819 C CD1 . TYR A 1 109 ? 6.133   6.678   6.475   1.00 26.65 ? 433 TYR A CD1 1 
ATOM   820 C CD2 . TYR A 1 109 ? 4.415   8.004   5.472   1.00 25.54 ? 433 TYR A CD2 1 
ATOM   821 C CE1 . TYR A 1 109 ? 6.984   7.769   6.450   1.00 26.97 ? 433 TYR A CE1 1 
ATOM   822 C CE2 . TYR A 1 109 ? 5.246   9.073   5.458   1.00 28.80 ? 433 TYR A CE2 1 
ATOM   823 C CZ  . TYR A 1 109 ? 6.525   8.949   5.954   1.00 30.05 ? 433 TYR A CZ  1 
ATOM   824 O OH  . TYR A 1 109 ? 7.368   10.034  5.914   1.00 39.02 ? 433 TYR A OH  1 
ATOM   825 N N   . VAL A 1 110 ? 4.442   3.531   8.259   1.00 21.36 ? 434 VAL A N   1 
ATOM   826 C CA  . VAL A 1 110 ? 5.400   2.850   9.119   1.00 24.56 ? 434 VAL A CA  1 
ATOM   827 C C   . VAL A 1 110 ? 6.780   3.061   8.514   1.00 26.99 ? 434 VAL A C   1 
ATOM   828 O O   . VAL A 1 110 ? 7.027   2.677   7.365   1.00 26.01 ? 434 VAL A O   1 
ATOM   829 C CB  . VAL A 1 110 ? 5.078   1.348   9.237   1.00 24.48 ? 434 VAL A CB  1 
ATOM   830 C CG1 . VAL A 1 110 ? 6.116   0.646   10.145  1.00 27.28 ? 434 VAL A CG1 1 
ATOM   831 C CG2 . VAL A 1 110 ? 3.636   1.117   9.766   1.00 25.35 ? 434 VAL A CG2 1 
ATOM   832 N N   . VAL A 1 111 ? 7.685   3.645   9.282   1.00 27.01 ? 435 VAL A N   1 
ATOM   833 C CA  . VAL A 1 111 ? 9.002   3.983   8.747   1.00 28.95 ? 435 VAL A CA  1 
ATOM   834 C C   . VAL A 1 111 ? 9.860   2.723   8.748   1.00 30.80 ? 435 VAL A C   1 
ATOM   835 O O   . VAL A 1 111 ? 9.886   1.980   9.736   1.00 30.89 ? 435 VAL A O   1 
ATOM   836 C CB  . VAL A 1 111 ? 9.658   5.107   9.571   1.00 33.18 ? 435 VAL A CB  1 
ATOM   837 C CG1 . VAL A 1 111 ? 11.086  5.321   9.137   1.00 39.16 ? 435 VAL A CG1 1 
ATOM   838 C CG2 . VAL A 1 111 ? 8.873   6.410   9.430   1.00 32.58 ? 435 VAL A CG2 1 
ATOM   839 N N   . VAL A 1 112 ? 10.551  2.469   7.637   1.00 28.72 ? 436 VAL A N   1 
ATOM   840 C CA  . VAL A 1 112 ? 11.438  1.312   7.566   1.00 32.47 ? 436 VAL A CA  1 
ATOM   841 C C   . VAL A 1 112 ? 12.675  1.562   8.430   1.00 36.85 ? 436 VAL A C   1 
ATOM   842 O O   . VAL A 1 112 ? 13.160  2.695   8.550   1.00 41.31 ? 436 VAL A O   1 
ATOM   843 C CB  . VAL A 1 112 ? 11.829  1.039   6.103   1.00 35.13 ? 436 VAL A CB  1 
ATOM   844 C CG1 . VAL A 1 112 ? 12.603  2.204   5.546   1.00 35.05 ? 436 VAL A CG1 1 
ATOM   845 C CG2 . VAL A 1 112 ? 12.634  -0.265  5.981   1.00 35.88 ? 436 VAL A CG2 1 
ATOM   846 N N   . LEU A 1 113 ? 13.204  0.499   9.026   1.00 42.78 ? 437 LEU A N   1 
ATOM   847 C CA  . LEU A 1 113 ? 14.400  0.626   9.868   1.00 48.71 ? 437 LEU A CA  1 
ATOM   848 C C   . LEU A 1 113 ? 15.644  1.004   9.059   1.00 46.39 ? 437 LEU A C   1 
ATOM   849 O O   . LEU A 1 113 ? 15.791  0.621   7.894   1.00 49.90 ? 437 LEU A O   1 
ATOM   850 C CB  . LEU A 1 113 ? 14.661  -0.674  10.634  1.00 47.54 ? 437 LEU A CB  1 
HETATM 851 N N   . PTR B 2 1   ? -6.099  -10.367 -1.200  1.00 52.92 ? 5   PTR B N   1 
HETATM 852 C CA  . PTR B 2 1   ? -5.746  -9.074  -1.838  1.00 45.81 ? 5   PTR B CA  1 
HETATM 853 C C   . PTR B 2 1   ? -7.028  -8.308  -2.122  1.00 48.44 ? 5   PTR B C   1 
HETATM 854 O O   . PTR B 2 1   ? -7.922  -8.868  -2.758  1.00 56.78 ? 5   PTR B O   1 
HETATM 855 C CB  . PTR B 2 1   ? -4.901  -9.270  -3.088  1.00 43.70 ? 5   PTR B CB  1 
HETATM 856 C CG  . PTR B 2 1   ? -3.435  -9.487  -2.835  1.00 43.90 ? 5   PTR B CG  1 
HETATM 857 C CD1 . PTR B 2 1   ? -2.768  -10.547 -3.426  1.00 49.78 ? 5   PTR B CD1 1 
HETATM 858 C CD2 . PTR B 2 1   ? -2.717  -8.622  -2.032  1.00 35.18 ? 5   PTR B CD2 1 
HETATM 859 C CE1 . PTR B 2 1   ? -1.420  -10.763 -3.207  1.00 48.18 ? 5   PTR B CE1 1 
HETATM 860 C CE2 . PTR B 2 1   ? -1.368  -8.807  -1.799  1.00 35.79 ? 5   PTR B CE2 1 
HETATM 861 C CZ  . PTR B 2 1   ? -0.734  -9.878  -2.400  1.00 44.03 ? 5   PTR B CZ  1 
HETATM 862 O OH  . PTR B 2 1   ? 0.617   -10.094 -2.160  1.00 43.15 ? 5   PTR B OH  1 
HETATM 863 P P   . PTR B 2 1   ? 1.138   -10.854 -0.887  1.00 40.99 ? 5   PTR B P   1 
HETATM 864 O O1P . PTR B 2 1   ? 0.937   -12.323 -1.031  1.00 42.32 ? 5   PTR B O1P 1 
HETATM 865 O O2P . PTR B 2 1   ? 0.376   -10.379 0.302   1.00 36.58 ? 5   PTR B O2P 1 
HETATM 866 O O3P . PTR B 2 1   ? 2.583   -10.551 -0.705  1.00 35.91 ? 5   PTR B O3P 1 
ATOM   867 N N   . GLU B 2 2   ? -7.093  -7.067  -1.677  1.00 47.82 ? 6   GLU B N   1 
ATOM   868 C CA  . GLU B 2 2   ? -8.331  -6.281  -1.795  1.00 45.84 ? 6   GLU B CA  1 
ATOM   869 C C   . GLU B 2 2   ? -8.670  -6.011  -3.256  1.00 47.63 ? 6   GLU B C   1 
ATOM   870 O O   . GLU B 2 2   ? -7.763  -5.863  -4.063  1.00 48.17 ? 6   GLU B O   1 
ATOM   871 C CB  . GLU B 2 2   ? -8.215  -5.006  -0.964  1.00 48.75 ? 6   GLU B CB  1 
ATOM   872 C CG  . GLU B 2 2   ? -8.149  -5.261  0.523   1.00 47.15 ? 6   GLU B CG  1 
ATOM   873 C CD  . GLU B 2 2   ? -9.408  -5.883  1.091   1.00 51.71 ? 6   GLU B CD  1 
ATOM   874 O OE1 . GLU B 2 2   ? -10.487 -5.289  0.915   1.00 57.65 ? 6   GLU B OE1 1 
ATOM   875 O OE2 . GLU B 2 2   ? -9.306  -6.961  1.696   1.00 52.50 ? 6   GLU B OE2 1 
ATOM   876 N N   . LEU B 2 3   ? -9.962  -5.994  -3.558  1.00 49.30 ? 7   LEU B N   1 
ATOM   877 C CA  . LEU B 2 3   ? -10.406 -5.654  -4.920  1.00 52.26 ? 7   LEU B CA  1 
ATOM   878 C C   . LEU B 2 3   ? -11.112 -4.309  -4.856  1.00 49.60 ? 7   LEU B C   1 
ATOM   879 O O   . LEU B 2 3   ? -11.875 -4.109  -3.916  1.00 49.57 ? 7   LEU B O   1 
ATOM   880 C CB  . LEU B 2 3   ? -11.346 -6.744  -5.429  1.00 54.99 ? 7   LEU B CB  1 
ATOM   881 C CG  . LEU B 2 3   ? -10.700 -8.096  -5.717  1.00 57.18 ? 7   LEU B CG  1 
ATOM   882 C CD1 . LEU B 2 3   ? -11.757 -9.150  -6.001  1.00 61.52 ? 7   LEU B CD1 1 
ATOM   883 C CD2 . LEU B 2 3   ? -9.724  -7.995  -6.877  1.00 58.08 ? 7   LEU B CD2 1 
ATOM   884 N N   . LEU B 2 4   ? -10.786 -3.403  -5.768  1.00 51.03 ? 8   LEU B N   1 
ATOM   885 C CA  . LEU B 2 4   ? -11.494 -2.139  -5.887  1.00 51.61 ? 8   LEU B CA  1 
ATOM   886 C C   . LEU B 2 4   ? -12.783 -2.324  -6.691  1.00 52.91 ? 8   LEU B C   1 
ATOM   887 O O   . LEU B 2 4   ? -12.917 -3.250  -7.494  1.00 56.78 ? 8   LEU B O   1 
ATOM   888 C CB  . LEU B 2 4   ? -10.601 -1.089  -6.556  1.00 48.95 ? 8   LEU B CB  1 
ATOM   889 C CG  . LEU B 2 4   ? -9.219  -0.891  -5.929  1.00 49.38 ? 8   LEU B CG  1 
ATOM   890 C CD1 . LEU B 2 4   ? -8.480  0.282   -6.580  1.00 44.72 ? 8   LEU B CD1 1 
ATOM   891 C CD2 . LEU B 2 4   ? -9.350  -0.685  -4.425  1.00 44.93 ? 8   LEU B CD2 1 
ATOM   892 N N   . THR B 2 5   ? -13.731 -1.420  -6.477  1.00 54.79 ? 9   THR B N   1 
ATOM   893 C CA  . THR B 2 5   ? -14.986 -1.459  -7.224  1.00 56.07 ? 9   THR B CA  1 
ATOM   894 C C   . THR B 2 5   ? -14.890 -0.671  -8.528  1.00 58.00 ? 9   THR B C   1 
ATOM   895 O O   . THR B 2 5   ? -13.918 0.049   -8.756  1.00 53.75 ? 9   THR B O   1 
ATOM   896 C CB  . THR B 2 5   ? -16.146 -0.913  -6.394  1.00 53.81 ? 9   THR B CB  1 
ATOM   897 O OG1 . THR B 2 5   ? -15.715 0.240   -5.661  1.00 49.97 ? 9   THR B OG1 1 
ATOM   898 C CG2 . THR B 2 5   ? -16.628 -1.962  -5.422  1.00 59.46 ? 9   THR B CG2 1 
HETATM 899 O O   . HOH C 3 .   ? 11.966  -1.635  9.420   1.00 46.76 ? 501 HOH A O   1 
HETATM 900 O O   . HOH C 3 .   ? -12.865 3.596   1.367   1.00 46.53 ? 502 HOH A O   1 
HETATM 901 O O   . HOH C 3 .   ? 5.562   -9.061  -11.860 1.00 44.21 ? 503 HOH A O   1 
HETATM 902 O O   . HOH C 3 .   ? -3.845  -12.664 5.215   1.00 52.28 ? 504 HOH A O   1 
HETATM 903 O O   . HOH C 3 .   ? -4.831  7.383   12.164  1.00 38.59 ? 505 HOH A O   1 
HETATM 904 O O   . HOH C 3 .   ? -9.830  4.998   14.179  1.00 38.82 ? 506 HOH A O   1 
HETATM 905 O O   . HOH C 3 .   ? 10.471  -3.491  7.781   1.00 35.01 ? 507 HOH A O   1 
HETATM 906 O O   . HOH C 3 .   ? -5.011  11.790  4.858   1.00 36.03 ? 508 HOH A O   1 
HETATM 907 O O   . HOH C 3 .   ? 13.086  2.369   2.015   1.00 39.38 ? 509 HOH A O   1 
HETATM 908 O O   . HOH C 3 .   ? -6.405  -7.494  2.186   1.00 36.31 ? 510 HOH A O   1 
HETATM 909 O O   . HOH C 3 .   ? 4.297   0.123   13.723  1.00 40.96 ? 511 HOH A O   1 
HETATM 910 O O   . HOH C 3 .   ? 0.230   0.772   13.719  1.00 27.35 ? 512 HOH A O   1 
HETATM 911 O O   . HOH C 3 .   ? 5.252   -4.357  -10.875 1.00 41.44 ? 513 HOH A O   1 
HETATM 912 O O   . HOH C 3 .   ? -3.308  -9.721  6.782   1.00 35.68 ? 514 HOH A O   1 
HETATM 913 O O   . HOH C 3 .   ? 9.223   -10.491 6.757   1.00 38.71 ? 515 HOH A O   1 
HETATM 914 O O   . HOH C 3 .   ? 5.373   -9.765  12.513  1.00 34.07 ? 516 HOH A O   1 
HETATM 915 O O   . HOH C 3 .   ? 3.139   -14.049 5.284   1.00 41.96 ? 517 HOH A O   1 
HETATM 916 O O   . HOH C 3 .   ? -1.525  -10.320 13.234  1.00 38.52 ? 518 HOH A O   1 
HETATM 917 O O   . HOH C 3 .   ? 4.526   -5.224  14.602  1.00 40.03 ? 519 HOH A O   1 
HETATM 918 O O   . HOH C 3 .   ? 6.986   5.157   -9.022  1.00 42.27 ? 520 HOH A O   1 
HETATM 919 O O   . HOH C 3 .   ? -11.685 -3.582  9.485   1.00 43.74 ? 521 HOH A O   1 
HETATM 920 O O   . HOH C 3 .   ? 6.973   4.257   12.187  1.00 33.86 ? 522 HOH A O   1 
HETATM 921 O O   . HOH C 3 .   ? 5.800   -7.094  12.474  1.00 38.73 ? 523 HOH A O   1 
HETATM 922 O O   . HOH C 3 .   ? 0.706   -15.026 5.010   1.00 46.74 ? 524 HOH A O   1 
HETATM 923 O O   . HOH D 3 .   ? -5.426  -6.029  -4.925  1.00 40.32 ? 101 HOH B O   1 
# 
